data_6ZBO
#
_entry.id   6ZBO
#
_cell.length_a   77.119
_cell.length_b   75.151
_cell.length_c   127.215
_cell.angle_alpha   90.000
_cell.angle_beta   95.310
_cell.angle_gamma   90.000
#
_symmetry.space_group_name_H-M   'P 1 21 1'
#
loop_
_entity.id
_entity.type
_entity.pdbx_description
1 polymer 'Egl nine homolog 1'
2 non-polymer 'MANGANESE (II) ION'
3 non-polymer 2-(6-morpholin-4-ylpyrimidin-4-yl)-4-(1,2,3-triazol-1-yl)pyrazol-3-ol
4 non-polymer 'CHLORIDE ION'
5 water water
#
_entity_poly.entity_id   1
_entity_poly.type   'polypeptide(L)'
_entity_poly.pdbx_seq_one_letter_code
;PNGQTKPLPALKLALEYIVPCMNKHGICVVDDFLGKETGQQIGDEVRALHDTGKFTDGQLVSQKSDSSKDIRGDKITWIE
GKEPGCETIGLLMSSMDDLIRHCNGKLGSYKINGRTKAMVACYPGNGTGYVRHVDNPNGDGRCVTCIYYLNKDWDAKVSG
GILRIFPEGKAQFADIEPKFDRLLFFWSDRRNPHEVQPAYATRYAITVWYFDADERARAKVKYLTGE
;
_entity_poly.pdbx_strand_id   A,B,C,D,E,F
#
loop_
_chem_comp.id
_chem_comp.type
_chem_comp.name
_chem_comp.formula
CL non-polymer 'CHLORIDE ION' 'Cl -1'
MN non-polymer 'MANGANESE (II) ION' 'Mn 2'
QEQ non-polymer 2-(6-morpholin-4-ylpyrimidin-4-yl)-4-(1,2,3-triazol-1-yl)pyrazol-3-ol 'C13 H14 N8 O2'
#
# COMPACT_ATOMS: atom_id res chain seq x y z
N LEU A 8 -38.75 17.02 -9.21
CA LEU A 8 -38.68 18.21 -8.36
C LEU A 8 -38.10 19.40 -9.14
N PRO A 9 -38.55 20.62 -8.82
CA PRO A 9 -37.85 21.80 -9.33
C PRO A 9 -36.47 21.91 -8.69
N ALA A 10 -35.61 22.72 -9.32
CA ALA A 10 -34.21 22.76 -8.91
C ALA A 10 -34.08 23.12 -7.44
N LEU A 11 -34.85 24.11 -6.97
CA LEU A 11 -34.78 24.49 -5.56
C LEU A 11 -35.10 23.32 -4.65
N LYS A 12 -36.23 22.64 -4.90
CA LYS A 12 -36.62 21.52 -4.04
C LYS A 12 -35.61 20.39 -4.12
N LEU A 13 -35.15 20.07 -5.33
CA LEU A 13 -34.19 18.97 -5.47
C LEU A 13 -32.90 19.26 -4.73
N ALA A 14 -32.37 20.48 -4.85
CA ALA A 14 -31.17 20.84 -4.11
C ALA A 14 -31.36 20.71 -2.60
N LEU A 15 -32.43 21.30 -2.07
CA LEU A 15 -32.54 21.39 -0.62
C LEU A 15 -33.04 20.11 0.01
N GLU A 16 -33.94 19.40 -0.67
CA GLU A 16 -34.51 18.19 -0.09
C GLU A 16 -33.71 16.94 -0.41
N TYR A 17 -32.93 16.92 -1.49
CA TYR A 17 -32.17 15.73 -1.85
C TYR A 17 -30.67 15.96 -1.93
N ILE A 18 -30.19 16.89 -2.76
CA ILE A 18 -28.75 16.96 -3.03
C ILE A 18 -27.98 17.34 -1.78
N VAL A 19 -28.43 18.37 -1.07
CA VAL A 19 -27.71 18.82 0.12
C VAL A 19 -27.64 17.72 1.18
N PRO A 20 -28.74 17.13 1.64
CA PRO A 20 -28.62 16.12 2.70
C PRO A 20 -27.92 14.87 2.22
N CYS A 21 -28.07 14.52 0.95
CA CYS A 21 -27.38 13.35 0.41
C CYS A 21 -25.87 13.55 0.41
N MET A 22 -25.42 14.71 -0.03
CA MET A 22 -23.98 15.00 -0.05
C MET A 22 -23.39 15.06 1.36
N ASN A 23 -24.10 15.70 2.29
CA ASN A 23 -23.55 15.83 3.64
C ASN A 23 -23.51 14.48 4.35
N LYS A 24 -24.43 13.57 4.03
CA LYS A 24 -24.45 12.27 4.68
C LYS A 24 -23.51 11.27 4.01
N HIS A 25 -23.45 11.27 2.68
CA HIS A 25 -22.74 10.24 1.95
C HIS A 25 -21.59 10.75 1.10
N GLY A 26 -21.56 12.03 0.74
CA GLY A 26 -20.53 12.51 -0.16
C GLY A 26 -20.72 12.11 -1.61
N ILE A 27 -21.85 11.48 -1.94
CA ILE A 27 -22.17 10.98 -3.26
C ILE A 27 -23.67 11.20 -3.47
N CYS A 28 -24.04 11.71 -4.63
CA CYS A 28 -25.46 11.96 -4.90
C CYS A 28 -25.73 11.71 -6.38
N VAL A 29 -26.71 10.84 -6.66
CA VAL A 29 -27.12 10.53 -8.02
C VAL A 29 -28.47 11.20 -8.28
N VAL A 30 -28.56 11.91 -9.40
CA VAL A 30 -29.82 12.45 -9.90
C VAL A 30 -30.09 11.84 -11.28
N ASP A 31 -31.18 11.13 -11.40
CA ASP A 31 -31.55 10.50 -12.66
C ASP A 31 -32.52 11.38 -13.46
N ASP A 32 -32.52 11.14 -14.77
CA ASP A 32 -33.41 11.85 -15.70
C ASP A 32 -33.24 13.37 -15.55
N PHE A 33 -31.98 13.81 -15.57
CA PHE A 33 -31.67 15.20 -15.22
C PHE A 33 -32.28 16.19 -16.22
N LEU A 34 -32.06 15.96 -17.52
CA LEU A 34 -32.49 16.90 -18.54
C LEU A 34 -33.60 16.39 -19.43
N GLY A 35 -33.90 15.10 -19.41
CA GLY A 35 -34.88 14.52 -20.28
C GLY A 35 -34.28 13.99 -21.58
N LYS A 36 -35.06 13.13 -22.25
CA LYS A 36 -34.51 12.37 -23.37
C LYS A 36 -34.12 13.29 -24.53
N GLU A 37 -34.98 14.25 -24.88
CA GLU A 37 -34.70 15.07 -26.05
C GLU A 37 -33.42 15.86 -25.87
N THR A 38 -33.29 16.55 -24.73
CA THR A 38 -32.08 17.35 -24.47
C THR A 38 -30.86 16.45 -24.36
N GLY A 39 -31.00 15.31 -23.69
CA GLY A 39 -29.86 14.39 -23.56
C GLY A 39 -29.35 13.93 -24.91
N GLN A 40 -30.26 13.61 -25.83
CA GLN A 40 -29.86 13.18 -27.16
C GLN A 40 -29.19 14.33 -27.91
N GLN A 41 -29.69 15.56 -27.74
CA GLN A 41 -29.07 16.69 -28.41
C GLN A 41 -27.64 16.89 -27.91
N ILE A 42 -27.42 16.73 -26.60
CA ILE A 42 -26.08 16.85 -26.06
C ILE A 42 -25.17 15.78 -26.66
N GLY A 43 -25.67 14.55 -26.76
CA GLY A 43 -24.91 13.50 -27.40
C GLY A 43 -24.54 13.83 -28.83
N ASP A 44 -25.46 14.43 -29.57
CA ASP A 44 -25.14 14.82 -30.95
C ASP A 44 -24.01 15.86 -30.96
N GLU A 45 -24.08 16.85 -30.05
CA GLU A 45 -23.05 17.87 -29.98
C GLU A 45 -21.71 17.29 -29.56
N VAL A 46 -21.72 16.37 -28.60
CA VAL A 46 -20.47 15.75 -28.13
C VAL A 46 -19.85 14.90 -29.24
N ARG A 47 -20.67 14.13 -29.94
CA ARG A 47 -20.14 13.31 -31.04
C ARG A 47 -19.59 14.19 -32.15
N ALA A 48 -20.24 15.33 -32.43
CA ALA A 48 -19.70 16.26 -33.41
C ALA A 48 -18.32 16.76 -33.01
N LEU A 49 -18.11 17.02 -31.72
CA LEU A 49 -16.81 17.49 -31.25
C LEU A 49 -15.73 16.43 -31.45
N HIS A 50 -16.05 15.17 -31.15
CA HIS A 50 -15.05 14.11 -31.11
C HIS A 50 -15.07 13.19 -32.33
N ASP A 51 -16.20 13.08 -33.03
CA ASP A 51 -16.36 12.09 -34.09
C ASP A 51 -16.00 12.64 -35.46
N THR A 52 -15.09 13.62 -35.52
CA THR A 52 -14.68 14.17 -36.78
C THR A 52 -13.98 13.11 -37.62
N GLY A 53 -14.00 13.32 -38.93
CA GLY A 53 -13.38 12.41 -39.88
C GLY A 53 -11.91 12.72 -40.08
N LYS A 54 -11.36 12.17 -41.16
CA LYS A 54 -9.98 12.41 -41.56
C LYS A 54 -9.95 12.81 -43.02
N PHE A 55 -8.98 13.63 -43.37
CA PHE A 55 -8.81 14.08 -44.74
C PHE A 55 -7.87 13.16 -45.51
N THR A 56 -8.14 13.04 -46.81
CA THR A 56 -7.31 12.28 -47.75
C THR A 56 -7.74 10.81 -47.80
N GLY A 73 -5.49 5.64 -24.87
CA GLY A 73 -5.87 6.78 -24.05
C GLY A 73 -7.33 7.15 -24.20
N ASP A 74 -7.60 8.44 -24.21
CA ASP A 74 -8.95 8.96 -24.39
C ASP A 74 -8.84 10.32 -25.06
N LYS A 75 -9.99 10.90 -25.39
CA LYS A 75 -10.05 12.20 -26.07
C LYS A 75 -10.78 13.18 -25.14
N ILE A 76 -10.15 14.32 -24.87
CA ILE A 76 -10.68 15.32 -23.94
C ILE A 76 -10.76 16.66 -24.66
N THR A 77 -11.89 17.36 -24.50
CA THR A 77 -12.01 18.74 -24.92
C THR A 77 -12.66 19.53 -23.78
N TRP A 78 -12.25 20.78 -23.62
CA TRP A 78 -12.75 21.63 -22.56
C TRP A 78 -13.64 22.70 -23.18
N ILE A 79 -14.90 22.76 -22.72
CA ILE A 79 -15.94 23.55 -23.37
C ILE A 79 -16.45 24.59 -22.38
N GLU A 80 -16.51 25.84 -22.83
CA GLU A 80 -17.02 26.93 -22.00
C GLU A 80 -18.55 27.03 -22.07
N GLY A 81 -19.15 26.59 -23.17
CA GLY A 81 -20.59 26.53 -23.30
C GLY A 81 -21.18 27.44 -24.36
N LYS A 82 -20.45 28.45 -24.81
CA LYS A 82 -20.92 29.36 -25.85
C LYS A 82 -20.25 29.13 -27.19
N GLU A 83 -19.47 28.06 -27.34
CA GLU A 83 -18.87 27.76 -28.63
C GLU A 83 -19.95 27.34 -29.62
N PRO A 84 -19.74 27.60 -30.91
CA PRO A 84 -20.71 27.13 -31.91
C PRO A 84 -20.88 25.62 -31.85
N GLY A 85 -22.14 25.19 -31.93
CA GLY A 85 -22.46 23.78 -31.87
C GLY A 85 -22.40 23.17 -30.49
N CYS A 86 -22.16 23.98 -29.46
CA CYS A 86 -22.06 23.51 -28.09
C CYS A 86 -23.15 24.11 -27.20
N GLU A 87 -24.19 24.67 -27.80
CA GLU A 87 -25.20 25.42 -27.03
C GLU A 87 -25.89 24.53 -25.99
N THR A 88 -26.19 23.28 -26.35
CA THR A 88 -26.89 22.43 -25.40
C THR A 88 -25.97 21.90 -24.31
N ILE A 89 -24.68 21.72 -24.61
CA ILE A 89 -23.71 21.51 -23.55
C ILE A 89 -23.72 22.70 -22.59
N GLY A 90 -23.81 23.91 -23.13
CA GLY A 90 -23.96 25.07 -22.26
C GLY A 90 -25.21 25.02 -21.42
N LEU A 91 -26.31 24.53 -21.98
CA LEU A 91 -27.54 24.40 -21.19
C LEU A 91 -27.34 23.42 -20.05
N LEU A 92 -26.64 22.32 -20.32
CA LEU A 92 -26.28 21.38 -19.27
C LEU A 92 -25.52 22.08 -18.16
N MET A 93 -24.51 22.86 -18.54
CA MET A 93 -23.69 23.55 -17.54
C MET A 93 -24.52 24.54 -16.74
N SER A 94 -25.42 25.27 -17.41
CA SER A 94 -26.31 26.20 -16.70
C SER A 94 -27.23 25.47 -15.73
N SER A 95 -27.69 24.27 -16.11
CA SER A 95 -28.55 23.47 -15.25
C SER A 95 -27.79 22.95 -14.03
N MET A 96 -26.55 22.50 -14.23
CA MET A 96 -25.67 22.16 -13.11
C MET A 96 -25.46 23.36 -12.20
N ASP A 97 -25.14 24.52 -12.79
CA ASP A 97 -24.94 25.75 -12.02
C ASP A 97 -26.20 26.10 -11.22
N ASP A 98 -27.38 25.91 -11.83
CA ASP A 98 -28.63 26.22 -11.14
C ASP A 98 -28.76 25.40 -9.86
N LEU A 99 -28.45 24.10 -9.93
CA LEU A 99 -28.54 23.24 -8.76
C LEU A 99 -27.54 23.66 -7.69
N ILE A 100 -26.31 23.93 -8.10
CA ILE A 100 -25.27 24.28 -7.13
C ILE A 100 -25.61 25.61 -6.46
N ARG A 101 -26.09 26.57 -7.22
CA ARG A 101 -26.49 27.86 -6.61
C ARG A 101 -27.55 27.64 -5.52
N HIS A 102 -28.57 26.84 -5.82
CA HIS A 102 -29.62 26.59 -4.84
C HIS A 102 -29.12 25.84 -3.60
N CYS A 103 -27.91 25.27 -3.65
CA CYS A 103 -27.25 24.69 -2.50
C CYS A 103 -26.45 25.71 -1.69
N ASN A 104 -26.82 26.99 -1.78
CA ASN A 104 -25.98 28.07 -1.28
C ASN A 104 -25.45 27.79 0.13
N GLY A 105 -24.14 27.57 0.22
CA GLY A 105 -23.50 27.44 1.53
C GLY A 105 -24.04 26.33 2.39
N LYS A 106 -24.66 25.32 1.79
CA LYS A 106 -25.17 24.16 2.52
C LYS A 106 -24.36 22.90 2.25
N LEU A 107 -23.42 22.95 1.31
CA LEU A 107 -22.56 21.80 0.99
C LEU A 107 -21.34 21.89 1.90
N GLY A 108 -21.38 21.18 3.02
CA GLY A 108 -20.31 21.29 3.99
C GLY A 108 -20.09 22.72 4.42
N SER A 109 -18.82 23.10 4.56
CA SER A 109 -18.43 24.47 4.85
C SER A 109 -17.96 25.21 3.60
N TYR A 110 -18.17 24.64 2.42
CA TYR A 110 -17.65 25.23 1.20
C TYR A 110 -18.44 26.48 0.79
N LYS A 111 -17.73 27.40 0.16
CA LYS A 111 -18.31 28.58 -0.48
C LYS A 111 -17.98 28.46 -1.95
N ILE A 112 -18.93 27.98 -2.76
CA ILE A 112 -18.63 27.66 -4.15
C ILE A 112 -18.79 28.92 -4.98
N ASN A 113 -17.68 29.42 -5.53
CA ASN A 113 -17.68 30.72 -6.20
C ASN A 113 -17.26 30.61 -7.66
N GLY A 114 -17.14 29.40 -8.18
CA GLY A 114 -16.78 29.23 -9.58
C GLY A 114 -16.63 27.75 -9.91
N ARG A 115 -16.26 27.50 -11.16
CA ARG A 115 -16.07 26.12 -11.62
C ARG A 115 -15.15 26.12 -12.83
N THR A 116 -14.74 24.91 -13.21
CA THR A 116 -13.99 24.69 -14.43
C THR A 116 -14.88 24.82 -15.66
N LYS A 117 -14.25 24.83 -16.83
CA LYS A 117 -14.93 24.46 -18.06
C LYS A 117 -15.47 23.03 -17.95
N ALA A 118 -16.33 22.66 -18.90
CA ALA A 118 -16.81 21.29 -18.99
C ALA A 118 -15.78 20.42 -19.69
N MET A 119 -15.38 19.33 -19.04
CA MET A 119 -14.51 18.31 -19.63
C MET A 119 -15.37 17.36 -20.44
N VAL A 120 -15.34 17.49 -21.77
CA VAL A 120 -16.16 16.68 -22.65
C VAL A 120 -15.25 15.53 -23.09
N ALA A 121 -15.51 14.35 -22.57
CA ALA A 121 -14.62 13.20 -22.71
C ALA A 121 -15.25 12.13 -23.59
N CYS A 122 -14.42 11.53 -24.44
CA CYS A 122 -14.74 10.32 -25.19
C CYS A 122 -13.82 9.20 -24.72
N TYR A 123 -14.42 8.13 -24.19
CA TYR A 123 -13.66 7.02 -23.65
C TYR A 123 -13.76 5.80 -24.56
N PRO A 124 -12.65 5.21 -24.98
CA PRO A 124 -12.72 4.08 -25.93
C PRO A 124 -13.26 2.81 -25.29
N GLY A 125 -13.99 2.03 -26.11
CA GLY A 125 -14.51 0.75 -25.69
C GLY A 125 -13.56 -0.40 -25.99
N ASN A 126 -12.33 -0.28 -25.50
CA ASN A 126 -11.28 -1.22 -25.88
C ASN A 126 -10.83 -2.08 -24.71
N GLY A 127 -11.67 -2.22 -23.68
CA GLY A 127 -11.31 -3.03 -22.54
C GLY A 127 -10.39 -2.34 -21.57
N THR A 128 -10.32 -1.00 -21.58
CA THR A 128 -9.45 -0.28 -20.69
C THR A 128 -10.29 0.37 -19.58
N GLY A 129 -9.81 0.24 -18.35
CA GLY A 129 -10.38 0.92 -17.21
C GLY A 129 -9.48 2.06 -16.76
N TYR A 130 -9.95 2.77 -15.72
CA TYR A 130 -9.23 3.90 -15.15
C TYR A 130 -8.80 3.57 -13.73
N VAL A 131 -7.50 3.67 -13.47
N VAL A 131 -7.49 3.68 -13.48
CA VAL A 131 -6.96 3.28 -12.17
CA VAL A 131 -6.92 3.35 -12.19
C VAL A 131 -7.52 4.18 -11.08
C VAL A 131 -7.54 4.19 -11.08
N ARG A 132 -7.60 3.62 -9.88
CA ARG A 132 -8.16 4.32 -8.73
C ARG A 132 -7.36 5.60 -8.46
N HIS A 133 -8.09 6.68 -8.26
CA HIS A 133 -7.47 7.98 -8.05
C HIS A 133 -8.44 8.89 -7.29
N VAL A 134 -7.88 9.97 -6.76
CA VAL A 134 -8.62 11.08 -6.14
C VAL A 134 -8.50 12.28 -7.07
N ASP A 135 -9.63 12.96 -7.34
CA ASP A 135 -9.60 14.08 -8.27
C ASP A 135 -8.73 15.21 -7.76
N ASN A 136 -8.93 15.60 -6.51
CA ASN A 136 -8.18 16.69 -5.86
C ASN A 136 -7.53 16.18 -4.59
N PRO A 137 -6.31 15.62 -4.69
CA PRO A 137 -5.67 15.03 -3.51
C PRO A 137 -4.83 16.00 -2.69
N ASN A 138 -4.61 17.22 -3.18
CA ASN A 138 -3.60 18.08 -2.58
C ASN A 138 -4.03 19.55 -2.53
N GLY A 139 -5.32 19.79 -2.37
CA GLY A 139 -5.84 21.13 -2.12
C GLY A 139 -5.83 22.06 -3.31
N ASP A 140 -6.20 21.56 -4.50
CA ASP A 140 -6.11 22.37 -5.70
C ASP A 140 -7.32 23.28 -5.90
N GLY A 141 -8.29 23.26 -4.99
CA GLY A 141 -9.42 24.17 -5.02
C GLY A 141 -10.75 23.52 -5.36
N ARG A 142 -10.72 22.30 -5.91
CA ARG A 142 -11.97 21.69 -6.38
C ARG A 142 -12.60 20.91 -5.24
N CYS A 143 -13.87 21.21 -4.96
CA CYS A 143 -14.56 20.54 -3.87
C CYS A 143 -15.67 19.61 -4.31
N VAL A 144 -16.31 19.82 -5.46
CA VAL A 144 -17.38 18.93 -5.93
C VAL A 144 -17.15 18.52 -7.38
N THR A 145 -17.23 17.20 -7.67
CA THR A 145 -17.14 16.70 -9.06
C THR A 145 -18.57 16.45 -9.55
N CYS A 146 -18.92 16.98 -10.71
N CYS A 146 -18.89 16.90 -10.77
CA CYS A 146 -20.20 16.70 -11.35
CA CYS A 146 -20.21 16.76 -11.34
C CYS A 146 -19.91 15.99 -12.65
C CYS A 146 -20.07 16.10 -12.71
N ILE A 147 -20.64 14.90 -12.87
CA ILE A 147 -20.49 14.09 -14.08
C ILE A 147 -21.87 13.84 -14.67
N TYR A 148 -22.03 14.10 -15.97
CA TYR A 148 -23.25 13.81 -16.71
C TYR A 148 -22.95 12.75 -17.78
N TYR A 149 -23.78 11.70 -17.80
CA TYR A 149 -23.63 10.60 -18.75
C TYR A 149 -24.68 10.71 -19.85
N LEU A 150 -24.23 10.56 -21.11
CA LEU A 150 -25.04 10.96 -22.26
C LEU A 150 -25.14 9.86 -23.31
N ASN A 151 -24.86 8.61 -22.95
CA ASN A 151 -24.84 7.50 -23.90
C ASN A 151 -26.21 6.82 -23.84
N LYS A 152 -27.01 7.02 -24.89
CA LYS A 152 -28.39 6.55 -24.87
C LYS A 152 -28.43 5.03 -24.79
N ASP A 153 -29.31 4.52 -23.93
CA ASP A 153 -29.57 3.09 -23.80
C ASP A 153 -28.32 2.31 -23.41
N TRP A 154 -27.40 2.96 -22.69
CA TRP A 154 -26.25 2.25 -22.18
C TRP A 154 -26.67 1.24 -21.13
N ASP A 155 -26.26 -0.01 -21.30
CA ASP A 155 -26.52 -1.08 -20.35
C ASP A 155 -25.17 -1.52 -19.79
N ALA A 156 -24.86 -1.04 -18.59
CA ALA A 156 -23.55 -1.30 -18.00
C ALA A 156 -23.35 -2.78 -17.71
N LYS A 157 -24.43 -3.53 -17.52
CA LYS A 157 -24.30 -4.97 -17.30
C LYS A 157 -23.68 -5.65 -18.52
N VAL A 158 -23.93 -5.11 -19.71
CA VAL A 158 -23.43 -5.67 -20.94
C VAL A 158 -22.16 -4.95 -21.41
N SER A 159 -22.13 -3.63 -21.31
CA SER A 159 -21.10 -2.82 -21.93
C SER A 159 -20.05 -2.28 -20.96
N GLY A 160 -20.25 -2.41 -19.65
CA GLY A 160 -19.23 -2.02 -18.69
C GLY A 160 -19.21 -0.54 -18.37
N GLY A 161 -18.02 -0.05 -18.01
CA GLY A 161 -17.86 1.36 -17.69
C GLY A 161 -18.34 1.82 -16.34
N ILE A 162 -18.59 0.90 -15.40
CA ILE A 162 -19.13 1.25 -14.10
C ILE A 162 -18.09 2.01 -13.29
N LEU A 163 -18.51 3.10 -12.64
CA LEU A 163 -17.69 3.85 -11.71
C LEU A 163 -17.80 3.24 -10.32
N ARG A 164 -16.65 2.99 -9.69
CA ARG A 164 -16.62 2.45 -8.33
C ARG A 164 -15.96 3.48 -7.41
N ILE A 165 -16.71 3.93 -6.42
CA ILE A 165 -16.26 4.95 -5.47
C ILE A 165 -16.13 4.31 -4.10
N PHE A 166 -15.05 4.66 -3.40
CA PHE A 166 -14.73 4.11 -2.10
C PHE A 166 -14.71 5.22 -1.05
N PRO A 167 -15.88 5.62 -0.54
CA PRO A 167 -15.89 6.75 0.41
C PRO A 167 -15.07 6.41 1.64
N GLU A 168 -14.19 7.34 2.01
CA GLU A 168 -13.15 7.07 3.01
C GLU A 168 -13.75 6.63 4.33
N GLY A 169 -13.21 5.56 4.90
CA GLY A 169 -13.58 5.10 6.22
C GLY A 169 -14.88 4.35 6.30
N LYS A 170 -15.66 4.26 5.22
CA LYS A 170 -16.94 3.58 5.26
C LYS A 170 -16.75 2.08 5.05
N ALA A 171 -17.69 1.30 5.56
CA ALA A 171 -17.62 -0.14 5.36
C ALA A 171 -18.05 -0.55 3.96
N GLN A 172 -18.77 0.33 3.24
CA GLN A 172 -19.27 0.03 1.92
C GLN A 172 -18.56 0.86 0.86
N PHE A 173 -18.60 0.37 -0.38
CA PHE A 173 -18.26 1.13 -1.57
C PHE A 173 -19.43 1.06 -2.53
N ALA A 174 -19.45 1.97 -3.49
CA ALA A 174 -20.60 2.14 -4.38
C ALA A 174 -20.21 1.96 -5.83
N ASP A 175 -20.96 1.15 -6.55
CA ASP A 175 -20.88 1.09 -8.00
C ASP A 175 -21.98 1.97 -8.59
N ILE A 176 -21.59 2.91 -9.45
CA ILE A 176 -22.51 3.83 -10.12
C ILE A 176 -22.49 3.56 -11.61
N GLU A 177 -23.62 3.11 -12.16
CA GLU A 177 -23.70 2.87 -13.60
C GLU A 177 -23.78 4.20 -14.36
N PRO A 178 -23.07 4.32 -15.50
CA PRO A 178 -23.12 5.56 -16.31
C PRO A 178 -24.38 5.64 -17.17
N LYS A 179 -25.53 5.69 -16.50
CA LYS A 179 -26.83 5.62 -17.16
C LYS A 179 -27.13 6.89 -17.92
N PHE A 180 -27.88 6.74 -19.02
CA PHE A 180 -28.25 7.88 -19.83
C PHE A 180 -28.97 8.93 -18.98
N ASP A 181 -28.58 10.20 -19.16
CA ASP A 181 -29.24 11.35 -18.53
C ASP A 181 -29.07 11.35 -17.02
N ARG A 182 -28.07 10.63 -16.51
CA ARG A 182 -27.75 10.62 -15.08
C ARG A 182 -26.73 11.68 -14.73
N LEU A 183 -26.97 12.37 -13.62
CA LEU A 183 -26.06 13.39 -13.08
C LEU A 183 -25.53 12.88 -11.76
N LEU A 184 -24.21 12.95 -11.58
CA LEU A 184 -23.55 12.45 -10.39
C LEU A 184 -22.75 13.58 -9.73
N PHE A 185 -22.95 13.75 -8.42
CA PHE A 185 -22.11 14.62 -7.59
C PHE A 185 -21.31 13.78 -6.62
N PHE A 186 -20.04 14.15 -6.39
CA PHE A 186 -19.33 13.61 -5.24
C PHE A 186 -18.21 14.57 -4.83
N TRP A 187 -17.84 14.51 -3.54
CA TRP A 187 -16.73 15.34 -3.08
C TRP A 187 -15.47 14.97 -3.86
N SER A 188 -14.75 15.98 -4.34
CA SER A 188 -13.57 15.77 -5.17
C SER A 188 -12.32 15.36 -4.39
N ASP A 189 -12.30 15.55 -3.07
CA ASP A 189 -11.07 15.40 -2.31
C ASP A 189 -10.87 13.92 -1.91
N ARG A 190 -9.95 13.69 -0.96
CA ARG A 190 -9.55 12.33 -0.63
C ARG A 190 -10.68 11.49 -0.06
N ARG A 191 -11.84 12.07 0.25
CA ARG A 191 -12.96 11.29 0.73
C ARG A 191 -13.43 10.28 -0.32
N ASN A 192 -13.21 10.54 -1.61
CA ASN A 192 -13.78 9.73 -2.68
C ASN A 192 -12.76 9.28 -3.71
N PRO A 193 -11.84 8.38 -3.32
CA PRO A 193 -11.08 7.66 -4.34
C PRO A 193 -12.06 6.90 -5.22
N HIS A 194 -11.75 6.78 -6.51
CA HIS A 194 -12.66 6.11 -7.42
C HIS A 194 -11.88 5.55 -8.59
N GLU A 195 -12.45 4.49 -9.20
CA GLU A 195 -11.87 3.81 -10.36
C GLU A 195 -13.00 3.54 -11.33
N VAL A 196 -12.67 3.27 -12.59
CA VAL A 196 -13.68 3.03 -13.62
C VAL A 196 -13.37 1.70 -14.30
N GLN A 197 -14.36 0.82 -14.34
N GLN A 197 -14.38 0.82 -14.33
CA GLN A 197 -14.14 -0.51 -14.92
CA GLN A 197 -14.24 -0.51 -14.93
C GLN A 197 -14.16 -0.41 -16.43
C GLN A 197 -14.15 -0.39 -16.45
N PRO A 198 -13.54 -1.38 -17.11
CA PRO A 198 -13.44 -1.31 -18.56
C PRO A 198 -14.79 -1.36 -19.25
N ALA A 199 -14.82 -0.88 -20.48
CA ALA A 199 -16.00 -0.85 -21.31
C ALA A 199 -15.69 -1.43 -22.67
N TYR A 200 -16.74 -1.83 -23.38
CA TYR A 200 -16.61 -2.51 -24.66
C TYR A 200 -17.35 -1.80 -25.78
N ALA A 201 -17.78 -0.56 -25.55
CA ALA A 201 -18.25 0.32 -26.60
C ALA A 201 -17.82 1.74 -26.23
N THR A 202 -17.72 2.60 -27.24
CA THR A 202 -17.37 3.99 -27.01
C THR A 202 -18.40 4.63 -26.10
N ARG A 203 -17.93 5.47 -25.18
CA ARG A 203 -18.87 6.22 -24.36
C ARG A 203 -18.33 7.61 -24.10
N TYR A 204 -19.24 8.50 -23.75
CA TYR A 204 -18.95 9.90 -23.51
C TYR A 204 -19.50 10.29 -22.15
N ALA A 205 -18.77 11.17 -21.47
CA ALA A 205 -19.25 11.80 -20.25
C ALA A 205 -18.71 13.21 -20.18
N ILE A 206 -19.45 14.07 -19.48
CA ILE A 206 -19.07 15.47 -19.30
C ILE A 206 -18.86 15.71 -17.82
N THR A 207 -17.69 16.21 -17.47
CA THR A 207 -17.34 16.44 -16.08
C THR A 207 -17.07 17.92 -15.85
N VAL A 208 -17.61 18.43 -14.74
CA VAL A 208 -17.37 19.79 -14.28
C VAL A 208 -16.96 19.72 -12.81
N TRP A 209 -15.97 20.53 -12.43
CA TRP A 209 -15.57 20.67 -11.05
C TRP A 209 -15.90 22.07 -10.51
N TYR A 210 -16.52 22.11 -9.34
CA TYR A 210 -16.82 23.37 -8.64
C TYR A 210 -15.72 23.66 -7.61
N PHE A 211 -15.35 24.92 -7.51
CA PHE A 211 -14.29 25.39 -6.62
C PHE A 211 -14.84 25.88 -5.28
N ASP A 212 -14.07 25.64 -4.22
CA ASP A 212 -14.25 26.33 -2.96
C ASP A 212 -13.42 27.61 -2.98
N ALA A 213 -14.05 28.74 -2.62
CA ALA A 213 -13.39 30.02 -2.78
C ALA A 213 -12.06 30.07 -2.04
N ASP A 214 -12.06 29.72 -0.75
CA ASP A 214 -10.87 29.90 0.07
C ASP A 214 -9.75 28.97 -0.40
N GLU A 215 -10.07 27.69 -0.63
CA GLU A 215 -9.03 26.75 -1.06
C GLU A 215 -8.46 27.13 -2.41
N ARG A 216 -9.32 27.52 -3.36
CA ARG A 216 -8.82 27.91 -4.67
C ARG A 216 -7.93 29.14 -4.58
N ALA A 217 -8.32 30.12 -3.75
CA ALA A 217 -7.48 31.30 -3.57
C ALA A 217 -6.11 30.92 -3.02
N ARG A 218 -6.08 30.01 -2.03
CA ARG A 218 -4.80 29.60 -1.47
CA ARG A 218 -4.79 29.61 -1.47
C ARG A 218 -3.94 28.90 -2.51
N ALA A 219 -4.56 28.03 -3.33
CA ALA A 219 -3.80 27.33 -4.36
C ALA A 219 -3.22 28.29 -5.40
N LYS A 220 -3.87 29.41 -5.65
CA LYS A 220 -3.42 30.35 -6.68
C LYS A 220 -2.31 31.28 -6.23
N VAL A 221 -2.03 31.37 -4.93
CA VAL A 221 -1.04 32.34 -4.49
C VAL A 221 0.35 32.00 -5.04
N LYS A 222 0.62 30.72 -5.33
CA LYS A 222 1.97 30.35 -5.73
C LYS A 222 2.34 30.85 -7.13
N TYR A 223 1.38 31.21 -7.97
CA TYR A 223 1.65 31.54 -9.36
C TYR A 223 1.96 33.03 -9.55
N LEU A 224 2.80 33.31 -10.54
CA LEU A 224 3.13 34.66 -10.97
C LEU A 224 2.09 35.13 -11.98
N THR A 225 0.97 35.63 -11.46
CA THR A 225 -0.05 36.22 -12.33
C THR A 225 -0.44 35.26 -13.45
N GLY A 226 -0.32 33.95 -13.19
CA GLY A 226 -0.51 32.94 -14.19
C GLY A 226 -1.56 31.93 -13.80
N GLU A 227 -2.67 32.41 -13.25
CA GLU A 227 -3.73 31.55 -12.71
C GLU A 227 -3.16 30.72 -11.55
N GLY B 3 -7.13 -14.17 -45.32
CA GLY B 3 -7.01 -15.60 -45.57
C GLY B 3 -5.59 -16.04 -45.81
N GLN B 4 -4.64 -15.26 -45.30
CA GLN B 4 -3.23 -15.58 -45.48
C GLN B 4 -2.83 -16.76 -44.59
N THR B 5 -1.79 -17.47 -45.01
CA THR B 5 -1.28 -18.58 -44.23
C THR B 5 -0.71 -18.08 -42.90
N LYS B 6 -1.03 -18.81 -41.83
CA LYS B 6 -0.50 -18.53 -40.49
C LYS B 6 0.55 -19.58 -40.13
N PRO B 7 1.60 -19.20 -39.38
CA PRO B 7 1.88 -17.83 -38.92
C PRO B 7 2.36 -16.91 -40.05
N LEU B 8 2.15 -15.61 -39.86
CA LEU B 8 2.50 -14.62 -40.87
C LEU B 8 4.03 -14.40 -40.91
N PRO B 9 4.52 -13.76 -41.99
CA PRO B 9 5.94 -13.38 -42.02
C PRO B 9 6.36 -12.60 -40.78
N ALA B 10 7.29 -13.17 -40.02
CA ALA B 10 7.57 -12.64 -38.68
C ALA B 10 8.27 -11.28 -38.74
N LEU B 11 9.25 -11.11 -39.63
CA LEU B 11 10.06 -9.90 -39.60
C LEU B 11 9.19 -8.67 -39.81
N LYS B 12 8.27 -8.71 -40.76
CA LYS B 12 7.38 -7.57 -40.98
C LYS B 12 6.52 -7.30 -39.75
N LEU B 13 5.96 -8.36 -39.16
CA LEU B 13 5.11 -8.17 -37.99
C LEU B 13 5.90 -7.58 -36.82
N ALA B 14 7.14 -8.04 -36.62
CA ALA B 14 7.96 -7.52 -35.53
C ALA B 14 8.30 -6.04 -35.72
N LEU B 15 8.68 -5.65 -36.93
CA LEU B 15 9.13 -4.28 -37.15
C LEU B 15 7.97 -3.30 -37.15
N GLU B 16 6.86 -3.67 -37.78
CA GLU B 16 5.75 -2.75 -37.94
C GLU B 16 4.87 -2.67 -36.70
N TYR B 17 4.72 -3.78 -35.96
CA TYR B 17 3.77 -3.82 -34.86
C TYR B 17 4.40 -4.14 -33.51
N ILE B 18 5.15 -5.23 -33.38
CA ILE B 18 5.53 -5.68 -32.04
C ILE B 18 6.51 -4.70 -31.39
N VAL B 19 7.55 -4.30 -32.13
CA VAL B 19 8.55 -3.39 -31.55
C VAL B 19 7.92 -2.04 -31.18
N PRO B 20 7.24 -1.34 -32.09
CA PRO B 20 6.65 -0.05 -31.71
C PRO B 20 5.64 -0.17 -30.59
N CYS B 21 4.81 -1.21 -30.64
CA CYS B 21 3.77 -1.40 -29.63
C CYS B 21 4.37 -1.66 -28.26
N MET B 22 5.39 -2.52 -28.18
CA MET B 22 6.05 -2.80 -26.91
C MET B 22 6.78 -1.56 -26.37
N ASN B 23 7.48 -0.83 -27.22
CA ASN B 23 8.23 0.32 -26.71
C ASN B 23 7.29 1.43 -26.25
N LYS B 24 6.09 1.51 -26.82
CA LYS B 24 5.14 2.57 -26.46
C LYS B 24 4.23 2.20 -25.31
N HIS B 25 3.75 0.96 -25.26
CA HIS B 25 2.78 0.54 -24.25
C HIS B 25 3.27 -0.54 -23.31
N GLY B 26 4.34 -1.27 -23.66
CA GLY B 26 4.77 -2.37 -22.83
C GLY B 26 3.89 -3.59 -22.86
N ILE B 27 2.91 -3.61 -23.76
CA ILE B 27 1.90 -4.66 -23.88
C ILE B 27 1.59 -4.79 -25.37
N CYS B 28 1.52 -6.02 -25.87
CA CYS B 28 1.23 -6.20 -27.29
C CYS B 28 0.41 -7.46 -27.54
N VAL B 29 -0.70 -7.31 -28.26
CA VAL B 29 -1.61 -8.41 -28.56
C VAL B 29 -1.54 -8.74 -30.04
N VAL B 30 -1.28 -10.01 -30.36
CA VAL B 30 -1.31 -10.52 -31.72
C VAL B 30 -2.41 -11.57 -31.79
N ASP B 31 -3.44 -11.30 -32.57
CA ASP B 31 -4.52 -12.27 -32.68
C ASP B 31 -4.31 -13.20 -33.88
N ASP B 32 -4.95 -14.37 -33.80
CA ASP B 32 -4.87 -15.36 -34.87
C ASP B 32 -3.40 -15.67 -35.20
N PHE B 33 -2.66 -16.04 -34.17
CA PHE B 33 -1.21 -16.18 -34.31
C PHE B 33 -0.86 -17.36 -35.22
N LEU B 34 -1.46 -18.53 -34.99
CA LEU B 34 -1.10 -19.74 -35.73
C LEU B 34 -2.21 -20.27 -36.63
N GLY B 35 -3.42 -19.75 -36.53
CA GLY B 35 -4.55 -20.29 -37.27
C GLY B 35 -5.32 -21.33 -36.47
N LYS B 36 -6.56 -21.56 -36.90
CA LYS B 36 -7.44 -22.47 -36.16
C LYS B 36 -6.86 -23.89 -36.12
N GLU B 37 -6.39 -24.39 -37.26
CA GLU B 37 -5.97 -25.79 -37.33
C GLU B 37 -4.84 -26.07 -36.36
N THR B 38 -3.78 -25.26 -36.42
CA THR B 38 -2.65 -25.42 -35.51
C THR B 38 -3.07 -25.16 -34.08
N GLY B 39 -3.87 -24.12 -33.85
CA GLY B 39 -4.33 -23.84 -32.49
C GLY B 39 -5.10 -25.00 -31.89
N GLN B 40 -5.96 -25.65 -32.68
CA GLN B 40 -6.69 -26.80 -32.18
C GLN B 40 -5.74 -27.95 -31.86
N GLN B 41 -4.72 -28.13 -32.70
CA GLN B 41 -3.77 -29.22 -32.47
C GLN B 41 -2.99 -28.99 -31.18
N ILE B 42 -2.58 -27.74 -30.91
CA ILE B 42 -1.93 -27.42 -29.64
C ILE B 42 -2.88 -27.70 -28.48
N GLY B 43 -4.16 -27.34 -28.65
CA GLY B 43 -5.14 -27.64 -27.61
C GLY B 43 -5.21 -29.13 -27.30
N ASP B 44 -5.21 -29.98 -28.34
CA ASP B 44 -5.23 -31.42 -28.12
C ASP B 44 -3.98 -31.89 -27.38
N GLU B 45 -2.81 -31.38 -27.78
CA GLU B 45 -1.58 -31.78 -27.10
C GLU B 45 -1.58 -31.34 -25.64
N VAL B 46 -2.03 -30.10 -25.36
CA VAL B 46 -2.03 -29.62 -23.99
C VAL B 46 -2.98 -30.43 -23.13
N ARG B 47 -4.17 -30.71 -23.64
N ARG B 47 -4.17 -30.72 -23.64
CA ARG B 47 -5.13 -31.50 -22.87
CA ARG B 47 -5.13 -31.50 -22.86
C ARG B 47 -4.57 -32.89 -22.58
C ARG B 47 -4.59 -32.90 -22.58
N ALA B 48 -3.92 -33.51 -23.57
CA ALA B 48 -3.32 -34.83 -23.35
C ALA B 48 -2.23 -34.75 -22.29
N LEU B 49 -1.48 -33.65 -22.24
CA LEU B 49 -0.48 -33.48 -21.20
C LEU B 49 -1.10 -33.46 -19.81
N HIS B 50 -2.28 -32.86 -19.67
CA HIS B 50 -2.89 -32.67 -18.35
C HIS B 50 -4.08 -33.59 -18.11
N ASP B 51 -4.44 -34.44 -19.05
CA ASP B 51 -5.59 -35.33 -18.84
C ASP B 51 -5.21 -36.42 -17.84
N THR B 52 -6.05 -36.60 -16.83
CA THR B 52 -5.77 -37.52 -15.74
C THR B 52 -6.51 -38.84 -15.90
N GLY B 73 -2.77 -24.49 -6.78
CA GLY B 73 -4.14 -24.75 -7.19
C GLY B 73 -4.31 -24.82 -8.71
N ASP B 74 -3.23 -25.19 -9.40
CA ASP B 74 -3.27 -25.39 -10.85
C ASP B 74 -2.29 -26.51 -11.19
N LYS B 75 -2.20 -26.82 -12.48
CA LYS B 75 -1.31 -27.87 -12.96
C LYS B 75 -0.37 -27.26 -13.99
N ILE B 76 0.93 -27.49 -13.78
CA ILE B 76 1.98 -26.89 -14.60
C ILE B 76 2.92 -27.98 -15.07
N THR B 77 3.22 -27.99 -16.36
CA THR B 77 4.26 -28.87 -16.91
C THR B 77 5.16 -28.03 -17.81
N TRP B 78 6.46 -28.16 -17.63
CA TRP B 78 7.44 -27.40 -18.41
C TRP B 78 7.88 -28.24 -19.59
N ILE B 79 7.76 -27.67 -20.78
CA ILE B 79 7.93 -28.41 -22.04
C ILE B 79 9.05 -27.78 -22.84
N GLU B 80 9.95 -28.63 -23.36
CA GLU B 80 11.04 -28.14 -24.20
C GLU B 80 10.62 -28.02 -25.65
N GLY B 81 9.63 -28.80 -26.07
CA GLY B 81 9.09 -28.75 -27.41
C GLY B 81 9.35 -29.98 -28.26
N LYS B 82 10.23 -30.89 -27.84
CA LYS B 82 10.56 -32.10 -28.59
C LYS B 82 10.00 -33.37 -27.95
N GLU B 83 9.32 -33.27 -26.81
CA GLU B 83 8.84 -34.45 -26.10
C GLU B 83 7.77 -35.18 -26.93
N PRO B 84 7.58 -36.48 -26.71
CA PRO B 84 6.54 -37.19 -27.45
C PRO B 84 5.18 -36.52 -27.29
N GLY B 85 4.49 -36.35 -28.41
CA GLY B 85 3.18 -35.74 -28.41
C GLY B 85 3.16 -34.25 -28.23
N CYS B 86 4.30 -33.58 -28.34
CA CYS B 86 4.38 -32.14 -28.11
C CYS B 86 4.96 -31.37 -29.30
N GLU B 87 4.88 -31.95 -30.49
CA GLU B 87 5.49 -31.34 -31.67
C GLU B 87 4.86 -29.99 -32.00
N THR B 88 3.53 -29.88 -31.86
CA THR B 88 2.87 -28.63 -32.21
C THR B 88 3.14 -27.56 -31.17
N ILE B 89 3.29 -27.93 -29.89
CA ILE B 89 3.76 -27.00 -28.90
C ILE B 89 5.15 -26.50 -29.27
N GLY B 90 6.01 -27.41 -29.74
CA GLY B 90 7.30 -26.98 -30.27
C GLY B 90 7.19 -26.00 -31.42
N LEU B 91 6.19 -26.19 -32.28
CA LEU B 91 5.95 -25.24 -33.38
C LEU B 91 5.57 -23.86 -32.84
N LEU B 92 4.70 -23.82 -31.83
CA LEU B 92 4.37 -22.56 -31.19
C LEU B 92 5.64 -21.90 -30.67
N MET B 93 6.48 -22.66 -29.98
CA MET B 93 7.69 -22.09 -29.40
C MET B 93 8.62 -21.56 -30.48
N SER B 94 8.79 -22.33 -31.57
CA SER B 94 9.63 -21.87 -32.67
C SER B 94 9.05 -20.61 -33.32
N SER B 95 7.72 -20.51 -33.38
CA SER B 95 7.10 -19.33 -33.96
C SER B 95 7.30 -18.11 -33.06
N MET B 96 7.16 -18.28 -31.75
CA MET B 96 7.45 -17.20 -30.81
C MET B 96 8.91 -16.77 -30.92
N ASP B 97 9.82 -17.75 -30.93
CA ASP B 97 11.24 -17.44 -31.07
C ASP B 97 11.50 -16.62 -32.32
N ASP B 98 10.82 -16.96 -33.42
CA ASP B 98 11.07 -16.27 -34.69
C ASP B 98 10.71 -14.79 -34.58
N LEU B 99 9.57 -14.49 -33.97
CA LEU B 99 9.16 -13.09 -33.80
C LEU B 99 10.17 -12.33 -32.95
N ILE B 100 10.59 -12.93 -31.83
CA ILE B 100 11.50 -12.24 -30.92
C ILE B 100 12.85 -12.01 -31.58
N ARG B 101 13.35 -13.00 -32.33
CA ARG B 101 14.63 -12.82 -33.01
C ARG B 101 14.57 -11.67 -34.01
N HIS B 102 13.44 -11.53 -34.69
CA HIS B 102 13.29 -10.47 -35.68
C HIS B 102 13.00 -9.11 -35.06
N CYS B 103 12.87 -9.03 -33.74
CA CYS B 103 12.87 -7.72 -33.09
C CYS B 103 14.28 -7.15 -33.00
N ASN B 104 15.32 -7.96 -33.23
CA ASN B 104 16.67 -7.48 -33.50
C ASN B 104 17.18 -6.55 -32.40
N GLY B 105 16.87 -6.89 -31.14
CA GLY B 105 17.37 -6.11 -30.03
C GLY B 105 16.83 -4.69 -29.94
N LYS B 106 15.72 -4.41 -30.60
CA LYS B 106 15.09 -3.09 -30.53
C LYS B 106 13.93 -3.03 -29.54
N LEU B 107 13.70 -4.11 -28.80
CA LEU B 107 12.77 -4.10 -27.67
C LEU B 107 13.50 -3.46 -26.50
N GLY B 108 13.19 -2.19 -26.24
CA GLY B 108 13.98 -1.44 -25.28
C GLY B 108 15.45 -1.46 -25.67
N SER B 109 16.30 -1.55 -24.66
CA SER B 109 17.73 -1.75 -24.86
C SER B 109 18.12 -3.21 -24.64
N TYR B 110 17.16 -4.11 -24.56
CA TYR B 110 17.45 -5.50 -24.22
C TYR B 110 18.19 -6.20 -25.35
N LYS B 111 19.04 -7.15 -24.97
CA LYS B 111 19.68 -8.08 -25.89
C LYS B 111 19.14 -9.46 -25.50
N ILE B 112 18.18 -9.97 -26.24
CA ILE B 112 17.50 -11.22 -25.88
C ILE B 112 18.28 -12.37 -26.47
N ASN B 113 18.79 -13.25 -25.61
CA ASN B 113 19.67 -14.34 -26.03
C ASN B 113 19.16 -15.72 -25.62
N GLY B 114 17.96 -15.81 -25.05
CA GLY B 114 17.45 -17.11 -24.65
C GLY B 114 16.08 -16.99 -24.02
N ARG B 115 15.54 -18.13 -23.63
CA ARG B 115 14.24 -18.16 -22.98
C ARG B 115 14.13 -19.40 -22.10
N THR B 116 13.07 -19.40 -21.29
CA THR B 116 12.67 -20.54 -20.50
C THR B 116 12.09 -21.64 -21.38
N LYS B 117 11.89 -22.81 -20.78
CA LYS B 117 10.94 -23.76 -21.33
C LYS B 117 9.55 -23.15 -21.40
N ALA B 118 8.65 -23.84 -22.10
CA ALA B 118 7.25 -23.42 -22.13
C ALA B 118 6.51 -23.91 -20.88
N MET B 119 5.81 -22.97 -20.23
CA MET B 119 4.99 -23.31 -19.06
C MET B 119 3.60 -23.66 -19.60
N VAL B 120 3.28 -24.95 -19.61
CA VAL B 120 2.00 -25.44 -20.13
C VAL B 120 1.09 -25.62 -18.93
N ALA B 121 0.13 -24.71 -18.79
CA ALA B 121 -0.65 -24.55 -17.57
C ALA B 121 -2.11 -24.92 -17.80
N CYS B 122 -2.68 -25.60 -16.81
CA CYS B 122 -4.09 -25.92 -16.74
C CYS B 122 -4.65 -25.22 -15.52
N TYR B 123 -5.57 -24.29 -15.74
CA TYR B 123 -6.16 -23.50 -14.67
C TYR B 123 -7.59 -23.95 -14.41
N PRO B 124 -7.95 -24.29 -13.18
CA PRO B 124 -9.30 -24.82 -12.93
C PRO B 124 -10.36 -23.74 -13.01
N GLY B 125 -11.55 -24.14 -13.43
CA GLY B 125 -12.68 -23.23 -13.52
C GLY B 125 -13.53 -23.25 -12.28
N ASN B 126 -12.90 -23.02 -11.12
CA ASN B 126 -13.54 -23.20 -9.83
C ASN B 126 -13.75 -21.87 -9.10
N GLY B 127 -13.81 -20.78 -9.85
CA GLY B 127 -14.02 -19.48 -9.24
C GLY B 127 -12.80 -18.92 -8.54
N THR B 128 -11.61 -19.35 -8.90
CA THR B 128 -10.37 -18.84 -8.32
C THR B 128 -9.67 -17.92 -9.31
N GLY B 129 -9.18 -16.79 -8.80
CA GLY B 129 -8.34 -15.89 -9.57
C GLY B 129 -6.91 -15.93 -9.07
N TYR B 130 -6.07 -15.11 -9.71
CA TYR B 130 -4.66 -15.05 -9.38
C TYR B 130 -4.31 -13.67 -8.84
N VAL B 131 -3.73 -13.63 -7.65
N VAL B 131 -3.71 -13.64 -7.65
CA VAL B 131 -3.46 -12.35 -7.01
CA VAL B 131 -3.40 -12.38 -6.99
C VAL B 131 -2.50 -11.54 -7.86
C VAL B 131 -2.47 -11.54 -7.87
N ARG B 132 -2.60 -10.22 -7.74
CA ARG B 132 -1.77 -9.32 -8.53
C ARG B 132 -0.31 -9.53 -8.19
N HIS B 133 0.52 -9.62 -9.22
CA HIS B 133 1.94 -9.87 -9.05
C HIS B 133 2.74 -9.30 -10.21
N VAL B 134 4.06 -9.22 -10.01
CA VAL B 134 5.02 -8.92 -11.05
C VAL B 134 5.83 -10.20 -11.31
N ASP B 135 6.01 -10.57 -12.58
CA ASP B 135 6.68 -11.84 -12.92
C ASP B 135 8.13 -11.81 -12.48
N ASN B 136 8.87 -10.77 -12.85
CA ASN B 136 10.28 -10.61 -12.51
C ASN B 136 10.41 -9.33 -11.69
N PRO B 137 10.22 -9.40 -10.37
CA PRO B 137 10.26 -8.18 -9.54
C PRO B 137 11.66 -7.79 -9.10
N ASN B 138 12.68 -8.65 -9.29
CA ASN B 138 13.96 -8.41 -8.65
C ASN B 138 15.14 -8.77 -9.57
N GLY B 139 14.99 -8.56 -10.88
CA GLY B 139 16.10 -8.71 -11.79
C GLY B 139 16.56 -10.14 -12.03
N ASP B 140 15.62 -11.05 -12.26
CA ASP B 140 15.97 -12.45 -12.43
C ASP B 140 16.40 -12.81 -13.85
N GLY B 141 16.41 -11.83 -14.77
CA GLY B 141 16.87 -12.01 -16.12
C GLY B 141 15.77 -11.97 -17.16
N ARG B 142 14.52 -12.16 -16.74
CA ARG B 142 13.41 -12.25 -17.67
C ARG B 142 12.86 -10.87 -17.98
N CYS B 143 12.83 -10.51 -19.26
CA CYS B 143 12.41 -9.17 -19.67
C CYS B 143 11.10 -9.16 -20.44
N VAL B 144 10.74 -10.24 -21.12
CA VAL B 144 9.51 -10.29 -21.90
C VAL B 144 8.73 -11.55 -21.55
N THR B 145 7.46 -11.36 -21.21
CA THR B 145 6.52 -12.45 -20.97
C THR B 145 5.69 -12.66 -22.23
N CYS B 146 5.56 -13.94 -22.64
CA CYS B 146 4.80 -14.32 -23.82
CA CYS B 146 4.81 -14.31 -23.82
C CYS B 146 3.79 -15.38 -23.42
N ILE B 147 2.50 -15.10 -23.67
CA ILE B 147 1.43 -16.03 -23.31
C ILE B 147 0.61 -16.33 -24.57
N TYR B 148 0.34 -17.62 -24.80
CA TYR B 148 -0.50 -18.10 -25.88
C TYR B 148 -1.73 -18.76 -25.29
N TYR B 149 -2.91 -18.34 -25.74
CA TYR B 149 -4.19 -18.86 -25.25
C TYR B 149 -4.79 -19.81 -26.28
N LEU B 150 -5.28 -20.95 -25.82
CA LEU B 150 -5.57 -22.06 -26.73
C LEU B 150 -6.92 -22.72 -26.48
N ASN B 151 -7.86 -22.03 -25.86
CA ASN B 151 -9.18 -22.60 -25.55
C ASN B 151 -10.17 -22.12 -26.60
N LYS B 152 -10.56 -23.02 -27.49
CA LYS B 152 -11.41 -22.66 -28.62
C LYS B 152 -12.75 -22.13 -28.13
N ASP B 153 -13.19 -21.02 -28.74
CA ASP B 153 -14.52 -20.45 -28.49
C ASP B 153 -14.68 -19.99 -27.05
N TRP B 154 -13.58 -19.66 -26.37
CA TRP B 154 -13.69 -19.10 -25.03
C TRP B 154 -14.41 -17.75 -25.09
N ASP B 155 -15.46 -17.60 -24.28
CA ASP B 155 -16.24 -16.37 -24.18
C ASP B 155 -16.02 -15.83 -22.77
N ALA B 156 -15.05 -14.92 -22.64
CA ALA B 156 -14.68 -14.42 -21.32
C ALA B 156 -15.84 -13.73 -20.62
N LYS B 157 -16.79 -13.19 -21.38
CA LYS B 157 -17.95 -12.57 -20.75
C LYS B 157 -18.73 -13.58 -19.92
N VAL B 158 -18.78 -14.83 -20.37
CA VAL B 158 -19.49 -15.89 -19.67
C VAL B 158 -18.56 -16.70 -18.76
N SER B 159 -17.35 -16.98 -19.22
CA SER B 159 -16.48 -17.94 -18.55
C SER B 159 -15.36 -17.30 -17.73
N GLY B 160 -15.15 -15.99 -17.84
CA GLY B 160 -14.17 -15.32 -17.00
C GLY B 160 -12.73 -15.49 -17.47
N GLY B 161 -11.81 -15.50 -16.51
CA GLY B 161 -10.40 -15.69 -16.78
C GLY B 161 -9.68 -14.51 -17.41
N ILE B 162 -10.22 -13.30 -17.33
CA ILE B 162 -9.61 -12.15 -17.97
C ILE B 162 -8.35 -11.73 -17.22
N LEU B 163 -7.29 -11.42 -17.97
CA LEU B 163 -6.05 -10.90 -17.42
C LEU B 163 -6.17 -9.37 -17.30
N ARG B 164 -5.85 -8.82 -16.14
CA ARG B 164 -5.86 -7.39 -15.93
C ARG B 164 -4.44 -6.90 -15.66
N ILE B 165 -3.95 -6.02 -16.51
CA ILE B 165 -2.58 -5.51 -16.42
C ILE B 165 -2.64 -4.04 -16.05
N PHE B 166 -1.73 -3.62 -15.17
CA PHE B 166 -1.72 -2.26 -14.63
C PHE B 166 -0.39 -1.60 -14.98
N PRO B 167 -0.22 -1.12 -16.21
CA PRO B 167 1.07 -0.53 -16.58
C PRO B 167 1.44 0.60 -15.66
N GLU B 168 2.67 0.57 -15.17
CA GLU B 168 3.08 1.43 -14.08
C GLU B 168 3.01 2.89 -14.50
N GLY B 169 2.41 3.71 -13.65
CA GLY B 169 2.38 5.14 -13.87
C GLY B 169 1.32 5.64 -14.83
N LYS B 170 0.53 4.75 -15.42
CA LYS B 170 -0.47 5.15 -16.40
C LYS B 170 -1.81 5.35 -15.71
N ALA B 171 -2.67 6.15 -16.34
CA ALA B 171 -3.99 6.41 -15.79
C ALA B 171 -4.97 5.29 -16.08
N GLN B 172 -4.64 4.40 -17.02
CA GLN B 172 -5.52 3.33 -17.43
C GLN B 172 -4.92 1.98 -17.08
N PHE B 173 -5.79 0.98 -16.95
CA PHE B 173 -5.38 -0.41 -16.90
C PHE B 173 -6.09 -1.14 -18.04
N ALA B 174 -5.57 -2.32 -18.39
CA ALA B 174 -6.02 -3.06 -19.57
C ALA B 174 -6.51 -4.46 -19.18
N ASP B 175 -7.72 -4.79 -19.61
CA ASP B 175 -8.25 -6.15 -19.51
C ASP B 175 -8.00 -6.87 -20.84
N ILE B 176 -7.30 -7.99 -20.75
CA ILE B 176 -6.95 -8.80 -21.92
C ILE B 176 -7.72 -10.11 -21.84
N GLU B 177 -8.62 -10.35 -22.77
CA GLU B 177 -9.34 -11.61 -22.77
C GLU B 177 -8.46 -12.74 -23.30
N PRO B 178 -8.52 -13.92 -22.68
CA PRO B 178 -7.72 -15.09 -23.11
C PRO B 178 -8.29 -15.77 -24.34
N LYS B 179 -8.31 -15.04 -25.45
CA LYS B 179 -8.99 -15.49 -26.65
C LYS B 179 -8.19 -16.58 -27.36
N PHE B 180 -8.92 -17.50 -27.99
CA PHE B 180 -8.29 -18.60 -28.70
C PHE B 180 -7.32 -18.10 -29.75
N ASP B 181 -6.10 -18.66 -29.75
CA ASP B 181 -5.07 -18.36 -30.74
C ASP B 181 -4.55 -16.92 -30.63
N ARG B 182 -4.66 -16.33 -29.45
CA ARG B 182 -4.10 -15.02 -29.16
C ARG B 182 -2.74 -15.15 -28.50
N LEU B 183 -1.79 -14.37 -28.98
CA LEU B 183 -0.45 -14.26 -28.41
C LEU B 183 -0.32 -12.90 -27.73
N LEU B 184 0.16 -12.89 -26.48
CA LEU B 184 0.32 -11.68 -25.71
C LEU B 184 1.78 -11.53 -25.29
N PHE B 185 2.35 -10.36 -25.54
CA PHE B 185 3.65 -9.93 -25.03
C PHE B 185 3.47 -8.86 -23.98
N PHE B 186 4.28 -8.89 -22.91
CA PHE B 186 4.37 -7.71 -22.06
C PHE B 186 5.67 -7.75 -21.27
N TRP B 187 6.16 -6.55 -20.88
CA TRP B 187 7.38 -6.46 -20.08
C TRP B 187 7.17 -7.21 -18.77
N SER B 188 8.13 -8.08 -18.43
CA SER B 188 8.03 -8.95 -17.26
C SER B 188 8.29 -8.24 -15.93
N ASP B 189 8.93 -7.07 -15.94
CA ASP B 189 9.38 -6.43 -14.72
C ASP B 189 8.24 -5.63 -14.09
N ARG B 190 8.59 -4.74 -13.14
CA ARG B 190 7.61 -3.99 -12.34
C ARG B 190 6.73 -3.06 -13.16
N ARG B 191 7.01 -2.88 -14.45
CA ARG B 191 6.13 -2.05 -15.27
C ARG B 191 4.74 -2.67 -15.44
N ASN B 192 4.61 -4.00 -15.32
CA ASN B 192 3.36 -4.70 -15.63
C ASN B 192 2.94 -5.64 -14.52
N PRO B 193 2.55 -5.11 -13.36
CA PRO B 193 1.79 -5.90 -12.39
C PRO B 193 0.51 -6.36 -13.04
N HIS B 194 0.08 -7.58 -12.72
CA HIS B 194 -1.12 -8.10 -13.34
C HIS B 194 -1.78 -9.13 -12.43
N GLU B 195 -3.09 -9.31 -12.62
CA GLU B 195 -3.90 -10.24 -11.86
C GLU B 195 -4.80 -10.96 -12.86
N VAL B 196 -5.36 -12.09 -12.45
CA VAL B 196 -6.25 -12.84 -13.33
C VAL B 196 -7.57 -13.05 -12.62
N GLN B 197 -8.65 -12.77 -13.31
CA GLN B 197 -9.98 -12.87 -12.73
C GLN B 197 -10.43 -14.33 -12.66
N PRO B 198 -11.34 -14.65 -11.75
CA PRO B 198 -11.82 -16.03 -11.63
C PRO B 198 -12.42 -16.55 -12.92
N ALA B 199 -12.35 -17.87 -13.09
CA ALA B 199 -12.91 -18.55 -14.24
C ALA B 199 -13.86 -19.64 -13.78
N TYR B 200 -14.79 -19.99 -14.67
CA TYR B 200 -15.83 -20.96 -14.35
C TYR B 200 -15.84 -22.13 -15.31
N ALA B 201 -14.79 -22.27 -16.11
CA ALA B 201 -14.52 -23.49 -16.86
C ALA B 201 -13.00 -23.67 -16.93
N THR B 202 -12.57 -24.91 -17.09
CA THR B 202 -11.15 -25.18 -17.22
C THR B 202 -10.59 -24.40 -18.39
N ARG B 203 -9.37 -23.88 -18.24
CA ARG B 203 -8.68 -23.29 -19.38
C ARG B 203 -7.19 -23.55 -19.32
N TYR B 204 -6.56 -23.42 -20.48
CA TYR B 204 -5.14 -23.64 -20.67
C TYR B 204 -4.49 -22.42 -21.29
N ALA B 205 -3.23 -22.20 -20.92
CA ALA B 205 -2.40 -21.20 -21.56
C ALA B 205 -0.96 -21.64 -21.47
N ILE B 206 -0.15 -21.17 -22.41
CA ILE B 206 1.27 -21.51 -22.49
C ILE B 206 2.07 -20.23 -22.37
N THR B 207 2.98 -20.17 -21.39
CA THR B 207 3.77 -18.98 -21.13
C THR B 207 5.25 -19.28 -21.35
N VAL B 208 5.93 -18.38 -22.06
CA VAL B 208 7.36 -18.42 -22.23
C VAL B 208 7.93 -17.07 -21.81
N TRP B 209 9.08 -17.09 -21.15
CA TRP B 209 9.78 -15.84 -20.77
C TRP B 209 11.12 -15.75 -21.51
N TYR B 210 11.37 -14.61 -22.12
CA TYR B 210 12.64 -14.35 -22.78
C TYR B 210 13.58 -13.55 -21.88
N PHE B 211 14.86 -13.91 -21.93
CA PHE B 211 15.88 -13.36 -21.07
C PHE B 211 16.60 -12.20 -21.75
N ASP B 212 16.95 -11.20 -20.96
CA ASP B 212 17.96 -10.23 -21.35
C ASP B 212 19.33 -10.77 -20.93
N ALA B 213 20.27 -10.76 -21.87
CA ALA B 213 21.55 -11.42 -21.66
C ALA B 213 22.30 -10.85 -20.47
N ASP B 214 22.39 -9.52 -20.39
CA ASP B 214 23.14 -8.91 -19.30
C ASP B 214 22.46 -9.16 -17.96
N GLU B 215 21.15 -8.92 -17.88
CA GLU B 215 20.47 -9.13 -16.59
C GLU B 215 20.56 -10.60 -16.18
N ARG B 216 20.35 -11.50 -17.14
CA ARG B 216 20.40 -12.94 -16.84
C ARG B 216 21.79 -13.35 -16.33
N ALA B 217 22.84 -12.84 -16.97
CA ALA B 217 24.20 -13.17 -16.53
C ALA B 217 24.47 -12.65 -15.12
N ARG B 218 24.02 -11.43 -14.82
CA ARG B 218 24.19 -10.90 -13.47
C ARG B 218 23.43 -11.73 -12.44
N ALA B 219 22.23 -12.20 -12.80
CA ALA B 219 21.48 -13.05 -11.90
C ALA B 219 22.19 -14.38 -11.64
N LYS B 220 22.84 -14.93 -12.67
CA LYS B 220 23.39 -16.27 -12.58
C LYS B 220 24.69 -16.34 -11.78
N VAL B 221 25.40 -15.22 -11.63
CA VAL B 221 26.74 -15.26 -11.06
C VAL B 221 26.73 -15.76 -9.62
N LYS B 222 25.62 -15.58 -8.91
CA LYS B 222 25.60 -15.96 -7.49
C LYS B 222 25.64 -17.47 -7.28
N TYR B 223 25.35 -18.26 -8.30
CA TYR B 223 25.26 -19.71 -8.16
C TYR B 223 26.57 -20.37 -8.55
N LEU B 224 26.96 -21.37 -7.78
CA LEU B 224 27.98 -22.29 -8.27
C LEU B 224 27.45 -22.94 -9.55
N THR B 225 28.37 -23.39 -10.39
CA THR B 225 28.01 -23.75 -11.76
C THR B 225 26.84 -24.74 -11.81
N GLY B 226 25.72 -24.29 -12.36
CA GLY B 226 24.63 -25.19 -12.71
C GLY B 226 23.70 -25.61 -11.59
N GLU B 227 23.61 -24.83 -10.51
CA GLU B 227 22.69 -25.19 -9.42
C GLU B 227 21.84 -24.01 -8.98
N PRO C 9 31.39 -24.66 21.04
CA PRO C 9 31.20 -25.71 20.05
C PRO C 9 30.01 -25.45 19.13
N ALA C 10 30.24 -25.60 17.83
CA ALA C 10 29.19 -25.31 16.85
C ALA C 10 27.99 -26.23 17.03
N LEU C 11 28.21 -27.49 17.42
CA LEU C 11 27.08 -28.41 17.56
C LEU C 11 26.09 -27.87 18.61
N LYS C 12 26.59 -27.52 19.79
CA LYS C 12 25.72 -27.02 20.84
C LYS C 12 25.12 -25.67 20.46
N LEU C 13 25.89 -24.81 19.80
CA LEU C 13 25.35 -23.52 19.38
C LEU C 13 24.18 -23.71 18.41
N ALA C 14 24.33 -24.59 17.43
CA ALA C 14 23.26 -24.81 16.46
C ALA C 14 22.03 -25.44 17.11
N LEU C 15 22.22 -26.53 17.85
CA LEU C 15 21.07 -27.29 18.33
C LEU C 15 20.38 -26.60 19.50
N GLU C 16 21.14 -25.95 20.38
CA GLU C 16 20.58 -25.34 21.57
C GLU C 16 20.14 -23.89 21.37
N TYR C 17 20.69 -23.19 20.38
CA TYR C 17 20.34 -21.80 20.15
C TYR C 17 19.76 -21.55 18.75
N ILE C 18 20.50 -21.87 17.69
CA ILE C 18 20.11 -21.39 16.36
C ILE C 18 18.80 -22.02 15.93
N VAL C 19 18.64 -23.32 16.13
CA VAL C 19 17.45 -24.04 15.69
C VAL C 19 16.23 -23.50 16.43
N PRO C 20 16.19 -23.53 17.77
CA PRO C 20 15.01 -23.00 18.46
C PRO C 20 14.77 -21.54 18.14
N CYS C 21 15.83 -20.74 18.06
CA CYS C 21 15.67 -19.32 17.81
C CYS C 21 15.03 -19.08 16.44
N MET C 22 15.50 -19.79 15.43
CA MET C 22 14.97 -19.62 14.09
C MET C 22 13.54 -20.10 13.99
N ASN C 23 13.23 -21.27 14.59
CA ASN C 23 11.87 -21.77 14.50
C ASN C 23 10.90 -20.88 15.26
N LYS C 24 11.34 -20.24 16.34
CA LYS C 24 10.43 -19.40 17.11
C LYS C 24 10.29 -18.00 16.52
N HIS C 25 11.39 -17.41 16.05
CA HIS C 25 11.42 -16.01 15.66
C HIS C 25 11.78 -15.78 14.20
N GLY C 26 12.37 -16.75 13.52
CA GLY C 26 12.78 -16.55 12.15
C GLY C 26 13.94 -15.60 12.00
N ILE C 27 14.54 -15.19 13.10
CA ILE C 27 15.68 -14.28 13.14
C ILE C 27 16.60 -14.78 14.25
N CYS C 28 17.90 -14.91 13.96
CA CYS C 28 18.86 -15.34 14.98
C CYS C 28 20.17 -14.58 14.87
N VAL C 29 20.62 -14.00 15.99
CA VAL C 29 21.87 -13.25 16.04
C VAL C 29 22.91 -14.04 16.82
N VAL C 30 24.09 -14.22 16.24
CA VAL C 30 25.22 -14.87 16.91
C VAL C 30 26.37 -13.86 16.94
N ASP C 31 26.79 -13.47 18.14
CA ASP C 31 27.87 -12.51 18.28
C ASP C 31 29.21 -13.21 18.49
N ASP C 32 30.28 -12.49 18.16
CA ASP C 32 31.64 -13.00 18.32
C ASP C 32 31.79 -14.36 17.64
N PHE C 33 31.41 -14.41 16.37
CA PHE C 33 31.32 -15.68 15.67
C PHE C 33 32.70 -16.29 15.42
N LEU C 34 33.65 -15.49 14.96
CA LEU C 34 34.97 -15.98 14.60
C LEU C 34 36.11 -15.44 15.45
N GLY C 35 35.88 -14.42 16.26
CA GLY C 35 36.94 -13.84 17.07
C GLY C 35 37.59 -12.66 16.36
N LYS C 36 38.24 -11.81 17.18
CA LYS C 36 38.76 -10.55 16.66
C LYS C 36 39.80 -10.77 15.57
N GLU C 37 40.73 -11.70 15.79
CA GLU C 37 41.84 -11.88 14.84
C GLU C 37 41.32 -12.34 13.49
N THR C 38 40.51 -13.40 13.48
CA THR C 38 39.97 -13.88 12.22
C THR C 38 39.06 -12.83 11.57
N GLY C 39 38.23 -12.16 12.36
CA GLY C 39 37.35 -11.14 11.82
C GLY C 39 38.11 -10.00 11.16
N GLN C 40 39.20 -9.55 11.79
CA GLN C 40 39.97 -8.48 11.21
C GLN C 40 40.70 -8.93 9.96
N GLN C 41 41.16 -10.19 9.92
CA GLN C 41 41.76 -10.70 8.69
C GLN C 41 40.73 -10.73 7.56
N ILE C 42 39.50 -11.15 7.86
CA ILE C 42 38.46 -11.11 6.84
C ILE C 42 38.25 -9.68 6.38
N GLY C 43 38.24 -8.75 7.33
CA GLY C 43 38.10 -7.34 6.97
C GLY C 43 39.19 -6.87 6.03
N ASP C 44 40.43 -7.26 6.30
CA ASP C 44 41.53 -6.89 5.41
C ASP C 44 41.30 -7.46 4.02
N GLU C 45 40.85 -8.72 3.93
CA GLU C 45 40.64 -9.32 2.62
C GLU C 45 39.53 -8.62 1.85
N VAL C 46 38.42 -8.31 2.54
CA VAL C 46 37.31 -7.62 1.89
C VAL C 46 37.71 -6.22 1.46
N ARG C 47 38.39 -5.48 2.33
N ARG C 47 38.41 -5.48 2.32
CA ARG C 47 38.86 -4.15 1.97
CA ARG C 47 38.83 -4.14 1.95
C ARG C 47 39.73 -4.20 0.71
C ARG C 47 39.75 -4.16 0.74
N ALA C 48 40.70 -5.10 0.69
CA ALA C 48 41.59 -5.20 -0.46
C ALA C 48 40.80 -5.55 -1.72
N LEU C 49 39.84 -6.46 -1.60
CA LEU C 49 39.02 -6.81 -2.75
C LEU C 49 38.31 -5.59 -3.33
N HIS C 50 37.83 -4.69 -2.47
CA HIS C 50 37.01 -3.57 -2.92
C HIS C 50 37.76 -2.24 -2.96
N ASP C 51 39.09 -2.26 -2.87
CA ASP C 51 39.87 -1.02 -2.78
C ASP C 51 40.06 -0.40 -4.17
N THR C 52 38.92 0.00 -4.76
CA THR C 52 38.93 0.56 -6.11
C THR C 52 39.75 1.84 -6.20
N GLY C 53 39.96 2.52 -5.08
CA GLY C 53 40.72 3.76 -5.08
C GLY C 53 42.18 3.57 -4.77
N LYS C 54 42.66 2.33 -4.88
CA LYS C 54 44.02 1.99 -4.48
C LYS C 54 45.05 2.94 -5.07
N PHE C 55 44.90 3.30 -6.35
CA PHE C 55 45.88 4.09 -7.06
C PHE C 55 45.54 5.58 -7.10
N THR C 56 44.49 6.00 -6.39
CA THR C 56 44.09 7.40 -6.40
C THR C 56 43.74 7.93 -5.02
N ASP C 57 43.79 7.09 -3.97
CA ASP C 57 43.40 7.48 -2.61
C ASP C 57 41.87 7.56 -2.50
N GLY C 73 24.11 1.45 -6.26
CA GLY C 73 25.22 2.29 -5.82
C GLY C 73 26.07 1.65 -4.74
N ASP C 74 26.49 0.40 -4.98
CA ASP C 74 27.36 -0.32 -4.07
C ASP C 74 28.30 -1.20 -4.89
N LYS C 75 29.24 -1.86 -4.22
CA LYS C 75 30.21 -2.72 -4.90
C LYS C 75 30.03 -4.14 -4.40
N ILE C 76 29.84 -5.08 -5.31
CA ILE C 76 29.58 -6.46 -4.93
C ILE C 76 30.49 -7.37 -5.75
N THR C 77 31.15 -8.30 -5.04
CA THR C 77 31.96 -9.34 -5.66
C THR C 77 31.53 -10.68 -5.10
N TRP C 78 31.29 -11.64 -5.98
CA TRP C 78 30.82 -12.97 -5.59
C TRP C 78 32.03 -13.88 -5.47
N ILE C 79 32.19 -14.50 -4.30
CA ILE C 79 33.42 -15.18 -3.91
C ILE C 79 33.08 -16.64 -3.62
N GLU C 80 33.86 -17.55 -4.20
CA GLU C 80 33.66 -18.97 -3.96
C GLU C 80 34.40 -19.46 -2.72
N GLY C 81 35.52 -18.81 -2.38
CA GLY C 81 36.25 -19.04 -1.15
C GLY C 81 37.65 -19.56 -1.34
N LYS C 82 37.99 -20.04 -2.54
CA LYS C 82 39.33 -20.54 -2.85
C LYS C 82 40.17 -19.56 -3.65
N GLU C 83 39.66 -18.35 -3.93
CA GLU C 83 40.42 -17.40 -4.73
C GLU C 83 41.63 -16.90 -3.95
N PRO C 84 42.76 -16.63 -4.63
CA PRO C 84 43.90 -16.04 -3.95
C PRO C 84 43.54 -14.75 -3.23
N GLY C 85 43.99 -14.63 -1.99
CA GLY C 85 43.67 -13.47 -1.18
C GLY C 85 42.34 -13.51 -0.49
N CYS C 86 41.55 -14.57 -0.66
CA CYS C 86 40.24 -14.69 -0.01
C CYS C 86 40.15 -15.89 0.92
N GLU C 87 41.28 -16.43 1.35
CA GLU C 87 41.26 -17.70 2.08
C GLU C 87 40.44 -17.61 3.37
N THR C 88 40.53 -16.48 4.09
CA THR C 88 39.80 -16.38 5.34
C THR C 88 38.31 -16.13 5.12
N ILE C 89 37.95 -15.53 3.98
CA ILE C 89 36.54 -15.53 3.56
C ILE C 89 36.08 -16.96 3.34
N GLY C 90 36.93 -17.78 2.72
CA GLY C 90 36.61 -19.19 2.58
C GLY C 90 36.40 -19.87 3.92
N LEU C 91 37.23 -19.52 4.90
CA LEU C 91 37.07 -20.06 6.25
C LEU C 91 35.74 -19.63 6.86
N LEU C 92 35.38 -18.36 6.69
CA LEU C 92 34.06 -17.91 7.13
C LEU C 92 32.95 -18.75 6.52
N MET C 93 33.03 -18.98 5.20
CA MET C 93 32.01 -19.77 4.53
C MET C 93 32.00 -21.21 5.05
N SER C 94 33.19 -21.79 5.29
CA SER C 94 33.25 -23.15 5.83
C SER C 94 32.60 -23.21 7.21
N SER C 95 32.79 -22.17 8.01
CA SER C 95 32.24 -22.11 9.37
C SER C 95 30.73 -21.95 9.36
N MET C 96 30.23 -21.06 8.49
CA MET C 96 28.80 -21.00 8.24
C MET C 96 28.24 -22.35 7.82
N ASP C 97 28.92 -23.02 6.87
CA ASP C 97 28.44 -24.30 6.38
C ASP C 97 28.37 -25.32 7.51
N ASP C 98 29.40 -25.36 8.36
CA ASP C 98 29.41 -26.29 9.49
C ASP C 98 28.23 -26.03 10.42
N LEU C 99 27.94 -24.75 10.68
CA LEU C 99 26.82 -24.41 11.56
C LEU C 99 25.50 -24.86 10.94
N ILE C 100 25.32 -24.61 9.64
CA ILE C 100 24.11 -25.09 8.96
C ILE C 100 24.02 -26.61 9.02
N ARG C 101 25.14 -27.30 8.82
CA ARG C 101 25.12 -28.75 8.86
C ARG C 101 24.67 -29.26 10.22
N HIS C 102 25.26 -28.69 11.28
CA HIS C 102 24.90 -29.12 12.63
C HIS C 102 23.44 -28.89 12.94
N CYS C 103 22.76 -28.00 12.22
CA CYS C 103 21.33 -27.84 12.41
C CYS C 103 20.55 -29.07 11.96
N ASN C 104 21.19 -29.99 11.23
CA ASN C 104 20.69 -31.36 11.03
C ASN C 104 19.23 -31.37 10.56
N GLY C 105 18.95 -30.56 9.56
CA GLY C 105 17.61 -30.52 9.00
C GLY C 105 16.51 -30.15 9.98
N LYS C 106 16.83 -29.46 11.07
CA LYS C 106 15.84 -29.03 12.04
C LYS C 106 15.40 -27.59 11.86
N LEU C 107 15.90 -26.90 10.83
CA LEU C 107 15.42 -25.54 10.51
C LEU C 107 14.14 -25.68 9.69
N GLY C 108 13.01 -25.47 10.34
CA GLY C 108 11.76 -25.72 9.66
C GLY C 108 11.71 -27.12 9.10
N SER C 109 11.02 -27.26 7.97
CA SER C 109 10.97 -28.51 7.22
C SER C 109 11.97 -28.52 6.07
N TYR C 110 12.91 -27.57 6.06
CA TYR C 110 13.84 -27.44 4.95
C TYR C 110 14.90 -28.54 4.97
N LYS C 111 15.38 -28.87 3.78
CA LYS C 111 16.48 -29.80 3.60
C LYS C 111 17.54 -29.00 2.84
N ILE C 112 18.48 -28.41 3.55
CA ILE C 112 19.45 -27.53 2.92
C ILE C 112 20.54 -28.37 2.27
N ASN C 113 20.70 -28.22 0.95
CA ASN C 113 21.67 -29.00 0.20
C ASN C 113 22.66 -28.14 -0.56
N GLY C 114 22.67 -26.83 -0.35
CA GLY C 114 23.60 -25.98 -1.07
C GLY C 114 23.42 -24.53 -0.67
N ARG C 115 24.24 -23.68 -1.29
CA ARG C 115 24.19 -22.26 -1.00
C ARG C 115 24.78 -21.51 -2.19
N THR C 116 24.51 -20.20 -2.22
CA THR C 116 25.14 -19.31 -3.17
C THR C 116 26.64 -19.16 -2.86
N LYS C 117 27.35 -18.52 -3.79
CA LYS C 117 28.62 -17.93 -3.44
C LYS C 117 28.43 -16.87 -2.35
N ALA C 118 29.53 -16.39 -1.81
CA ALA C 118 29.49 -15.28 -0.86
C ALA C 118 29.35 -13.96 -1.59
N MET C 119 28.37 -13.17 -1.20
CA MET C 119 28.19 -11.81 -1.69
C MET C 119 29.01 -10.90 -0.80
N VAL C 120 30.18 -10.50 -1.28
CA VAL C 120 31.08 -9.62 -0.55
C VAL C 120 30.77 -8.21 -1.01
N ALA C 121 30.19 -7.43 -0.11
CA ALA C 121 29.56 -6.15 -0.44
C ALA C 121 30.27 -5.02 0.31
N CYS C 122 30.51 -3.95 -0.43
CA CYS C 122 30.95 -2.66 0.10
C CYS C 122 29.79 -1.69 -0.11
N TYR C 123 29.30 -1.11 0.99
CA TYR C 123 28.18 -0.19 1.00
C TYR C 123 28.68 1.20 1.34
N PRO C 124 28.39 2.20 0.50
CA PRO C 124 28.94 3.55 0.72
C PRO C 124 28.32 4.24 1.92
N GLY C 125 29.12 5.09 2.57
CA GLY C 125 28.66 5.89 3.67
C GLY C 125 28.18 7.27 3.23
N ASN C 126 27.29 7.28 2.24
CA ASN C 126 26.86 8.50 1.57
C ASN C 126 25.41 8.86 1.89
N GLY C 127 24.88 8.35 2.99
CA GLY C 127 23.52 8.70 3.37
C GLY C 127 22.46 7.98 2.55
N THR C 128 22.80 6.87 1.92
CA THR C 128 21.82 6.11 1.17
C THR C 128 21.39 4.91 2.00
N GLY C 129 20.10 4.59 1.94
CA GLY C 129 19.57 3.39 2.53
C GLY C 129 19.10 2.41 1.46
N TYR C 130 18.60 1.28 1.93
CA TYR C 130 18.12 0.22 1.04
C TYR C 130 16.63 0.00 1.27
N VAL C 131 15.85 0.13 0.20
N VAL C 131 15.85 0.12 0.20
CA VAL C 131 14.40 0.09 0.34
CA VAL C 131 14.39 0.06 0.29
C VAL C 131 13.97 -1.27 0.87
C VAL C 131 13.96 -1.29 0.84
N ARG C 132 12.83 -1.28 1.55
CA ARG C 132 12.31 -2.51 2.13
C ARG C 132 12.03 -3.55 1.03
N HIS C 133 12.49 -4.77 1.27
CA HIS C 133 12.37 -5.84 0.27
C HIS C 133 12.39 -7.19 0.97
N VAL C 134 11.99 -8.20 0.20
CA VAL C 134 12.06 -9.61 0.60
C VAL C 134 13.09 -10.28 -0.30
N ASP C 135 14.03 -11.01 0.29
CA ASP C 135 15.11 -11.60 -0.49
C ASP C 135 14.58 -12.60 -1.52
N ASN C 136 13.72 -13.49 -1.08
CA ASN C 136 13.15 -14.52 -1.96
C ASN C 136 11.64 -14.42 -1.87
N PRO C 137 11.01 -13.58 -2.70
CA PRO C 137 9.55 -13.42 -2.63
C PRO C 137 8.76 -14.38 -3.48
N ASN C 138 9.38 -15.19 -4.34
CA ASN C 138 8.60 -15.97 -5.28
C ASN C 138 9.15 -17.38 -5.49
N GLY C 139 9.76 -17.94 -4.46
CA GLY C 139 10.12 -19.36 -4.48
C GLY C 139 11.36 -19.67 -5.27
N ASP C 140 12.40 -18.84 -5.15
CA ASP C 140 13.58 -19.05 -5.98
C ASP C 140 14.54 -20.09 -5.41
N GLY C 141 14.24 -20.68 -4.26
CA GLY C 141 15.04 -21.74 -3.67
C GLY C 141 15.76 -21.37 -2.40
N ARG C 142 15.94 -20.08 -2.12
CA ARG C 142 16.71 -19.64 -0.95
C ARG C 142 15.81 -19.59 0.26
N CYS C 143 16.19 -20.32 1.32
CA CYS C 143 15.39 -20.38 2.53
C CYS C 143 16.00 -19.68 3.72
N VAL C 144 17.34 -19.58 3.81
CA VAL C 144 17.99 -18.89 4.93
C VAL C 144 18.99 -17.88 4.41
N THR C 145 18.89 -16.65 4.89
CA THR C 145 19.86 -15.61 4.63
C THR C 145 20.84 -15.53 5.80
N CYS C 146 22.13 -15.49 5.47
CA CYS C 146 23.20 -15.40 6.45
CA CYS C 146 23.20 -15.40 6.45
C CYS C 146 24.07 -14.20 6.13
N ILE C 147 24.27 -13.32 7.12
CA ILE C 147 25.03 -12.08 6.91
C ILE C 147 26.09 -11.97 7.98
N TYR C 148 27.32 -11.71 7.56
CA TYR C 148 28.44 -11.52 8.47
C TYR C 148 28.95 -10.10 8.33
N TYR C 149 29.11 -9.40 9.45
CA TYR C 149 29.50 -8.00 9.45
C TYR C 149 30.94 -7.84 9.91
N LEU C 150 31.68 -6.97 9.22
CA LEU C 150 33.13 -6.92 9.31
C LEU C 150 33.70 -5.61 9.83
N ASN C 151 32.85 -4.66 10.20
CA ASN C 151 33.27 -3.28 10.43
C ASN C 151 33.72 -3.14 11.87
N LYS C 152 35.03 -3.21 12.09
CA LYS C 152 35.59 -3.14 13.43
C LYS C 152 35.19 -1.82 14.10
N ASP C 153 34.73 -1.92 15.34
CA ASP C 153 34.38 -0.74 16.15
C ASP C 153 33.24 0.06 15.54
N TRP C 154 32.36 -0.60 14.82
CA TRP C 154 31.21 0.10 14.25
C TRP C 154 30.24 0.47 15.36
N ASP C 155 29.85 1.75 15.40
CA ASP C 155 28.89 2.27 16.37
C ASP C 155 27.69 2.76 15.57
N ALA C 156 26.68 1.91 15.45
CA ALA C 156 25.52 2.24 14.65
C ALA C 156 24.88 3.56 15.08
N LYS C 157 24.92 3.87 16.37
CA LYS C 157 24.30 5.11 16.84
C LYS C 157 24.92 6.32 16.16
N VAL C 158 26.23 6.28 15.91
CA VAL C 158 26.94 7.38 15.26
C VAL C 158 26.90 7.24 13.73
N SER C 159 27.15 6.04 13.22
CA SER C 159 27.41 5.82 11.80
C SER C 159 26.25 5.19 11.04
N GLY C 160 25.24 4.65 11.73
CA GLY C 160 24.06 4.17 11.03
C GLY C 160 24.20 2.76 10.48
N GLY C 161 23.53 2.51 9.36
CA GLY C 161 23.57 1.22 8.70
C GLY C 161 22.74 0.14 9.34
N ILE C 162 21.81 0.49 10.24
CA ILE C 162 21.05 -0.51 10.96
C ILE C 162 20.10 -1.23 10.02
N LEU C 163 20.02 -2.56 10.19
CA LEU C 163 19.07 -3.39 9.44
C LEU C 163 17.77 -3.48 10.22
N ARG C 164 16.65 -3.16 9.59
CA ARG C 164 15.34 -3.28 10.22
C ARG C 164 14.54 -4.39 9.54
N ILE C 165 14.16 -5.42 10.31
CA ILE C 165 13.40 -6.57 9.83
C ILE C 165 12.00 -6.50 10.41
N PHE C 166 11.01 -6.82 9.58
CA PHE C 166 9.59 -6.76 9.94
C PHE C 166 8.99 -8.16 9.85
N PRO C 167 9.24 -9.01 10.86
CA PRO C 167 8.72 -10.38 10.77
C PRO C 167 7.21 -10.38 10.61
N GLU C 168 6.76 -11.11 9.60
CA GLU C 168 5.37 -11.08 9.18
C GLU C 168 4.43 -11.43 10.32
N GLY C 169 3.36 -10.65 10.46
CA GLY C 169 2.31 -10.92 11.42
C GLY C 169 2.60 -10.54 12.86
N LYS C 170 3.81 -10.09 13.19
CA LYS C 170 4.17 -9.81 14.57
C LYS C 170 3.93 -8.34 14.93
N ALA C 171 3.72 -8.09 16.23
CA ALA C 171 3.50 -6.73 16.72
C ALA C 171 4.78 -5.91 16.75
N GLN C 172 5.94 -6.56 16.76
CA GLN C 172 7.23 -5.91 16.84
C GLN C 172 7.98 -6.05 15.52
N PHE C 173 8.91 -5.11 15.31
CA PHE C 173 9.99 -5.25 14.34
C PHE C 173 11.31 -5.15 15.09
N ALA C 174 12.39 -5.53 14.41
CA ALA C 174 13.69 -5.66 15.06
C ALA C 174 14.74 -4.86 14.30
N ASP C 175 15.51 -4.07 15.02
CA ASP C 175 16.69 -3.40 14.50
C ASP C 175 17.91 -4.22 14.89
N ILE C 176 18.70 -4.61 13.89
CA ILE C 176 19.93 -5.35 14.08
C ILE C 176 21.09 -4.43 13.69
N GLU C 177 21.94 -4.12 14.65
CA GLU C 177 23.14 -3.35 14.37
C GLU C 177 24.17 -4.23 13.65
N PRO C 178 24.87 -3.69 12.64
CA PRO C 178 25.88 -4.49 11.91
C PRO C 178 27.21 -4.55 12.67
N LYS C 179 27.16 -5.13 13.86
CA LYS C 179 28.31 -5.18 14.75
C LYS C 179 29.44 -6.05 14.20
N PHE C 180 30.67 -5.68 14.54
CA PHE C 180 31.82 -6.46 14.11
C PHE C 180 31.70 -7.90 14.57
N ASP C 181 32.00 -8.83 13.67
CA ASP C 181 32.07 -10.26 13.96
C ASP C 181 30.71 -10.84 14.32
N ARG C 182 29.65 -10.16 13.96
CA ARG C 182 28.30 -10.64 14.17
C ARG C 182 27.83 -11.42 12.96
N LEU C 183 27.13 -12.53 13.24
CA LEU C 183 26.53 -13.38 12.23
C LEU C 183 25.02 -13.38 12.41
N LEU C 184 24.29 -13.07 11.35
CA LEU C 184 22.84 -12.95 11.37
C LEU C 184 22.22 -14.01 10.47
N PHE C 185 21.21 -14.71 10.98
CA PHE C 185 20.39 -15.62 10.20
C PHE C 185 18.97 -15.06 10.14
N PHE C 186 18.32 -15.17 9.00
CA PHE C 186 16.86 -15.01 9.00
C PHE C 186 16.26 -15.74 7.80
N TRP C 187 15.00 -16.15 7.93
CA TRP C 187 14.30 -16.71 6.79
C TRP C 187 14.30 -15.72 5.63
N SER C 188 14.62 -16.23 4.44
CA SER C 188 14.74 -15.41 3.25
C SER C 188 13.41 -15.02 2.62
N ASP C 189 12.34 -15.76 2.91
CA ASP C 189 11.07 -15.57 2.18
C ASP C 189 10.26 -14.42 2.77
N ARG C 190 8.97 -14.35 2.42
CA ARG C 190 8.13 -13.19 2.74
C ARG C 190 7.95 -12.99 4.24
N ARG C 191 8.36 -13.94 5.07
CA ARG C 191 8.27 -13.73 6.51
C ARG C 191 9.14 -12.57 7.00
N ASN C 192 10.18 -12.18 6.25
CA ASN C 192 11.14 -11.19 6.74
C ASN C 192 11.44 -10.10 5.72
N PRO C 193 10.46 -9.26 5.42
CA PRO C 193 10.78 -7.99 4.74
C PRO C 193 11.78 -7.22 5.58
N HIS C 194 12.69 -6.51 4.91
CA HIS C 194 13.69 -5.77 5.66
C HIS C 194 14.23 -4.62 4.84
N GLU C 195 14.67 -3.59 5.55
CA GLU C 195 15.24 -2.39 4.96
C GLU C 195 16.53 -2.07 5.71
N VAL C 196 17.37 -1.25 5.11
CA VAL C 196 18.62 -0.86 5.75
C VAL C 196 18.67 0.66 5.82
N GLN C 197 18.97 1.17 6.98
CA GLN C 197 19.01 2.60 7.20
C GLN C 197 20.32 3.17 6.64
N PRO C 198 20.32 4.45 6.28
CA PRO C 198 21.53 5.07 5.73
C PRO C 198 22.68 4.99 6.71
N ALA C 199 23.89 5.08 6.15
CA ALA C 199 25.13 5.07 6.91
C ALA C 199 25.99 6.24 6.46
N TYR C 200 26.90 6.65 7.34
CA TYR C 200 27.76 7.81 7.10
C TYR C 200 29.23 7.43 7.13
N ALA C 201 29.52 6.14 6.99
CA ALA C 201 30.87 5.67 6.74
C ALA C 201 30.76 4.37 5.97
N THR C 202 31.77 4.10 5.15
CA THR C 202 31.75 2.90 4.34
C THR C 202 31.66 1.67 5.25
N ARG C 203 30.84 0.70 4.86
CA ARG C 203 30.83 -0.54 5.63
C ARG C 203 30.82 -1.75 4.69
N TYR C 204 31.13 -2.89 5.27
CA TYR C 204 31.29 -4.12 4.50
C TYR C 204 30.48 -5.22 5.13
N ALA C 205 29.87 -6.06 4.31
CA ALA C 205 29.21 -7.23 4.83
C ALA C 205 29.26 -8.35 3.80
N ILE C 206 29.17 -9.58 4.29
CA ILE C 206 29.18 -10.77 3.47
C ILE C 206 27.87 -11.52 3.68
N THR C 207 27.16 -11.78 2.59
CA THR C 207 25.89 -12.48 2.65
C THR C 207 26.00 -13.81 1.91
N VAL C 208 25.44 -14.87 2.51
CA VAL C 208 25.30 -16.18 1.87
C VAL C 208 23.85 -16.60 2.01
N TRP C 209 23.28 -17.16 0.94
CA TRP C 209 21.95 -17.75 0.98
C TRP C 209 22.05 -19.27 0.87
N TYR C 210 21.38 -19.97 1.78
CA TYR C 210 21.25 -21.42 1.70
C TYR C 210 19.96 -21.82 1.01
N PHE C 211 20.04 -22.88 0.20
CA PHE C 211 18.92 -23.36 -0.61
C PHE C 211 18.17 -24.47 0.11
N ASP C 212 16.86 -24.51 -0.08
CA ASP C 212 16.08 -25.71 0.17
C ASP C 212 16.05 -26.59 -1.06
N ALA C 213 16.34 -27.88 -0.90
CA ALA C 213 16.54 -28.75 -2.05
C ALA C 213 15.28 -28.79 -2.93
N ASP C 214 14.13 -29.05 -2.33
CA ASP C 214 12.91 -29.20 -3.11
C ASP C 214 12.54 -27.88 -3.81
N GLU C 215 12.57 -26.77 -3.06
CA GLU C 215 12.18 -25.51 -3.68
C GLU C 215 13.15 -25.13 -4.79
N ARG C 216 14.45 -25.27 -4.56
CA ARG C 216 15.42 -24.90 -5.58
C ARG C 216 15.25 -25.78 -6.82
N ALA C 217 15.02 -27.08 -6.64
CA ALA C 217 14.82 -27.94 -7.81
C ALA C 217 13.58 -27.51 -8.62
N ARG C 218 12.48 -27.20 -7.91
CA ARG C 218 11.28 -26.71 -8.59
C ARG C 218 11.56 -25.43 -9.36
N ALA C 219 12.31 -24.51 -8.74
CA ALA C 219 12.65 -23.27 -9.43
C ALA C 219 13.49 -23.52 -10.68
N LYS C 220 14.36 -24.54 -10.63
CA LYS C 220 15.27 -24.75 -11.75
C LYS C 220 14.61 -25.46 -12.93
N VAL C 221 13.47 -26.12 -12.74
CA VAL C 221 12.91 -26.88 -13.86
C VAL C 221 12.65 -26.00 -15.09
N LYS C 222 12.32 -24.73 -14.90
CA LYS C 222 11.93 -23.90 -16.04
C LYS C 222 13.07 -23.62 -17.01
N TYR C 223 14.32 -23.80 -16.60
CA TYR C 223 15.44 -23.43 -17.45
C TYR C 223 15.91 -24.61 -18.29
N LEU C 224 16.33 -24.31 -19.50
CA LEU C 224 17.00 -25.28 -20.35
C LEU C 224 18.46 -25.44 -19.93
N THR C 225 19.00 -26.63 -20.22
CA THR C 225 20.43 -26.89 -20.11
C THR C 225 21.31 -25.65 -20.29
N LEU D 8 29.07 30.80 -8.63
CA LEU D 8 29.47 29.72 -9.53
C LEU D 8 29.21 30.09 -10.98
N PRO D 9 30.06 29.60 -11.90
CA PRO D 9 29.81 29.86 -13.33
C PRO D 9 28.64 29.03 -13.83
N ALA D 10 27.49 29.68 -14.03
CA ALA D 10 26.24 28.96 -14.15
C ALA D 10 26.18 28.11 -15.42
N LEU D 11 26.71 28.61 -16.54
CA LEU D 11 26.61 27.85 -17.79
C LEU D 11 27.38 26.53 -17.67
N LYS D 12 28.63 26.60 -17.20
CA LYS D 12 29.40 25.38 -17.04
C LYS D 12 28.78 24.46 -16.00
N LEU D 13 28.31 25.02 -14.88
CA LEU D 13 27.73 24.18 -13.84
C LEU D 13 26.51 23.43 -14.35
N ALA D 14 25.64 24.12 -15.10
CA ALA D 14 24.46 23.47 -15.64
C ALA D 14 24.84 22.35 -16.60
N LEU D 15 25.69 22.68 -17.58
CA LEU D 15 25.99 21.72 -18.65
C LEU D 15 26.86 20.58 -18.14
N GLU D 16 27.79 20.87 -17.23
CA GLU D 16 28.77 19.86 -16.82
C GLU D 16 28.31 19.03 -15.63
N TYR D 17 27.41 19.56 -14.78
CA TYR D 17 26.99 18.81 -13.60
C TYR D 17 25.48 18.62 -13.50
N ILE D 18 24.67 19.68 -13.61
CA ILE D 18 23.26 19.55 -13.28
C ILE D 18 22.56 18.66 -14.30
N VAL D 19 22.82 18.88 -15.59
CA VAL D 19 22.14 18.09 -16.62
C VAL D 19 22.48 16.61 -16.48
N PRO D 20 23.73 16.19 -16.43
CA PRO D 20 24.00 14.74 -16.31
C PRO D 20 23.47 14.14 -15.02
N CYS D 21 23.62 14.86 -13.90
CA CYS D 21 23.16 14.33 -12.62
C CYS D 21 21.65 14.10 -12.62
N MET D 22 20.90 15.05 -13.16
CA MET D 22 19.44 14.94 -13.16
C MET D 22 18.97 13.83 -14.09
N ASN D 23 19.55 13.74 -15.29
CA ASN D 23 19.13 12.71 -16.23
C ASN D 23 19.48 11.32 -15.72
N LYS D 24 20.59 11.20 -14.99
CA LYS D 24 21.03 9.90 -14.50
C LYS D 24 20.28 9.50 -13.23
N HIS D 25 20.13 10.43 -12.27
CA HIS D 25 19.60 10.09 -10.96
C HIS D 25 18.29 10.76 -10.61
N GLY D 26 17.86 11.79 -11.33
CA GLY D 26 16.67 12.54 -10.97
C GLY D 26 16.79 13.39 -9.71
N ILE D 27 18.01 13.54 -9.19
CA ILE D 27 18.31 14.27 -7.96
C ILE D 27 19.68 14.89 -8.17
N CYS D 28 19.85 16.17 -7.82
CA CYS D 28 21.15 16.82 -7.95
C CYS D 28 21.37 17.75 -6.77
N VAL D 29 22.46 17.55 -6.04
CA VAL D 29 22.79 18.37 -4.87
C VAL D 29 23.97 19.28 -5.23
N VAL D 30 23.77 20.58 -5.06
CA VAL D 30 24.83 21.58 -5.28
C VAL D 30 25.13 22.22 -3.92
N ASP D 31 26.34 22.00 -3.43
CA ASP D 31 26.71 22.58 -2.14
C ASP D 31 27.40 23.92 -2.33
N ASP D 32 27.37 24.73 -1.26
CA ASP D 32 27.97 26.05 -1.26
C ASP D 32 27.56 26.84 -2.50
N PHE D 33 26.24 26.91 -2.71
CA PHE D 33 25.71 27.48 -3.94
C PHE D 33 26.06 28.95 -4.08
N LEU D 34 25.85 29.73 -3.01
CA LEU D 34 26.03 31.18 -3.08
C LEU D 34 27.12 31.73 -2.17
N GLY D 35 27.66 30.95 -1.26
CA GLY D 35 28.69 31.44 -0.35
C GLY D 35 28.13 31.93 0.97
N LYS D 36 29.02 32.01 1.95
CA LYS D 36 28.60 32.29 3.33
C LYS D 36 27.89 33.63 3.43
N GLU D 37 28.48 34.70 2.88
CA GLU D 37 27.95 36.04 3.07
C GLU D 37 26.54 36.16 2.51
N THR D 38 26.34 35.74 1.26
CA THR D 38 25.01 35.80 0.66
C THR D 38 24.03 34.89 1.40
N GLY D 39 24.47 33.71 1.80
CA GLY D 39 23.57 32.79 2.48
C GLY D 39 23.09 33.32 3.82
N GLN D 40 23.99 33.95 4.59
CA GLN D 40 23.58 34.58 5.83
C GLN D 40 22.61 35.74 5.56
N GLN D 41 22.87 36.51 4.50
CA GLN D 41 21.99 37.62 4.17
C GLN D 41 20.59 37.10 3.82
N ILE D 42 20.52 36.01 3.06
CA ILE D 42 19.23 35.39 2.78
C ILE D 42 18.57 34.95 4.08
N GLY D 43 19.35 34.38 4.99
CA GLY D 43 18.81 34.00 6.28
C GLY D 43 18.22 35.18 7.03
N ASP D 44 18.92 36.31 7.04
CA ASP D 44 18.41 37.50 7.70
C ASP D 44 17.10 37.95 7.07
N GLU D 45 17.02 37.92 5.74
CA GLU D 45 15.79 38.32 5.07
C GLU D 45 14.64 37.38 5.40
N VAL D 46 14.89 36.07 5.37
CA VAL D 46 13.84 35.09 5.64
C VAL D 46 13.35 35.20 7.06
N ARG D 47 14.28 35.33 8.02
N ARG D 47 14.27 35.35 8.01
CA ARG D 47 13.91 35.52 9.41
CA ARG D 47 13.84 35.49 9.40
C ARG D 47 13.02 36.75 9.58
C ARG D 47 13.04 36.76 9.62
N ALA D 48 13.44 37.87 8.99
CA ALA D 48 12.67 39.11 9.11
C ALA D 48 11.29 38.95 8.49
N LEU D 49 11.23 38.27 7.34
CA LEU D 49 9.97 38.03 6.65
C LEU D 49 8.99 37.26 7.53
N HIS D 50 9.49 36.39 8.41
CA HIS D 50 8.66 35.58 9.29
C HIS D 50 8.65 36.09 10.74
N ASP D 51 9.29 37.21 11.02
CA ASP D 51 9.28 37.82 12.35
C ASP D 51 8.69 39.23 12.28
N THR D 52 7.63 39.39 11.50
CA THR D 52 6.98 40.69 11.40
C THR D 52 6.20 40.96 12.68
N GLY D 53 6.05 42.23 13.00
CA GLY D 53 5.25 42.61 14.15
C GLY D 53 3.78 42.36 13.89
N LYS D 54 3.22 41.34 14.54
CA LYS D 54 1.81 41.00 14.37
C LYS D 54 1.29 40.35 15.64
N PHE D 55 0.04 40.66 15.98
CA PHE D 55 -0.58 40.08 17.16
C PHE D 55 -0.66 38.57 17.04
N THR D 56 -0.03 37.86 17.99
CA THR D 56 0.01 36.41 17.98
C THR D 56 0.36 35.85 16.60
N GLY D 73 0.32 24.29 10.67
CA GLY D 73 1.47 23.41 10.86
C GLY D 73 2.80 24.14 10.71
N ASP D 74 2.92 24.96 9.67
CA ASP D 74 4.12 25.72 9.40
C ASP D 74 3.71 27.11 8.90
N LYS D 75 4.71 27.95 8.61
CA LYS D 75 4.48 29.30 8.11
C LYS D 75 5.08 29.43 6.71
N ILE D 76 4.24 29.80 5.74
CA ILE D 76 4.64 29.92 4.35
C ILE D 76 4.35 31.33 3.86
N THR D 77 5.32 31.93 3.18
CA THR D 77 5.12 33.19 2.48
C THR D 77 5.66 33.06 1.06
N TRP D 78 4.86 33.44 0.08
CA TRP D 78 5.24 33.33 -1.33
C TRP D 78 5.83 34.64 -1.80
N ILE D 79 7.04 34.58 -2.37
CA ILE D 79 7.86 35.75 -2.64
C ILE D 79 8.17 35.79 -4.13
N GLU D 80 8.00 36.96 -4.74
CA GLU D 80 8.33 37.14 -6.14
C GLU D 80 9.79 37.53 -6.35
N GLY D 81 10.44 38.12 -5.35
CA GLY D 81 11.84 38.48 -5.41
C GLY D 81 12.12 39.96 -5.50
N LYS D 82 11.12 40.79 -5.82
CA LYS D 82 11.30 42.23 -5.91
C LYS D 82 10.65 42.98 -4.75
N GLU D 83 10.16 42.26 -3.74
CA GLU D 83 9.59 42.91 -2.58
C GLU D 83 10.69 43.55 -1.73
N PRO D 84 10.40 44.69 -1.10
CA PRO D 84 11.40 45.31 -0.21
C PRO D 84 11.82 44.34 0.89
N GLY D 85 13.12 44.35 1.19
CA GLY D 85 13.66 43.43 2.15
C GLY D 85 13.83 42.00 1.64
N CYS D 86 13.64 41.78 0.34
CA CYS D 86 13.78 40.45 -0.25
C CYS D 86 14.74 40.46 -1.44
N GLU D 87 15.64 41.44 -1.50
CA GLU D 87 16.52 41.57 -2.67
C GLU D 87 17.42 40.34 -2.81
N THR D 88 17.95 39.83 -1.69
CA THR D 88 18.86 38.70 -1.75
C THR D 88 18.11 37.40 -2.08
N ILE D 89 16.86 37.26 -1.63
CA ILE D 89 16.04 36.15 -2.10
C ILE D 89 15.86 36.26 -3.61
N GLY D 90 15.65 37.49 -4.11
CA GLY D 90 15.56 37.69 -5.55
C GLY D 90 16.82 37.24 -6.27
N LEU D 91 17.99 37.50 -5.67
CA LEU D 91 19.24 37.05 -6.26
C LEU D 91 19.33 35.53 -6.29
N LEU D 92 18.92 34.87 -5.20
CA LEU D 92 18.83 33.42 -5.19
C LEU D 92 17.97 32.92 -6.34
N MET D 93 16.81 33.55 -6.52
CA MET D 93 15.89 33.13 -7.57
C MET D 93 16.49 33.35 -8.95
N SER D 94 17.20 34.47 -9.14
CA SER D 94 17.85 34.73 -10.41
C SER D 94 18.96 33.73 -10.68
N SER D 95 19.67 33.32 -9.63
CA SER D 95 20.72 32.32 -9.78
C SER D 95 20.14 30.96 -10.13
N MET D 96 19.02 30.60 -9.51
CA MET D 96 18.33 29.36 -9.87
C MET D 96 17.87 29.42 -11.32
N ASP D 97 17.25 30.54 -11.72
CA ASP D 97 16.75 30.69 -13.08
C ASP D 97 17.87 30.53 -14.10
N ASP D 98 19.02 31.14 -13.84
CA ASP D 98 20.13 31.04 -14.78
C ASP D 98 20.53 29.57 -14.98
N LEU D 99 20.67 28.81 -13.90
CA LEU D 99 21.04 27.42 -14.02
C LEU D 99 20.00 26.65 -14.82
N ILE D 100 18.72 26.83 -14.50
CA ILE D 100 17.69 26.08 -15.21
C ILE D 100 17.68 26.48 -16.68
N ARG D 101 17.79 27.77 -16.97
CA ARG D 101 17.81 28.23 -18.34
C ARG D 101 18.98 27.62 -19.11
N HIS D 102 20.15 27.51 -18.47
CA HIS D 102 21.33 26.98 -19.14
C HIS D 102 21.25 25.48 -19.37
N CYS D 103 20.35 24.78 -18.68
CA CYS D 103 20.11 23.39 -19.02
C CYS D 103 19.48 23.28 -20.40
N ASN D 104 18.57 24.21 -20.72
CA ASN D 104 18.15 24.48 -22.09
C ASN D 104 17.73 23.22 -22.83
N GLY D 105 16.66 22.61 -22.33
CA GLY D 105 16.04 21.49 -23.01
C GLY D 105 16.77 20.18 -22.87
N LYS D 106 17.85 20.14 -22.09
CA LYS D 106 18.58 18.90 -21.84
C LYS D 106 18.11 18.19 -20.57
N LEU D 107 17.09 18.72 -19.89
CA LEU D 107 16.49 18.04 -18.74
C LEU D 107 15.36 17.17 -19.26
N GLY D 108 15.67 15.90 -19.50
CA GLY D 108 14.70 15.02 -20.15
C GLY D 108 14.25 15.62 -21.47
N SER D 109 12.94 15.52 -21.73
CA SER D 109 12.31 16.16 -22.87
C SER D 109 11.53 17.41 -22.48
N TYR D 110 11.72 17.89 -21.26
CA TYR D 110 10.97 19.04 -20.78
C TYR D 110 11.39 20.31 -21.52
N LYS D 111 10.42 21.19 -21.74
CA LYS D 111 10.65 22.53 -22.27
C LYS D 111 10.23 23.48 -21.16
N ILE D 112 11.19 23.94 -20.36
CA ILE D 112 10.87 24.74 -19.18
C ILE D 112 10.67 26.19 -19.60
N ASN D 113 9.50 26.74 -19.30
CA ASN D 113 9.13 28.07 -19.74
C ASN D 113 8.55 28.93 -18.61
N GLY D 114 8.62 28.48 -17.36
CA GLY D 114 8.05 29.24 -16.27
C GLY D 114 8.34 28.58 -14.94
N ARG D 115 7.99 29.30 -13.87
CA ARG D 115 8.15 28.78 -12.52
C ARG D 115 7.15 29.48 -11.60
N THR D 116 7.03 28.94 -10.39
CA THR D 116 6.26 29.54 -9.31
C THR D 116 7.05 30.67 -8.66
N LYS D 117 6.35 31.43 -7.81
CA LYS D 117 7.02 32.23 -6.81
C LYS D 117 7.86 31.34 -5.90
N ALA D 118 8.71 31.96 -5.10
CA ALA D 118 9.49 31.23 -4.12
C ALA D 118 8.67 30.99 -2.86
N MET D 119 8.62 29.72 -2.43
CA MET D 119 7.97 29.33 -1.19
C MET D 119 8.98 29.50 -0.06
N VAL D 120 8.82 30.57 0.72
CA VAL D 120 9.71 30.86 1.84
C VAL D 120 9.05 30.28 3.09
N ALA D 121 9.59 29.16 3.58
CA ALA D 121 8.93 28.34 4.57
C ALA D 121 9.68 28.37 5.88
N CYS D 122 8.93 28.48 6.98
CA CYS D 122 9.44 28.33 8.33
C CYS D 122 8.84 27.07 8.92
N TYR D 123 9.68 26.12 9.31
CA TYR D 123 9.24 24.83 9.84
C TYR D 123 9.57 24.73 11.32
N PRO D 124 8.63 24.35 12.16
CA PRO D 124 8.90 24.33 13.61
C PRO D 124 9.73 23.15 14.05
N GLY D 125 10.57 23.41 15.07
CA GLY D 125 11.37 22.38 15.67
C GLY D 125 10.68 21.69 16.83
N ASN D 126 9.44 21.25 16.60
CA ASN D 126 8.61 20.64 17.64
C ASN D 126 8.48 19.14 17.46
N GLY D 127 9.43 18.50 16.80
CA GLY D 127 9.36 17.06 16.64
C GLY D 127 8.35 16.58 15.63
N THR D 128 7.95 17.44 14.69
CA THR D 128 7.04 17.05 13.62
C THR D 128 7.79 16.83 12.32
N GLY D 129 7.41 15.77 11.60
CA GLY D 129 7.89 15.52 10.27
C GLY D 129 6.79 15.73 9.24
N TYR D 130 7.15 15.50 7.98
CA TYR D 130 6.22 15.66 6.86
C TYR D 130 6.01 14.32 6.17
N VAL D 131 4.74 13.92 6.06
CA VAL D 131 4.41 12.61 5.52
C VAL D 131 4.88 12.50 4.07
N ARG D 132 5.11 11.26 3.65
CA ARG D 132 5.62 11.02 2.31
C ARG D 132 4.63 11.49 1.27
N HIS D 133 5.13 12.22 0.28
CA HIS D 133 4.28 12.79 -0.76
C HIS D 133 5.06 12.91 -2.06
N VAL D 134 4.31 13.04 -3.14
CA VAL D 134 4.82 13.47 -4.44
C VAL D 134 4.33 14.90 -4.68
N ASP D 135 5.25 15.78 -5.10
CA ASP D 135 4.89 17.22 -5.26
C ASP D 135 3.86 17.36 -6.38
N ASN D 136 4.10 16.78 -7.55
CA ASN D 136 3.19 16.86 -8.69
C ASN D 136 2.76 15.45 -9.08
N PRO D 137 1.69 14.92 -8.47
CA PRO D 137 1.27 13.54 -8.76
C PRO D 137 0.31 13.38 -9.92
N ASN D 138 -0.24 14.45 -10.48
CA ASN D 138 -1.33 14.34 -11.44
C ASN D 138 -1.19 15.37 -12.56
N GLY D 139 0.04 15.66 -12.97
CA GLY D 139 0.28 16.46 -14.16
C GLY D 139 -0.06 17.93 -14.01
N ASP D 140 0.32 18.55 -12.90
CA ASP D 140 -0.04 19.94 -12.66
C ASP D 140 0.89 20.93 -13.34
N GLY D 141 1.90 20.44 -14.08
CA GLY D 141 2.78 21.28 -14.86
C GLY D 141 4.19 21.38 -14.31
N ARG D 142 4.41 21.07 -13.04
CA ARG D 142 5.70 21.28 -12.43
C ARG D 142 6.59 20.06 -12.67
N CYS D 143 7.79 20.29 -13.20
CA CYS D 143 8.68 19.20 -13.54
C CYS D 143 9.94 19.16 -12.70
N VAL D 144 10.41 20.28 -12.16
CA VAL D 144 11.62 20.29 -11.33
C VAL D 144 11.33 21.03 -10.03
N THR D 145 11.69 20.39 -8.92
CA THR D 145 11.65 21.01 -7.60
C THR D 145 13.04 21.49 -7.22
N CYS D 146 13.13 22.74 -6.76
CA CYS D 146 14.38 23.35 -6.34
CA CYS D 146 14.38 23.34 -6.33
C CYS D 146 14.23 23.83 -4.90
N ILE D 147 15.12 23.38 -4.02
CA ILE D 147 15.08 23.76 -2.61
C ILE D 147 16.44 24.32 -2.19
N TYR D 148 16.42 25.46 -1.50
CA TYR D 148 17.61 26.08 -0.95
C TYR D 148 17.50 26.11 0.57
N TYR D 149 18.54 25.66 1.25
CA TYR D 149 18.59 25.59 2.71
C TYR D 149 19.48 26.71 3.24
N LEU D 150 19.01 27.41 4.28
CA LEU D 150 19.64 28.67 4.67
C LEU D 150 19.89 28.79 6.16
N ASN D 151 19.94 27.69 6.91
CA ASN D 151 20.16 27.72 8.35
C ASN D 151 21.64 27.46 8.64
N LYS D 152 22.31 28.46 9.23
CA LYS D 152 23.74 28.39 9.43
C LYS D 152 24.13 27.36 10.48
N ASP D 153 25.18 26.58 10.17
CA ASP D 153 25.73 25.58 11.09
C ASP D 153 24.69 24.54 11.51
N TRP D 154 23.72 24.26 10.66
CA TRP D 154 22.72 23.24 10.98
C TRP D 154 23.36 21.86 10.97
N ASP D 155 23.25 21.14 12.09
CA ASP D 155 23.78 19.78 12.23
C ASP D 155 22.60 18.81 12.34
N ALA D 156 22.26 18.16 11.23
CA ALA D 156 21.08 17.29 11.22
C ALA D 156 21.23 16.10 12.16
N LYS D 157 22.46 15.65 12.42
CA LYS D 157 22.64 14.58 13.37
C LYS D 157 22.07 14.94 14.74
N VAL D 158 22.04 16.23 15.07
CA VAL D 158 21.53 16.71 16.34
C VAL D 158 20.12 17.28 16.20
N SER D 159 19.90 18.12 15.17
CA SER D 159 18.69 18.90 15.06
C SER D 159 17.64 18.30 14.12
N GLY D 160 18.02 17.37 13.24
CA GLY D 160 17.05 16.69 12.41
C GLY D 160 16.70 17.39 11.12
N GLY D 161 15.47 17.18 10.64
CA GLY D 161 14.99 17.81 9.42
C GLY D 161 15.47 17.18 8.12
N ILE D 162 16.02 15.97 8.17
CA ILE D 162 16.56 15.33 6.98
C ILE D 162 15.45 14.99 6.00
N LEU D 163 15.69 15.26 4.72
CA LEU D 163 14.79 14.89 3.64
C LEU D 163 15.14 13.49 3.15
N ARG D 164 14.16 12.63 3.05
CA ARG D 164 14.35 11.28 2.55
C ARG D 164 13.58 11.11 1.24
N ILE D 165 14.31 10.81 0.17
CA ILE D 165 13.76 10.70 -1.17
C ILE D 165 13.84 9.24 -1.60
N PHE D 166 12.78 8.74 -2.25
CA PHE D 166 12.66 7.35 -2.64
C PHE D 166 12.53 7.26 -4.16
N PRO D 167 13.63 7.38 -4.89
CA PRO D 167 13.53 7.33 -6.36
C PRO D 167 12.81 6.06 -6.80
N GLU D 168 11.81 6.23 -7.65
CA GLU D 168 10.92 5.14 -8.01
C GLU D 168 11.68 4.01 -8.70
N GLY D 169 11.46 2.79 -8.23
CA GLY D 169 12.05 1.61 -8.85
C GLY D 169 13.49 1.34 -8.48
N LYS D 170 14.11 2.17 -7.64
CA LYS D 170 15.50 1.95 -7.26
C LYS D 170 15.59 1.11 -5.99
N ALA D 171 16.72 0.43 -5.85
CA ALA D 171 16.96 -0.37 -4.64
C ALA D 171 17.30 0.50 -3.44
N GLN D 172 17.71 1.73 -3.67
CA GLN D 172 18.21 2.61 -2.62
C GLN D 172 17.30 3.82 -2.46
N PHE D 173 17.36 4.41 -1.28
CA PHE D 173 16.77 5.72 -1.03
C PHE D 173 17.87 6.61 -0.43
N ALA D 174 17.62 7.91 -0.50
CA ALA D 174 18.64 8.93 -0.22
C ALA D 174 18.15 9.85 0.88
N ASP D 175 18.94 9.98 1.94
CA ASP D 175 18.74 11.04 2.93
C ASP D 175 19.59 12.24 2.54
N ILE D 176 18.94 13.40 2.42
CA ILE D 176 19.61 14.64 2.05
C ILE D 176 19.53 15.56 3.26
N GLU D 177 20.70 15.92 3.82
CA GLU D 177 20.67 16.83 4.96
C GLU D 177 20.41 18.26 4.50
N PRO D 178 19.62 19.04 5.26
CA PRO D 178 19.37 20.44 4.88
C PRO D 178 20.53 21.35 5.28
N LYS D 179 21.67 21.14 4.61
CA LYS D 179 22.89 21.87 4.93
C LYS D 179 22.79 23.33 4.51
N PHE D 180 23.44 24.19 5.28
CA PHE D 180 23.49 25.60 4.95
C PHE D 180 24.06 25.81 3.56
N ASP D 181 23.39 26.64 2.76
CA ASP D 181 23.85 27.06 1.44
C ASP D 181 23.84 25.91 0.44
N ARG D 182 23.01 24.90 0.67
CA ARG D 182 22.86 23.77 -0.23
C ARG D 182 21.64 23.98 -1.12
N LEU D 183 21.82 23.73 -2.41
CA LEU D 183 20.74 23.75 -3.40
C LEU D 183 20.47 22.32 -3.85
N LEU D 184 19.18 21.97 -3.92
CA LEU D 184 18.74 20.63 -4.27
C LEU D 184 17.75 20.73 -5.43
N PHE D 185 17.97 19.91 -6.45
CA PHE D 185 17.02 19.73 -7.55
C PHE D 185 16.49 18.30 -7.50
N PHE D 186 15.21 18.12 -7.81
CA PHE D 186 14.75 16.77 -8.13
C PHE D 186 13.48 16.84 -8.96
N TRP D 187 13.24 15.77 -9.75
CA TRP D 187 12.01 15.68 -10.52
C TRP D 187 10.82 15.73 -9.59
N SER D 188 9.83 16.58 -9.92
CA SER D 188 8.70 16.82 -9.04
C SER D 188 7.64 15.74 -9.11
N ASP D 189 7.67 14.89 -10.15
CA ASP D 189 6.60 13.94 -10.41
C ASP D 189 6.80 12.67 -9.57
N ARG D 190 6.07 11.61 -9.93
CA ARG D 190 6.02 10.40 -9.12
C ARG D 190 7.37 9.70 -9.00
N ARG D 191 8.36 10.08 -9.79
CA ARG D 191 9.68 9.47 -9.66
C ARG D 191 10.32 9.74 -8.30
N ASN D 192 9.90 10.80 -7.58
CA ASN D 192 10.55 11.18 -6.32
C ASN D 192 9.56 11.44 -5.20
N PRO D 193 8.89 10.41 -4.70
CA PRO D 193 8.23 10.55 -3.41
C PRO D 193 9.24 10.89 -2.34
N HIS D 194 8.83 11.67 -1.35
CA HIS D 194 9.78 12.09 -0.33
C HIS D 194 9.03 12.45 0.95
N GLU D 195 9.71 12.28 2.08
CA GLU D 195 9.23 12.64 3.41
C GLU D 195 10.32 13.45 4.10
N VAL D 196 9.96 14.11 5.19
CA VAL D 196 10.91 14.89 5.96
C VAL D 196 10.86 14.42 7.41
N GLN D 197 12.03 14.18 7.98
CA GLN D 197 12.12 13.70 9.36
C GLN D 197 11.93 14.85 10.35
N PRO D 198 11.54 14.53 11.59
CA PRO D 198 11.28 15.58 12.58
C PRO D 198 12.51 16.44 12.86
N ALA D 199 12.23 17.65 13.34
CA ALA D 199 13.28 18.63 13.67
C ALA D 199 13.07 19.15 15.07
N TYR D 200 14.18 19.50 15.73
CA TYR D 200 14.17 19.92 17.12
C TYR D 200 14.64 21.35 17.29
N ALA D 201 14.83 22.08 16.19
CA ALA D 201 15.00 23.52 16.24
C ALA D 201 14.34 24.10 15.00
N THR D 202 13.92 25.36 15.11
CA THR D 202 13.29 26.03 13.99
C THR D 202 14.24 26.06 12.79
N ARG D 203 13.68 25.92 11.59
CA ARG D 203 14.50 25.99 10.39
C ARG D 203 13.69 26.53 9.22
N TYR D 204 14.41 27.05 8.23
CA TYR D 204 13.83 27.66 7.05
C TYR D 204 14.37 27.01 5.77
N ALA D 205 13.51 26.92 4.76
CA ALA D 205 13.94 26.53 3.43
C ALA D 205 13.09 27.26 2.40
N ILE D 206 13.67 27.47 1.22
CA ILE D 206 13.01 28.14 0.10
C ILE D 206 12.87 27.15 -1.05
N THR D 207 11.65 26.97 -1.55
CA THR D 207 11.38 26.04 -2.65
C THR D 207 10.78 26.79 -3.84
N VAL D 208 11.27 26.46 -5.03
CA VAL D 208 10.77 26.96 -6.30
C VAL D 208 10.49 25.75 -7.21
N TRP D 209 9.39 25.78 -7.95
CA TRP D 209 9.06 24.72 -8.93
C TRP D 209 9.07 25.31 -10.33
N TYR D 210 9.72 24.62 -11.27
CA TYR D 210 9.74 25.00 -12.68
C TYR D 210 8.72 24.19 -13.47
N PHE D 211 8.12 24.83 -14.47
CA PHE D 211 7.03 24.25 -15.25
C PHE D 211 7.53 23.72 -16.59
N ASP D 212 6.95 22.59 -17.04
CA ASP D 212 7.06 22.19 -18.44
C ASP D 212 5.94 22.84 -19.24
N ALA D 213 6.30 23.44 -20.38
CA ALA D 213 5.36 24.28 -21.11
C ALA D 213 4.14 23.49 -21.58
N ASP D 214 4.34 22.29 -22.12
CA ASP D 214 3.21 21.52 -22.63
C ASP D 214 2.33 21.00 -21.49
N GLU D 215 2.95 20.41 -20.45
CA GLU D 215 2.14 19.92 -19.33
C GLU D 215 1.38 21.05 -18.65
N ARG D 216 2.04 22.19 -18.42
CA ARG D 216 1.36 23.30 -17.75
C ARG D 216 0.20 23.81 -18.59
N ALA D 217 0.40 23.92 -19.92
CA ALA D 217 -0.70 24.36 -20.78
C ALA D 217 -1.88 23.39 -20.69
N ARG D 218 -1.59 22.09 -20.67
CA ARG D 218 -2.64 21.10 -20.54
C ARG D 218 -3.36 21.23 -19.21
N ALA D 219 -2.63 21.55 -18.14
CA ALA D 219 -3.27 21.70 -16.84
C ALA D 219 -4.12 22.97 -16.75
N LYS D 220 -3.68 24.03 -17.41
CA LYS D 220 -4.34 25.33 -17.29
C LYS D 220 -5.61 25.42 -18.12
N VAL D 221 -5.80 24.55 -19.10
CA VAL D 221 -6.90 24.72 -20.03
C VAL D 221 -8.26 24.53 -19.35
N LYS D 222 -8.31 23.82 -18.21
CA LYS D 222 -9.60 23.60 -17.57
C LYS D 222 -10.21 24.88 -17.01
N TYR D 223 -9.41 25.93 -16.82
CA TYR D 223 -9.87 27.13 -16.12
C TYR D 223 -10.43 28.16 -17.09
N LEU D 224 -11.56 28.75 -16.72
CA LEU D 224 -12.14 29.82 -17.53
C LEU D 224 -11.16 30.98 -17.61
N THR D 225 -10.99 31.52 -18.81
CA THR D 225 -10.05 32.61 -19.05
C THR D 225 -10.71 33.98 -18.91
N PRO E 9 -4.36 23.10 37.98
CA PRO E 9 -5.78 22.88 38.24
C PRO E 9 -6.43 22.06 37.13
N ALA E 10 -6.96 20.87 37.48
CA ALA E 10 -7.43 19.95 36.45
C ALA E 10 -8.53 20.55 35.60
N LEU E 11 -9.42 21.35 36.19
CA LEU E 11 -10.52 21.92 35.44
C LEU E 11 -10.01 22.85 34.34
N LYS E 12 -9.13 23.79 34.68
CA LYS E 12 -8.59 24.70 33.68
C LYS E 12 -7.78 23.94 32.63
N LEU E 13 -6.97 22.98 33.07
CA LEU E 13 -6.18 22.21 32.11
C LEU E 13 -7.09 21.50 31.11
N ALA E 14 -8.19 20.93 31.60
CA ALA E 14 -9.09 20.20 30.71
C ALA E 14 -9.81 21.14 29.75
N LEU E 15 -10.40 22.22 30.27
CA LEU E 15 -11.26 23.03 29.41
C LEU E 15 -10.46 23.93 28.47
N GLU E 16 -9.34 24.49 28.94
CA GLU E 16 -8.59 25.44 28.14
C GLU E 16 -7.50 24.80 27.30
N TYR E 17 -7.03 23.60 27.65
CA TYR E 17 -5.98 22.97 26.87
C TYR E 17 -6.39 21.63 26.26
N ILE E 18 -6.85 20.66 27.06
CA ILE E 18 -7.00 19.30 26.54
C ILE E 18 -8.12 19.26 25.50
N VAL E 19 -9.26 19.89 25.80
CA VAL E 19 -10.39 19.84 24.87
C VAL E 19 -10.05 20.53 23.57
N PRO E 20 -9.59 21.77 23.54
CA PRO E 20 -9.22 22.37 22.25
C PRO E 20 -8.13 21.59 21.54
N CYS E 21 -7.10 21.16 22.27
CA CYS E 21 -5.99 20.45 21.64
C CYS E 21 -6.47 19.16 20.98
N MET E 22 -7.31 18.40 21.68
CA MET E 22 -7.79 17.14 21.13
C MET E 22 -8.73 17.38 19.95
N ASN E 23 -9.61 18.37 20.06
CA ASN E 23 -10.56 18.59 18.97
C ASN E 23 -9.87 19.14 17.73
N LYS E 24 -8.74 19.84 17.90
CA LYS E 24 -8.04 20.40 16.75
C LYS E 24 -7.03 19.42 16.15
N HIS E 25 -6.26 18.75 17.00
CA HIS E 25 -5.15 17.94 16.55
C HIS E 25 -5.35 16.45 16.78
N GLY E 26 -6.27 16.06 17.66
CA GLY E 26 -6.45 14.67 18.01
C GLY E 26 -5.35 14.07 18.83
N ILE E 27 -4.38 14.89 19.24
CA ILE E 27 -3.24 14.48 20.07
C ILE E 27 -3.02 15.61 21.07
N CYS E 28 -2.75 15.26 22.32
CA CYS E 28 -2.53 16.26 23.35
C CYS E 28 -1.52 15.73 24.36
N VAL E 29 -0.46 16.49 24.58
CA VAL E 29 0.59 16.15 25.54
C VAL E 29 0.44 17.06 26.75
N VAL E 30 0.44 16.46 27.94
CA VAL E 30 0.43 17.16 29.21
C VAL E 30 1.71 16.77 29.95
N ASP E 31 2.60 17.72 30.17
CA ASP E 31 3.85 17.43 30.85
C ASP E 31 3.73 17.65 32.36
N ASP E 32 4.66 17.02 33.09
CA ASP E 32 4.74 17.12 34.54
C ASP E 32 3.39 16.85 35.18
N PHE E 33 2.76 15.75 34.76
CA PHE E 33 1.37 15.50 35.12
C PHE E 33 1.21 15.35 36.63
N LEU E 34 2.04 14.52 37.27
CA LEU E 34 1.91 14.25 38.69
C LEU E 34 3.06 14.77 39.55
N GLY E 35 4.16 15.22 38.96
CA GLY E 35 5.30 15.68 39.71
C GLY E 35 6.27 14.56 40.06
N LYS E 36 7.49 14.98 40.41
CA LYS E 36 8.61 14.05 40.47
C LYS E 36 8.37 12.92 41.47
N GLU E 37 7.94 13.26 42.69
CA GLU E 37 7.85 12.25 43.76
C GLU E 37 6.79 11.21 43.45
N THR E 38 5.61 11.66 43.01
CA THR E 38 4.54 10.72 42.68
C THR E 38 4.95 9.82 41.50
N GLY E 39 5.60 10.41 40.49
CA GLY E 39 6.06 9.60 39.36
C GLY E 39 7.11 8.59 39.75
N GLN E 40 8.03 8.97 40.64
CA GLN E 40 9.02 8.03 41.14
C GLN E 40 8.35 6.88 41.89
N GLN E 41 7.34 7.20 42.72
CA GLN E 41 6.62 6.14 43.42
C GLN E 41 5.93 5.21 42.43
N ILE E 42 5.34 5.76 41.37
CA ILE E 42 4.72 4.93 40.35
C ILE E 42 5.77 4.02 39.71
N GLY E 43 6.95 4.55 39.44
CA GLY E 43 8.02 3.73 38.89
C GLY E 43 8.42 2.59 39.81
N ASP E 44 8.55 2.90 41.11
CA ASP E 44 8.89 1.85 42.07
C ASP E 44 7.83 0.76 42.08
N GLU E 45 6.55 1.15 42.06
CA GLU E 45 5.49 0.16 42.10
C GLU E 45 5.45 -0.67 40.83
N VAL E 46 5.67 -0.04 39.67
CA VAL E 46 5.66 -0.78 38.40
C VAL E 46 6.81 -1.78 38.37
N ARG E 47 8.00 -1.36 38.78
N ARG E 47 8.00 -1.36 38.78
CA ARG E 47 9.14 -2.27 38.79
CA ARG E 47 9.14 -2.27 38.79
C ARG E 47 8.90 -3.44 39.75
C ARG E 47 8.89 -3.44 39.74
N ALA E 48 8.37 -3.15 40.95
CA ALA E 48 8.07 -4.23 41.87
C ALA E 48 6.99 -5.16 41.30
N LEU E 49 6.08 -4.60 40.50
CA LEU E 49 5.03 -5.42 39.89
C LEU E 49 5.62 -6.38 38.87
N HIS E 50 6.53 -5.90 38.01
CA HIS E 50 7.09 -6.74 36.96
C HIS E 50 8.32 -7.52 37.42
N ASP E 51 8.75 -7.36 38.66
CA ASP E 51 9.71 -8.25 39.28
C ASP E 51 9.08 -9.08 40.39
N THR E 52 7.77 -8.92 40.63
CA THR E 52 7.08 -9.65 41.66
C THR E 52 7.71 -9.41 43.03
N GLY E 73 6.63 -10.12 22.68
CA GLY E 73 7.94 -9.80 23.23
C GLY E 73 7.95 -8.64 24.23
N ASP E 74 6.99 -8.65 25.15
CA ASP E 74 6.93 -7.64 26.21
C ASP E 74 6.10 -8.22 27.35
N LYS E 75 6.03 -7.48 28.45
CA LYS E 75 5.30 -7.94 29.64
C LYS E 75 4.15 -7.01 29.93
N ILE E 76 2.95 -7.56 30.11
CA ILE E 76 1.74 -6.77 30.32
C ILE E 76 1.06 -7.29 31.59
N THR E 77 0.69 -6.37 32.48
CA THR E 77 -0.21 -6.73 33.57
C THR E 77 -1.35 -5.71 33.61
N TRP E 78 -2.57 -6.20 33.80
CA TRP E 78 -3.74 -5.33 33.87
C TRP E 78 -4.07 -5.06 35.33
N ILE E 79 -4.21 -3.78 35.67
CA ILE E 79 -4.30 -3.32 37.05
C ILE E 79 -5.59 -2.51 37.21
N GLU E 80 -6.37 -2.86 38.24
CA GLU E 80 -7.63 -2.19 38.54
C GLU E 80 -7.42 -0.96 39.43
N GLY E 81 -6.36 -0.94 40.23
CA GLY E 81 -5.96 0.23 40.99
C GLY E 81 -5.98 0.02 42.49
N LYS E 82 -6.83 -0.89 42.97
CA LYS E 82 -6.94 -1.18 44.40
C LYS E 82 -6.03 -2.32 44.84
N GLU E 83 -5.24 -2.88 43.94
CA GLU E 83 -4.39 -4.00 44.31
C GLU E 83 -3.36 -3.56 45.35
N PRO E 84 -3.05 -4.40 46.33
CA PRO E 84 -1.98 -4.04 47.27
C PRO E 84 -0.67 -3.80 46.54
N GLY E 85 0.01 -2.71 46.91
CA GLY E 85 1.25 -2.32 46.27
C GLY E 85 1.10 -1.48 45.02
N CYS E 86 -0.13 -1.22 44.56
CA CYS E 86 -0.36 -0.41 43.37
C CYS E 86 -1.15 0.85 43.71
N GLU E 87 -1.07 1.34 44.95
CA GLU E 87 -1.91 2.46 45.36
C GLU E 87 -1.64 3.71 44.53
N THR E 88 -0.38 3.99 44.22
CA THR E 88 -0.07 5.21 43.46
C THR E 88 -0.46 5.05 42.00
N ILE E 89 -0.41 3.82 41.46
CA ILE E 89 -0.99 3.57 40.14
C ILE E 89 -2.48 3.89 40.15
N GLY E 90 -3.16 3.54 41.25
CA GLY E 90 -4.57 3.88 41.36
C GLY E 90 -4.78 5.38 41.45
N LEU E 91 -3.87 6.09 42.11
CA LEU E 91 -3.94 7.56 42.12
C LEU E 91 -3.75 8.12 40.72
N LEU E 92 -2.83 7.54 39.95
CA LEU E 92 -2.66 7.95 38.55
C LEU E 92 -3.96 7.76 37.79
N MET E 93 -4.59 6.59 37.93
CA MET E 93 -5.83 6.31 37.22
C MET E 93 -6.92 7.28 37.64
N SER E 94 -7.01 7.58 38.94
CA SER E 94 -8.01 8.53 39.42
C SER E 94 -7.78 9.92 38.83
N SER E 95 -6.53 10.35 38.72
CA SER E 95 -6.22 11.64 38.12
C SER E 95 -6.60 11.67 36.64
N MET E 96 -6.30 10.59 35.90
CA MET E 96 -6.74 10.54 34.51
C MET E 96 -8.26 10.65 34.43
N ASP E 97 -8.96 9.91 35.29
CA ASP E 97 -10.42 9.97 35.29
C ASP E 97 -10.91 11.39 35.57
N ASP E 98 -10.29 12.07 36.54
CA ASP E 98 -10.71 13.43 36.87
C ASP E 98 -10.55 14.35 35.66
N LEU E 99 -9.44 14.21 34.93
CA LEU E 99 -9.22 15.03 33.75
C LEU E 99 -10.30 14.77 32.70
N ILE E 100 -10.59 13.49 32.46
CA ILE E 100 -11.59 13.14 31.45
C ILE E 100 -12.97 13.65 31.85
N ARG E 101 -13.27 13.62 33.15
CA ARG E 101 -14.54 14.13 33.63
C ARG E 101 -14.62 15.64 33.41
N HIS E 102 -13.55 16.36 33.77
CA HIS E 102 -13.56 17.81 33.59
C HIS E 102 -13.73 18.17 32.12
N CYS E 103 -13.29 17.31 31.21
CA CYS E 103 -13.60 17.53 29.79
C CYS E 103 -15.10 17.56 29.56
N ASN E 104 -15.87 16.79 30.35
CA ASN E 104 -17.33 16.97 30.45
C ASN E 104 -18.02 16.92 29.09
N GLY E 105 -17.75 15.88 28.32
CA GLY E 105 -18.46 15.67 27.08
C GLY E 105 -18.08 16.60 25.94
N LYS E 106 -17.00 17.37 26.07
CA LYS E 106 -16.53 18.25 25.00
C LYS E 106 -15.48 17.60 24.11
N LEU E 107 -15.16 16.32 24.33
CA LEU E 107 -14.24 15.61 23.43
C LEU E 107 -15.06 15.06 22.28
N GLY E 108 -14.97 15.72 21.12
CA GLY E 108 -15.82 15.33 20.02
C GLY E 108 -17.27 15.28 20.45
N SER E 109 -17.99 14.27 19.97
CA SER E 109 -19.37 14.01 20.37
C SER E 109 -19.46 12.69 21.13
N TYR E 110 -18.44 12.37 21.91
CA TYR E 110 -18.41 11.15 22.68
C TYR E 110 -19.07 11.36 24.04
N LYS E 111 -19.75 10.32 24.51
CA LYS E 111 -20.24 10.23 25.89
C LYS E 111 -19.31 9.23 26.57
N ILE E 112 -18.23 9.75 27.17
CA ILE E 112 -17.28 8.90 27.88
C ILE E 112 -17.95 8.38 29.13
N ASN E 113 -18.17 7.06 29.19
CA ASN E 113 -18.91 6.44 30.28
C ASN E 113 -18.07 5.51 31.14
N GLY E 114 -16.93 5.05 30.63
CA GLY E 114 -16.08 4.17 31.40
C GLY E 114 -14.73 4.03 30.72
N ARG E 115 -13.97 3.05 31.19
CA ARG E 115 -12.65 2.80 30.63
C ARG E 115 -12.21 1.38 30.96
N THR E 116 -11.11 0.97 30.32
CA THR E 116 -10.43 -0.28 30.63
C THR E 116 -9.68 -0.15 31.96
N LYS E 117 -9.19 -1.29 32.44
CA LYS E 117 -8.15 -1.30 33.45
C LYS E 117 -6.87 -0.65 32.88
N ALA E 118 -5.92 -0.40 33.77
CA ALA E 118 -4.64 0.12 33.34
C ALA E 118 -3.76 -1.00 32.80
N MET E 119 -3.24 -0.82 31.59
CA MET E 119 -2.28 -1.73 30.99
C MET E 119 -0.90 -1.25 31.44
N VAL E 120 -0.32 -1.95 32.41
CA VAL E 120 1.01 -1.64 32.91
C VAL E 120 2.00 -2.52 32.12
N ALA E 121 2.75 -1.90 31.22
CA ALA E 121 3.57 -2.62 30.27
C ALA E 121 5.06 -2.36 30.50
N CYS E 122 5.83 -3.43 30.39
CA CYS E 122 7.29 -3.39 30.40
C CYS E 122 7.75 -3.78 29.00
N TYR E 123 8.46 -2.86 28.35
CA TYR E 123 8.97 -3.01 27.01
C TYR E 123 10.47 -3.21 27.05
N PRO E 124 10.98 -4.27 26.44
CA PRO E 124 12.43 -4.54 26.54
C PRO E 124 13.24 -3.58 25.70
N GLY E 125 14.44 -3.27 26.20
CA GLY E 125 15.36 -2.42 25.49
C GLY E 125 16.31 -3.22 24.65
N ASN E 126 15.76 -4.06 23.77
CA ASN E 126 16.54 -5.00 22.97
C ASN E 126 16.53 -4.63 21.49
N GLY E 127 16.29 -3.36 21.18
CA GLY E 127 16.31 -2.93 19.81
C GLY E 127 15.05 -3.23 19.02
N THR E 128 13.93 -3.51 19.69
CA THR E 128 12.69 -3.85 19.00
C THR E 128 11.71 -2.69 19.08
N GLY E 129 11.06 -2.39 17.96
CA GLY E 129 10.00 -1.41 17.89
C GLY E 129 8.66 -2.08 17.72
N TYR E 130 7.62 -1.25 17.63
CA TYR E 130 6.26 -1.75 17.49
C TYR E 130 5.69 -1.29 16.15
N VAL E 131 5.23 -2.24 15.35
CA VAL E 131 4.78 -1.94 14.00
C VAL E 131 3.59 -0.99 14.05
N ARG E 132 3.44 -0.19 13.00
CA ARG E 132 2.35 0.80 12.92
C ARG E 132 1.00 0.10 12.99
N HIS E 133 0.10 0.67 13.81
CA HIS E 133 -1.19 0.06 14.07
C HIS E 133 -2.18 1.15 14.50
N VAL E 134 -3.45 0.80 14.45
CA VAL E 134 -4.55 1.60 15.01
C VAL E 134 -5.10 0.87 16.22
N ASP E 135 -5.25 1.57 17.35
CA ASP E 135 -5.69 0.90 18.58
C ASP E 135 -7.10 0.31 18.42
N ASN E 136 -8.02 1.09 17.84
CA ASN E 136 -9.41 0.66 17.65
C ASN E 136 -9.80 0.85 16.20
N PRO E 137 -9.52 -0.14 15.34
CA PRO E 137 -9.77 0.01 13.91
C PRO E 137 -11.19 -0.33 13.46
N ASN E 138 -11.99 -0.95 14.33
CA ASN E 138 -13.26 -1.50 13.88
C ASN E 138 -14.38 -1.28 14.90
N GLY E 139 -14.35 -0.16 15.63
CA GLY E 139 -15.44 0.22 16.51
C GLY E 139 -15.63 -0.65 17.76
N ASP E 140 -14.54 -0.95 18.48
CA ASP E 140 -14.64 -1.78 19.66
C ASP E 140 -15.04 -1.00 20.92
N GLY E 141 -15.28 0.31 20.79
CA GLY E 141 -15.78 1.13 21.87
C GLY E 141 -14.78 2.14 22.40
N ARG E 142 -13.49 1.95 22.17
CA ARG E 142 -12.48 2.81 22.76
C ARG E 142 -12.30 4.06 21.91
N CYS E 143 -12.50 5.23 22.52
CA CYS E 143 -12.37 6.48 21.76
C CYS E 143 -11.14 7.29 22.11
N VAL E 144 -10.62 7.18 23.33
CA VAL E 144 -9.44 7.95 23.73
C VAL E 144 -8.39 7.02 24.32
N THR E 145 -7.17 7.14 23.82
CA THR E 145 -6.01 6.46 24.37
C THR E 145 -5.27 7.44 25.27
N CYS E 146 -4.93 6.98 26.47
CA CYS E 146 -4.19 7.76 27.46
CA CYS E 146 -4.20 7.76 27.47
C CYS E 146 -2.98 6.96 27.91
N ILE E 147 -1.78 7.51 27.73
CA ILE E 147 -0.53 6.85 28.06
C ILE E 147 0.26 7.71 29.05
N TYR E 148 0.75 7.11 30.13
CA TYR E 148 1.62 7.76 31.10
C TYR E 148 2.99 7.10 31.10
N TYR E 149 4.04 7.92 31.02
CA TYR E 149 5.42 7.42 30.98
C TYR E 149 6.09 7.69 32.31
N LEU E 150 6.80 6.68 32.83
CA LEU E 150 7.21 6.71 34.23
C LEU E 150 8.69 6.37 34.41
N ASN E 151 9.51 6.57 33.39
CA ASN E 151 10.93 6.21 33.46
C ASN E 151 11.75 7.47 33.73
N LYS E 152 12.25 7.57 34.97
CA LYS E 152 12.96 8.77 35.41
C LYS E 152 14.18 9.05 34.53
N ASP E 153 14.35 10.31 34.14
CA ASP E 153 15.52 10.77 33.40
C ASP E 153 15.69 10.03 32.08
N TRP E 154 14.62 9.49 31.52
CA TRP E 154 14.71 8.87 30.21
C TRP E 154 15.05 9.93 29.17
N ASP E 155 16.14 9.72 28.44
CA ASP E 155 16.58 10.62 27.37
C ASP E 155 16.32 9.89 26.05
N ALA E 156 15.25 10.29 25.35
CA ALA E 156 14.87 9.58 24.13
C ALA E 156 15.99 9.67 23.09
N LYS E 157 16.70 10.79 23.04
CA LYS E 157 17.73 10.97 22.02
C LYS E 157 18.85 9.94 22.14
N VAL E 158 18.97 9.27 23.30
CA VAL E 158 20.04 8.32 23.53
C VAL E 158 19.48 6.92 23.72
N SER E 159 18.27 6.82 24.27
CA SER E 159 17.70 5.52 24.60
C SER E 159 16.54 5.11 23.70
N GLY E 160 16.05 6.01 22.85
CA GLY E 160 15.03 5.61 21.88
C GLY E 160 13.63 5.55 22.49
N GLY E 161 12.79 4.71 21.90
CA GLY E 161 11.44 4.50 22.39
C GLY E 161 10.42 5.52 21.93
N ILE E 162 10.75 6.37 20.96
CA ILE E 162 9.86 7.45 20.55
C ILE E 162 8.61 6.89 19.89
N LEU E 163 7.47 7.50 20.18
CA LEU E 163 6.20 7.16 19.55
C LEU E 163 6.00 8.07 18.34
N ARG E 164 5.67 7.49 17.20
CA ARG E 164 5.39 8.28 16.00
C ARG E 164 3.93 8.11 15.62
N ILE E 165 3.19 9.22 15.60
CA ILE E 165 1.77 9.23 15.29
C ILE E 165 1.58 9.91 13.94
N PHE E 166 0.65 9.39 13.15
CA PHE E 166 0.39 9.87 11.79
C PHE E 166 -1.07 10.32 11.70
N PRO E 167 -1.41 11.49 12.23
CA PRO E 167 -2.79 11.94 12.15
C PRO E 167 -3.32 11.87 10.73
N GLU E 168 -4.47 11.22 10.57
CA GLU E 168 -5.00 10.91 9.25
C GLU E 168 -5.23 12.17 8.44
N GLY E 169 -4.75 12.17 7.19
CA GLY E 169 -5.02 13.25 6.29
C GLY E 169 -4.22 14.51 6.49
N LYS E 170 -3.25 14.51 7.41
CA LYS E 170 -2.47 15.70 7.72
C LYS E 170 -1.13 15.65 6.99
N ALA E 171 -0.60 16.84 6.68
CA ALA E 171 0.71 16.90 6.02
C ALA E 171 1.84 16.51 6.96
N GLN E 172 1.62 16.59 8.27
CA GLN E 172 2.66 16.33 9.25
C GLN E 172 2.38 15.05 10.01
N PHE E 173 3.44 14.47 10.55
CA PHE E 173 3.36 13.44 11.58
C PHE E 173 4.14 13.93 12.80
N ALA E 174 3.87 13.32 13.95
CA ALA E 174 4.41 13.80 15.21
C ALA E 174 5.21 12.70 15.91
N ASP E 175 6.43 13.06 16.35
CA ASP E 175 7.20 12.24 17.27
C ASP E 175 6.99 12.74 18.70
N ILE E 176 6.53 11.83 19.57
CA ILE E 176 6.30 12.09 20.98
C ILE E 176 7.35 11.30 21.76
N GLU E 177 8.25 12.01 22.46
CA GLU E 177 9.21 11.33 23.32
C GLU E 177 8.53 10.82 24.58
N PRO E 178 8.87 9.62 25.05
CA PRO E 178 8.27 9.07 26.28
C PRO E 178 8.94 9.63 27.53
N LYS E 179 8.74 10.93 27.76
CA LYS E 179 9.40 11.64 28.85
C LYS E 179 8.79 11.27 30.21
N PHE E 180 9.62 11.37 31.25
CA PHE E 180 9.16 11.09 32.60
C PHE E 180 8.00 12.01 32.98
N ASP E 181 6.97 11.44 33.62
CA ASP E 181 5.84 12.20 34.15
C ASP E 181 5.06 12.89 33.03
N ARG E 182 5.14 12.35 31.82
CA ARG E 182 4.39 12.85 30.68
C ARG E 182 3.11 12.04 30.50
N LEU E 183 2.02 12.75 30.21
CA LEU E 183 0.73 12.14 29.93
C LEU E 183 0.33 12.49 28.50
N LEU E 184 -0.13 11.49 27.75
CA LEU E 184 -0.44 11.64 26.33
C LEU E 184 -1.87 11.19 26.08
N PHE E 185 -2.61 11.98 25.31
CA PHE E 185 -3.96 11.65 24.86
C PHE E 185 -3.96 11.60 23.34
N PHE E 186 -4.66 10.62 22.76
CA PHE E 186 -4.97 10.71 21.33
C PHE E 186 -6.21 9.87 21.01
N TRP E 187 -6.92 10.26 19.94
CA TRP E 187 -8.06 9.45 19.50
C TRP E 187 -7.56 8.05 19.16
N SER E 188 -8.31 7.04 19.62
CA SER E 188 -7.92 5.64 19.45
C SER E 188 -8.23 5.06 18.09
N ASP E 189 -9.10 5.71 17.31
CA ASP E 189 -9.61 5.13 16.08
C ASP E 189 -8.62 5.36 14.92
N ARG E 190 -9.09 5.16 13.69
CA ARG E 190 -8.23 5.24 12.53
CA ARG E 190 -8.23 5.24 12.52
C ARG E 190 -7.58 6.60 12.34
N ARG E 191 -8.04 7.62 13.07
CA ARG E 191 -7.42 8.93 12.91
C ARG E 191 -5.95 8.93 13.30
N ASN E 192 -5.48 8.00 14.14
CA ASN E 192 -4.12 8.05 14.67
C ASN E 192 -3.43 6.70 14.60
N PRO E 193 -3.10 6.25 13.39
CA PRO E 193 -2.11 5.16 13.28
C PRO E 193 -0.81 5.62 13.94
N HIS E 194 -0.14 4.70 14.63
CA HIS E 194 1.08 5.05 15.34
C HIS E 194 2.02 3.83 15.38
N GLU E 195 3.31 4.11 15.48
CA GLU E 195 4.35 3.09 15.60
C GLU E 195 5.31 3.54 16.69
N VAL E 196 6.10 2.61 17.23
CA VAL E 196 7.04 2.91 18.31
C VAL E 196 8.44 2.50 17.89
N GLN E 197 9.40 3.42 18.05
CA GLN E 197 10.77 3.15 17.65
C GLN E 197 11.47 2.29 18.70
N PRO E 198 12.53 1.58 18.30
CA PRO E 198 13.21 0.70 19.24
C PRO E 198 13.91 1.49 20.35
N ALA E 199 14.15 0.79 21.47
CA ALA E 199 14.86 1.31 22.62
C ALA E 199 16.00 0.38 23.01
N TYR E 200 16.92 0.90 23.82
CA TYR E 200 18.11 0.14 24.23
C TYR E 200 18.23 0.02 25.75
N ALA E 201 17.19 0.40 26.50
CA ALA E 201 17.07 0.08 27.90
C ALA E 201 15.61 -0.26 28.20
N THR E 202 15.41 -1.11 29.20
CA THR E 202 14.07 -1.49 29.61
C THR E 202 13.26 -0.24 29.94
N ARG E 203 11.99 -0.21 29.54
CA ARG E 203 11.16 0.92 29.92
C ARG E 203 9.73 0.49 30.19
N TYR E 204 8.98 1.35 30.86
CA TYR E 204 7.63 1.02 31.29
C TYR E 204 6.68 2.15 30.91
N ALA E 205 5.44 1.77 30.61
CA ALA E 205 4.40 2.77 30.41
C ALA E 205 3.05 2.19 30.80
N ILE E 206 2.13 3.07 31.15
CA ILE E 206 0.80 2.67 31.56
C ILE E 206 -0.18 3.31 30.58
N THR E 207 -1.06 2.48 30.02
CA THR E 207 -2.08 2.91 29.06
C THR E 207 -3.46 2.60 29.61
N VAL E 208 -4.40 3.55 29.48
CA VAL E 208 -5.81 3.27 29.69
C VAL E 208 -6.56 3.78 28.47
N TRP E 209 -7.65 3.10 28.12
CA TRP E 209 -8.52 3.52 27.03
C TRP E 209 -9.88 3.87 27.60
N TYR E 210 -10.39 5.04 27.23
CA TYR E 210 -11.73 5.45 27.63
C TYR E 210 -12.72 5.06 26.55
N PHE E 211 -13.93 4.69 26.96
CA PHE E 211 -14.96 4.19 26.06
C PHE E 211 -15.92 5.31 25.67
N ASP E 212 -16.42 5.23 24.44
CA ASP E 212 -17.65 5.92 24.07
C ASP E 212 -18.82 5.00 24.40
N ALA E 213 -19.80 5.53 25.15
CA ALA E 213 -20.88 4.70 25.67
C ALA E 213 -21.64 4.01 24.55
N ASP E 214 -22.05 4.77 23.54
CA ASP E 214 -22.88 4.19 22.48
C ASP E 214 -22.09 3.16 21.66
N GLU E 215 -20.87 3.50 21.24
CA GLU E 215 -20.08 2.57 20.45
C GLU E 215 -19.78 1.31 21.24
N ARG E 216 -19.44 1.45 22.52
CA ARG E 216 -19.14 0.27 23.32
C ARG E 216 -20.39 -0.62 23.48
N ALA E 217 -21.56 -0.01 23.68
CA ALA E 217 -22.77 -0.82 23.78
C ALA E 217 -23.04 -1.57 22.47
N ARG E 218 -22.87 -0.89 21.34
CA ARG E 218 -23.02 -1.55 20.05
C ARG E 218 -22.03 -2.70 19.91
N ALA E 219 -20.81 -2.53 20.41
CA ALA E 219 -19.82 -3.60 20.31
C ALA E 219 -20.17 -4.78 21.22
N LYS E 220 -20.80 -4.50 22.37
CA LYS E 220 -21.11 -5.54 23.33
C LYS E 220 -22.29 -6.39 22.91
N VAL E 221 -23.22 -5.84 22.12
CA VAL E 221 -24.41 -6.62 21.79
C VAL E 221 -24.05 -7.97 21.13
N LYS E 222 -22.84 -8.09 20.57
CA LYS E 222 -22.39 -9.32 19.91
C LYS E 222 -22.47 -10.52 20.84
N TYR E 223 -22.15 -10.34 22.10
CA TYR E 223 -21.79 -11.45 22.99
C TYR E 223 -22.96 -11.87 23.86
N LEU E 224 -22.91 -13.13 24.29
CA LEU E 224 -23.85 -13.69 25.25
C LEU E 224 -23.26 -13.47 26.64
N THR E 225 -23.53 -12.30 27.20
CA THR E 225 -23.07 -11.96 28.55
C THR E 225 -21.58 -12.26 28.72
N PRO F 9 -24.22 -35.91 8.08
CA PRO F 9 -23.35 -36.70 8.96
C PRO F 9 -22.29 -35.84 9.64
N ALA F 10 -22.65 -35.25 10.79
CA ALA F 10 -21.82 -34.22 11.40
C ALA F 10 -20.39 -34.72 11.64
N LEU F 11 -20.26 -35.91 12.21
CA LEU F 11 -18.93 -36.40 12.56
C LEU F 11 -18.09 -36.65 11.32
N LYS F 12 -18.64 -37.35 10.34
CA LYS F 12 -17.90 -37.62 9.11
C LYS F 12 -17.58 -36.32 8.38
N LEU F 13 -18.56 -35.44 8.24
CA LEU F 13 -18.32 -34.19 7.54
C LEU F 13 -17.20 -33.41 8.20
N ALA F 14 -17.24 -33.32 9.53
CA ALA F 14 -16.22 -32.55 10.25
C ALA F 14 -14.84 -33.18 10.08
N LEU F 15 -14.72 -34.49 10.35
CA LEU F 15 -13.39 -35.07 10.41
C LEU F 15 -12.78 -35.27 9.02
N GLU F 16 -13.60 -35.62 8.03
CA GLU F 16 -13.08 -35.98 6.71
C GLU F 16 -13.11 -34.84 5.71
N TYR F 17 -13.90 -33.78 5.95
CA TYR F 17 -13.90 -32.65 5.03
C TYR F 17 -13.50 -31.35 5.70
N ILE F 18 -14.19 -30.92 6.77
CA ILE F 18 -13.99 -29.57 7.27
C ILE F 18 -12.59 -29.41 7.86
N VAL F 19 -12.17 -30.36 8.69
CA VAL F 19 -10.89 -30.24 9.37
C VAL F 19 -9.75 -30.15 8.35
N PRO F 20 -9.62 -31.12 7.44
CA PRO F 20 -8.54 -30.99 6.44
C PRO F 20 -8.68 -29.78 5.54
N CYS F 21 -9.90 -29.47 5.10
CA CYS F 21 -10.07 -28.31 4.24
C CYS F 21 -9.58 -27.05 4.94
N MET F 22 -9.97 -26.88 6.20
CA MET F 22 -9.56 -25.69 6.95
C MET F 22 -8.07 -25.67 7.20
N ASN F 23 -7.47 -26.81 7.56
CA ASN F 23 -6.05 -26.76 7.85
C ASN F 23 -5.23 -26.51 6.59
N LYS F 24 -5.69 -26.98 5.43
CA LYS F 24 -4.95 -26.78 4.20
C LYS F 24 -5.21 -25.41 3.56
N HIS F 25 -6.46 -24.95 3.58
CA HIS F 25 -6.83 -23.76 2.82
C HIS F 25 -7.34 -22.61 3.67
N GLY F 26 -7.79 -22.87 4.89
CA GLY F 26 -8.35 -21.83 5.73
C GLY F 26 -9.73 -21.38 5.32
N ILE F 27 -10.31 -22.04 4.32
CA ILE F 27 -11.63 -21.77 3.76
C ILE F 27 -12.28 -23.12 3.50
N CYS F 28 -13.58 -23.23 3.84
CA CYS F 28 -14.30 -24.46 3.58
C CYS F 28 -15.76 -24.16 3.25
N VAL F 29 -16.24 -24.72 2.13
CA VAL F 29 -17.62 -24.56 1.70
C VAL F 29 -18.36 -25.88 1.86
N VAL F 30 -19.50 -25.85 2.55
CA VAL F 30 -20.41 -26.98 2.67
C VAL F 30 -21.72 -26.59 1.99
N ASP F 31 -22.08 -27.31 0.94
CA ASP F 31 -23.32 -27.05 0.23
C ASP F 31 -24.43 -27.95 0.72
N ASP F 32 -25.67 -27.48 0.56
CA ASP F 32 -26.86 -28.21 0.99
C ASP F 32 -26.75 -28.60 2.46
N PHE F 33 -26.54 -27.58 3.29
CA PHE F 33 -26.26 -27.81 4.69
C PHE F 33 -27.47 -28.32 5.45
N LEU F 34 -28.66 -27.73 5.20
CA LEU F 34 -29.86 -28.11 5.92
C LEU F 34 -31.01 -28.58 5.04
N GLY F 35 -30.91 -28.42 3.71
CA GLY F 35 -31.96 -28.85 2.82
C GLY F 35 -32.95 -27.74 2.49
N LYS F 36 -33.71 -27.97 1.42
CA LYS F 36 -34.60 -26.94 0.89
C LYS F 36 -35.62 -26.49 1.94
N GLU F 37 -36.30 -27.45 2.57
CA GLU F 37 -37.39 -27.11 3.49
C GLU F 37 -36.89 -26.27 4.65
N THR F 38 -35.85 -26.74 5.34
CA THR F 38 -35.33 -26.02 6.49
C THR F 38 -34.75 -24.66 6.08
N GLY F 39 -34.03 -24.62 4.97
CA GLY F 39 -33.47 -23.35 4.52
C GLY F 39 -34.54 -22.33 4.18
N GLN F 40 -35.62 -22.76 3.53
CA GLN F 40 -36.71 -21.84 3.24
C GLN F 40 -37.40 -21.39 4.51
N GLN F 41 -37.53 -22.28 5.50
CA GLN F 41 -38.08 -21.84 6.79
C GLN F 41 -37.21 -20.77 7.43
N ILE F 42 -35.89 -20.97 7.38
CA ILE F 42 -34.96 -19.96 7.90
C ILE F 42 -35.15 -18.65 7.14
N GLY F 43 -35.30 -18.74 5.82
CA GLY F 43 -35.54 -17.54 5.04
C GLY F 43 -36.79 -16.81 5.49
N ASP F 44 -37.88 -17.55 5.72
CA ASP F 44 -39.12 -16.93 6.18
C ASP F 44 -38.91 -16.23 7.52
N GLU F 45 -38.26 -16.91 8.46
CA GLU F 45 -38.02 -16.31 9.77
C GLU F 45 -37.18 -15.05 9.64
N VAL F 46 -36.11 -15.09 8.84
CA VAL F 46 -35.25 -13.93 8.67
C VAL F 46 -36.03 -12.78 8.06
N ARG F 47 -36.81 -13.07 7.01
N ARG F 47 -36.82 -13.06 7.01
CA ARG F 47 -37.59 -12.02 6.35
CA ARG F 47 -37.58 -12.01 6.36
C ARG F 47 -38.55 -11.36 7.33
C ARG F 47 -38.56 -11.36 7.33
N ALA F 48 -39.22 -12.16 8.16
CA ALA F 48 -40.13 -11.61 9.15
C ALA F 48 -39.37 -10.76 10.17
N LEU F 49 -38.18 -11.22 10.57
CA LEU F 49 -37.40 -10.49 11.57
C LEU F 49 -37.09 -9.06 11.11
N HIS F 50 -36.68 -8.89 9.86
CA HIS F 50 -36.38 -7.57 9.33
C HIS F 50 -37.60 -6.94 8.66
N ASP F 51 -38.72 -6.90 9.39
CA ASP F 51 -39.96 -6.35 8.86
C ASP F 51 -40.99 -6.14 9.96
N GLY F 73 -25.38 1.10 6.45
CA GLY F 73 -25.94 0.90 5.14
C GLY F 73 -26.53 -0.48 4.95
N ASP F 74 -26.82 -1.16 6.07
CA ASP F 74 -27.45 -2.47 6.06
C ASP F 74 -28.19 -2.65 7.37
N LYS F 75 -28.98 -3.71 7.46
CA LYS F 75 -29.76 -3.98 8.66
C LYS F 75 -29.21 -5.23 9.34
N ILE F 76 -29.06 -5.18 10.65
CA ILE F 76 -28.45 -6.27 11.40
C ILE F 76 -29.22 -6.50 12.68
N THR F 77 -29.51 -7.76 12.99
CA THR F 77 -30.15 -8.15 14.24
C THR F 77 -29.36 -9.31 14.83
N TRP F 78 -29.06 -9.24 16.12
CA TRP F 78 -28.31 -10.29 16.80
C TRP F 78 -29.29 -11.22 17.51
N ILE F 79 -29.24 -12.50 17.18
CA ILE F 79 -30.21 -13.49 17.58
C ILE F 79 -29.52 -14.55 18.43
N GLU F 80 -30.12 -14.87 19.59
CA GLU F 80 -29.60 -15.94 20.43
C GLU F 80 -30.06 -17.32 19.96
N GLY F 81 -31.22 -17.41 19.33
CA GLY F 81 -31.73 -18.64 18.77
C GLY F 81 -33.04 -19.12 19.35
N LYS F 82 -33.42 -18.66 20.54
CA LYS F 82 -34.66 -19.08 21.17
C LYS F 82 -35.66 -17.95 21.33
N GLU F 83 -35.44 -16.82 20.66
CA GLU F 83 -36.47 -15.80 20.59
C GLU F 83 -37.69 -16.34 19.85
N PRO F 84 -38.89 -15.96 20.24
CA PRO F 84 -40.08 -16.46 19.54
C PRO F 84 -39.99 -16.11 18.05
N GLY F 85 -40.36 -17.07 17.21
CA GLY F 85 -40.26 -16.87 15.78
C GLY F 85 -38.86 -16.97 15.22
N CYS F 86 -37.90 -17.49 15.98
CA CYS F 86 -36.55 -17.70 15.51
C CYS F 86 -36.10 -19.14 15.77
N GLU F 87 -37.06 -20.06 15.88
CA GLU F 87 -36.73 -21.43 16.24
C GLU F 87 -35.80 -22.08 15.22
N THR F 88 -36.08 -21.88 13.93
CA THR F 88 -35.27 -22.52 12.89
C THR F 88 -33.89 -21.87 12.80
N ILE F 89 -33.78 -20.58 13.08
CA ILE F 89 -32.46 -19.96 13.22
C ILE F 89 -31.69 -20.65 14.35
N GLY F 90 -32.38 -20.92 15.47
CA GLY F 90 -31.76 -21.68 16.52
C GLY F 90 -31.30 -23.05 16.07
N LEU F 91 -32.11 -23.71 15.22
CA LEU F 91 -31.69 -24.99 14.67
C LEU F 91 -30.42 -24.87 13.84
N LEU F 92 -30.35 -23.84 12.99
CA LEU F 92 -29.14 -23.62 12.21
C LEU F 92 -27.94 -23.41 13.13
N MET F 93 -28.10 -22.62 14.18
CA MET F 93 -27.01 -22.36 15.09
C MET F 93 -26.58 -23.63 15.83
N SER F 94 -27.54 -24.45 16.26
CA SER F 94 -27.17 -25.69 16.95
C SER F 94 -26.47 -26.66 15.99
N SER F 95 -26.86 -26.68 14.72
CA SER F 95 -26.16 -27.52 13.74
C SER F 95 -24.73 -27.06 13.51
N MET F 96 -24.54 -25.75 13.37
CA MET F 96 -23.18 -25.22 13.25
C MET F 96 -22.37 -25.56 14.49
N ASP F 97 -22.96 -25.43 15.67
CA ASP F 97 -22.29 -25.78 16.92
C ASP F 97 -21.88 -27.25 16.90
N ASP F 98 -22.78 -28.12 16.44
CA ASP F 98 -22.45 -29.55 16.39
C ASP F 98 -21.21 -29.78 15.55
N LEU F 99 -21.19 -29.20 14.35
CA LEU F 99 -20.04 -29.39 13.47
C LEU F 99 -18.75 -28.91 14.13
N ILE F 100 -18.78 -27.69 14.70
CA ILE F 100 -17.56 -27.15 15.31
C ILE F 100 -17.10 -28.04 16.47
N ARG F 101 -18.05 -28.49 17.29
CA ARG F 101 -17.69 -29.32 18.44
C ARG F 101 -17.07 -30.63 17.98
N HIS F 102 -17.49 -31.15 16.82
CA HIS F 102 -16.85 -32.35 16.30
C HIS F 102 -15.47 -32.07 15.71
N CYS F 103 -15.12 -30.80 15.49
CA CYS F 103 -13.80 -30.36 15.09
C CYS F 103 -12.90 -30.04 16.27
N ASN F 104 -13.42 -30.13 17.49
CA ASN F 104 -12.69 -29.65 18.66
C ASN F 104 -11.31 -30.29 18.74
N GLY F 105 -10.28 -29.45 18.90
CA GLY F 105 -8.92 -29.92 19.00
C GLY F 105 -8.21 -30.15 17.70
N LYS F 106 -8.88 -30.00 16.56
CA LYS F 106 -8.32 -30.31 15.26
C LYS F 106 -8.22 -29.11 14.33
N LEU F 107 -8.72 -27.95 14.75
CA LEU F 107 -8.61 -26.71 13.98
C LEU F 107 -7.39 -25.95 14.50
N GLY F 108 -6.26 -26.14 13.84
CA GLY F 108 -5.02 -25.55 14.30
C GLY F 108 -4.76 -25.88 15.76
N SER F 109 -4.16 -24.92 16.45
CA SER F 109 -3.98 -25.00 17.89
C SER F 109 -5.17 -24.43 18.65
N TYR F 110 -6.26 -24.12 17.96
CA TYR F 110 -7.40 -23.47 18.57
C TYR F 110 -8.17 -24.42 19.48
N LYS F 111 -8.71 -23.87 20.55
CA LYS F 111 -9.62 -24.59 21.45
C LYS F 111 -10.89 -23.75 21.50
N ILE F 112 -11.92 -24.15 20.75
CA ILE F 112 -13.14 -23.35 20.62
C ILE F 112 -14.06 -23.67 21.79
N ASN F 113 -14.45 -22.65 22.54
CA ASN F 113 -15.24 -22.81 23.76
C ASN F 113 -16.46 -21.90 23.80
N GLY F 114 -16.86 -21.33 22.67
CA GLY F 114 -18.03 -20.48 22.63
C GLY F 114 -18.10 -19.74 21.32
N ARG F 115 -19.14 -18.92 21.19
CA ARG F 115 -19.36 -18.16 19.98
C ARG F 115 -20.20 -16.94 20.28
N THR F 116 -20.23 -16.03 19.30
CA THR F 116 -21.11 -14.89 19.35
C THR F 116 -22.57 -15.31 19.14
N LYS F 117 -23.47 -14.37 19.36
CA LYS F 117 -24.81 -14.53 18.84
C LYS F 117 -24.76 -14.58 17.31
N ALA F 118 -25.87 -14.99 16.71
CA ALA F 118 -25.96 -14.98 15.26
C ALA F 118 -26.21 -13.55 14.79
N MET F 119 -25.44 -13.11 13.80
CA MET F 119 -25.65 -11.84 13.12
C MET F 119 -26.54 -12.12 11.92
N VAL F 120 -27.83 -11.81 12.04
CA VAL F 120 -28.80 -11.99 10.96
C VAL F 120 -28.84 -10.67 10.21
N ALA F 121 -28.32 -10.66 8.99
CA ALA F 121 -28.07 -9.43 8.25
C ALA F 121 -28.90 -9.39 6.97
N CYS F 122 -29.43 -8.20 6.70
CA CYS F 122 -30.09 -7.84 5.46
C CYS F 122 -29.19 -6.82 4.74
N TYR F 123 -28.81 -7.15 3.51
CA TYR F 123 -27.91 -6.36 2.69
C TYR F 123 -28.67 -5.81 1.49
N PRO F 124 -28.61 -4.51 1.25
CA PRO F 124 -29.43 -3.90 0.19
C PRO F 124 -28.88 -4.19 -1.19
N GLY F 125 -29.80 -4.28 -2.16
CA GLY F 125 -29.43 -4.54 -3.54
C GLY F 125 -29.31 -3.26 -4.35
N ASN F 126 -28.52 -2.31 -3.85
CA ASN F 126 -28.41 -0.98 -4.44
C ASN F 126 -27.04 -0.74 -5.08
N GLY F 127 -26.36 -1.81 -5.48
CA GLY F 127 -25.06 -1.63 -6.09
C GLY F 127 -23.95 -1.27 -5.14
N THR F 128 -24.09 -1.55 -3.84
CA THR F 128 -23.01 -1.34 -2.90
C THR F 128 -22.31 -2.65 -2.55
N GLY F 129 -20.98 -2.60 -2.49
CA GLY F 129 -20.17 -3.67 -1.97
C GLY F 129 -19.64 -3.34 -0.59
N TYR F 130 -18.86 -4.29 -0.07
CA TYR F 130 -18.22 -4.17 1.23
C TYR F 130 -16.71 -4.15 1.08
N VAL F 131 -16.08 -3.09 1.59
N VAL F 131 -16.09 -3.10 1.60
CA VAL F 131 -14.65 -2.91 1.42
CA VAL F 131 -14.65 -2.90 1.47
C VAL F 131 -13.91 -4.08 2.05
C VAL F 131 -13.90 -4.08 2.07
N ARG F 132 -12.76 -4.39 1.47
CA ARG F 132 -11.91 -5.47 1.99
C ARG F 132 -11.53 -5.23 3.44
N HIS F 133 -11.67 -6.28 4.25
CA HIS F 133 -11.37 -6.20 5.66
C HIS F 133 -10.99 -7.57 6.19
N VAL F 134 -10.43 -7.59 7.39
CA VAL F 134 -10.19 -8.77 8.21
C VAL F 134 -11.16 -8.71 9.38
N ASP F 135 -11.88 -9.82 9.63
CA ASP F 135 -12.88 -9.82 10.69
C ASP F 135 -12.26 -9.55 12.05
N ASN F 136 -11.19 -10.26 12.39
CA ASN F 136 -10.49 -10.13 13.66
C ASN F 136 -9.03 -9.83 13.37
N PRO F 137 -8.67 -8.55 13.27
CA PRO F 137 -7.30 -8.18 12.95
C PRO F 137 -6.37 -8.03 14.14
N ASN F 138 -6.88 -7.99 15.37
CA ASN F 138 -6.04 -7.63 16.50
C ASN F 138 -6.32 -8.50 17.71
N GLY F 139 -6.56 -9.79 17.50
CA GLY F 139 -6.69 -10.74 18.59
C GLY F 139 -7.87 -10.54 19.52
N ASP F 140 -9.06 -10.34 18.97
CA ASP F 140 -10.25 -10.11 19.77
C ASP F 140 -10.91 -11.39 20.22
N GLY F 141 -10.35 -12.56 19.88
CA GLY F 141 -10.83 -13.83 20.36
C GLY F 141 -11.49 -14.71 19.32
N ARG F 142 -11.92 -14.15 18.20
CA ARG F 142 -12.65 -14.90 17.17
C ARG F 142 -11.68 -15.58 16.21
N CYS F 143 -11.83 -16.89 16.04
CA CYS F 143 -10.92 -17.66 15.20
C CYS F 143 -11.58 -18.27 13.97
N VAL F 144 -12.87 -18.58 14.01
CA VAL F 144 -13.57 -19.12 12.84
C VAL F 144 -14.81 -18.29 12.57
N THR F 145 -14.95 -17.85 11.32
CA THR F 145 -16.14 -17.19 10.80
C THR F 145 -16.99 -18.23 10.10
N CYS F 146 -18.28 -18.22 10.39
CA CYS F 146 -19.26 -19.13 9.78
CA CYS F 146 -19.25 -19.14 9.78
C CYS F 146 -20.40 -18.31 9.22
N ILE F 147 -20.68 -18.49 7.93
CA ILE F 147 -21.72 -17.73 7.24
C ILE F 147 -22.68 -18.70 6.56
N TYR F 148 -23.98 -18.48 6.75
CA TYR F 148 -25.03 -19.26 6.09
C TYR F 148 -25.85 -18.36 5.19
N TYR F 149 -26.04 -18.78 3.94
CA TYR F 149 -26.74 -18.00 2.93
C TYR F 149 -28.11 -18.62 2.69
N LEU F 150 -29.15 -17.79 2.68
CA LEU F 150 -30.53 -18.28 2.78
C LEU F 150 -31.46 -17.64 1.75
N ASN F 151 -30.93 -17.22 0.60
CA ASN F 151 -31.71 -16.57 -0.45
C ASN F 151 -31.98 -17.57 -1.56
N LYS F 152 -33.20 -18.11 -1.58
CA LYS F 152 -33.54 -19.18 -2.52
C LYS F 152 -33.39 -18.72 -3.96
N ASP F 153 -32.77 -19.58 -4.77
CA ASP F 153 -32.60 -19.37 -6.20
C ASP F 153 -31.71 -18.17 -6.53
N TRP F 154 -30.96 -17.68 -5.56
CA TRP F 154 -30.00 -16.60 -5.84
C TRP F 154 -29.04 -17.05 -6.92
N ASP F 155 -29.01 -16.34 -8.03
CA ASP F 155 -28.03 -16.53 -9.10
C ASP F 155 -27.07 -15.35 -9.05
N ALA F 156 -25.85 -15.60 -8.56
CA ALA F 156 -24.87 -14.53 -8.40
C ALA F 156 -24.42 -13.95 -9.72
N LYS F 157 -24.49 -14.72 -10.81
CA LYS F 157 -24.07 -14.20 -12.11
C LYS F 157 -24.99 -13.09 -12.57
N VAL F 158 -26.24 -13.09 -12.13
CA VAL F 158 -27.21 -12.04 -12.44
C VAL F 158 -27.29 -11.00 -11.33
N SER F 159 -27.28 -11.45 -10.08
CA SER F 159 -27.63 -10.60 -8.95
C SER F 159 -26.44 -10.16 -8.11
N GLY F 160 -25.26 -10.73 -8.33
CA GLY F 160 -24.07 -10.30 -7.62
C GLY F 160 -23.98 -10.80 -6.19
N GLY F 161 -23.29 -10.02 -5.36
CA GLY F 161 -23.08 -10.38 -3.97
C GLY F 161 -21.96 -11.37 -3.70
N ILE F 162 -21.06 -11.60 -4.65
CA ILE F 162 -20.02 -12.61 -4.48
C ILE F 162 -19.01 -12.16 -3.44
N LEU F 163 -18.65 -13.07 -2.54
CA LEU F 163 -17.60 -12.83 -1.56
C LEU F 163 -16.25 -13.19 -2.17
N ARG F 164 -15.28 -12.30 -2.07
CA ARG F 164 -13.92 -12.56 -2.56
C ARG F 164 -12.97 -12.61 -1.37
N ILE F 165 -12.30 -13.75 -1.19
CA ILE F 165 -11.38 -13.97 -0.08
C ILE F 165 -9.97 -14.08 -0.66
N PHE F 166 -8.99 -13.50 0.04
CA PHE F 166 -7.60 -13.43 -0.39
C PHE F 166 -6.72 -14.15 0.64
N PRO F 167 -6.74 -15.48 0.66
CA PRO F 167 -5.96 -16.18 1.68
C PRO F 167 -4.51 -15.73 1.63
N GLU F 168 -3.97 -15.44 2.81
CA GLU F 168 -2.68 -14.76 2.91
C GLU F 168 -1.58 -15.64 2.34
N GLY F 169 -0.72 -15.04 1.51
CA GLY F 169 0.45 -15.72 1.00
C GLY F 169 0.18 -16.70 -0.13
N LYS F 170 -1.05 -16.81 -0.60
CA LYS F 170 -1.38 -17.77 -1.65
C LYS F 170 -1.31 -17.07 -3.01
N ALA F 171 -1.10 -17.87 -4.05
CA ALA F 171 -1.05 -17.31 -5.40
C ALA F 171 -2.45 -17.00 -5.93
N GLN F 172 -3.47 -17.66 -5.40
CA GLN F 172 -4.84 -17.49 -5.86
C GLN F 172 -5.67 -16.74 -4.83
N PHE F 173 -6.78 -16.20 -5.30
CA PHE F 173 -7.89 -15.79 -4.44
C PHE F 173 -9.13 -16.52 -4.90
N ALA F 174 -10.16 -16.53 -4.05
CA ALA F 174 -11.37 -17.31 -4.29
C ALA F 174 -12.61 -16.43 -4.26
N ASP F 175 -13.44 -16.55 -5.29
CA ASP F 175 -14.79 -16.00 -5.29
C ASP F 175 -15.78 -17.09 -4.84
N ILE F 176 -16.55 -16.79 -3.79
CA ILE F 176 -17.52 -17.71 -3.20
C ILE F 176 -18.90 -17.11 -3.41
N GLU F 177 -19.73 -17.81 -4.17
CA GLU F 177 -21.07 -17.33 -4.44
C GLU F 177 -21.96 -17.59 -3.24
N PRO F 178 -22.85 -16.64 -2.90
CA PRO F 178 -23.73 -16.80 -1.71
C PRO F 178 -24.94 -17.66 -2.04
N LYS F 179 -24.66 -18.93 -2.33
CA LYS F 179 -25.67 -19.87 -2.80
C LYS F 179 -26.61 -20.27 -1.68
N PHE F 180 -27.88 -20.51 -2.04
CA PHE F 180 -28.87 -20.92 -1.05
C PHE F 180 -28.42 -22.19 -0.34
N ASP F 181 -28.56 -22.21 0.99
CA ASP F 181 -28.29 -23.37 1.82
C ASP F 181 -26.81 -23.71 1.89
N ARG F 182 -25.96 -22.74 1.56
CA ARG F 182 -24.53 -22.91 1.64
C ARG F 182 -24.00 -22.39 2.98
N LEU F 183 -23.06 -23.13 3.54
CA LEU F 183 -22.37 -22.79 4.79
C LEU F 183 -20.89 -22.61 4.49
N LEU F 184 -20.33 -21.49 4.92
CA LEU F 184 -18.94 -21.14 4.66
C LEU F 184 -18.22 -21.01 6.00
N PHE F 185 -17.03 -21.61 6.09
CA PHE F 185 -16.11 -21.45 7.21
C PHE F 185 -14.85 -20.75 6.70
N PHE F 186 -14.31 -19.80 7.47
CA PHE F 186 -12.94 -19.40 7.20
C PHE F 186 -12.30 -18.82 8.45
N TRP F 187 -10.97 -18.85 8.54
CA TRP F 187 -10.24 -18.24 9.68
C TRP F 187 -10.59 -16.75 9.77
N SER F 188 -11.03 -16.28 10.92
CA SER F 188 -11.46 -14.88 11.13
C SER F 188 -10.27 -13.92 11.08
N ASP F 189 -9.06 -14.39 11.33
CA ASP F 189 -7.87 -13.51 11.50
C ASP F 189 -7.28 -13.02 10.18
N ARG F 190 -6.09 -12.39 10.21
CA ARG F 190 -5.43 -11.78 9.02
C ARG F 190 -5.19 -12.76 7.89
N ARG F 191 -5.32 -14.07 8.09
CA ARG F 191 -5.13 -14.97 6.97
C ARG F 191 -6.19 -14.76 5.87
N ASN F 192 -7.34 -14.17 6.20
CA ASN F 192 -8.45 -14.10 5.26
C ASN F 192 -9.06 -12.71 5.16
N PRO F 193 -8.32 -11.74 4.61
CA PRO F 193 -8.97 -10.52 4.13
C PRO F 193 -10.03 -10.89 3.09
N HIS F 194 -11.14 -10.17 3.12
CA HIS F 194 -12.21 -10.46 2.18
C HIS F 194 -13.03 -9.21 1.92
N GLU F 195 -13.63 -9.19 0.74
CA GLU F 195 -14.49 -8.09 0.29
C GLU F 195 -15.73 -8.71 -0.33
N VAL F 196 -16.78 -7.92 -0.49
CA VAL F 196 -18.03 -8.42 -1.05
C VAL F 196 -18.43 -7.54 -2.23
N GLN F 197 -18.75 -8.16 -3.35
CA GLN F 197 -19.10 -7.43 -4.55
C GLN F 197 -20.54 -6.93 -4.47
N PRO F 198 -20.85 -5.89 -5.25
CA PRO F 198 -22.21 -5.32 -5.20
C PRO F 198 -23.28 -6.31 -5.64
N ALA F 199 -24.50 -6.07 -5.15
CA ALA F 199 -25.67 -6.86 -5.50
C ALA F 199 -26.78 -5.94 -5.95
N TYR F 200 -27.75 -6.51 -6.66
CA TYR F 200 -28.84 -5.73 -7.25
C TYR F 200 -30.20 -6.29 -6.88
N ALA F 201 -30.25 -7.15 -5.87
CA ALA F 201 -31.47 -7.53 -5.17
C ALA F 201 -31.13 -7.64 -3.70
N THR F 202 -32.14 -7.46 -2.85
CA THR F 202 -31.92 -7.59 -1.42
C THR F 202 -31.51 -9.02 -1.08
N ARG F 203 -30.63 -9.18 -0.10
CA ARG F 203 -30.26 -10.53 0.29
C ARG F 203 -29.96 -10.58 1.77
N TYR F 204 -29.92 -11.80 2.29
CA TYR F 204 -29.75 -12.03 3.72
C TYR F 204 -28.68 -13.08 3.95
N ALA F 205 -27.95 -12.92 5.04
CA ALA F 205 -26.98 -13.93 5.44
C ALA F 205 -26.84 -13.91 6.95
N ILE F 206 -26.52 -15.08 7.51
CA ILE F 206 -26.36 -15.23 8.96
C ILE F 206 -24.90 -15.60 9.23
N THR F 207 -24.27 -14.85 10.12
CA THR F 207 -22.86 -15.06 10.46
C THR F 207 -22.71 -15.33 11.96
N VAL F 208 -21.89 -16.31 12.30
CA VAL F 208 -21.50 -16.55 13.68
C VAL F 208 -19.99 -16.67 13.73
N TRP F 209 -19.38 -16.18 14.81
CA TRP F 209 -17.95 -16.30 15.03
C TRP F 209 -17.70 -17.19 16.25
N TYR F 210 -16.81 -18.16 16.08
CA TYR F 210 -16.42 -19.04 17.17
C TYR F 210 -15.13 -18.52 17.80
N PHE F 211 -15.10 -18.54 19.14
CA PHE F 211 -13.99 -18.03 19.92
C PHE F 211 -12.95 -19.11 20.21
N ASP F 212 -11.67 -18.72 20.12
CA ASP F 212 -10.61 -19.47 20.77
C ASP F 212 -10.57 -19.13 22.26
N ALA F 213 -10.46 -20.15 23.11
CA ALA F 213 -10.57 -19.94 24.56
C ALA F 213 -9.49 -18.98 25.06
N ASP F 214 -8.22 -19.30 24.81
CA ASP F 214 -7.14 -18.51 25.37
C ASP F 214 -7.15 -17.09 24.82
N GLU F 215 -7.37 -16.94 23.51
CA GLU F 215 -7.34 -15.60 22.91
C GLU F 215 -8.47 -14.74 23.44
N ARG F 216 -9.68 -15.30 23.50
CA ARG F 216 -10.80 -14.55 24.05
C ARG F 216 -10.55 -14.15 25.49
N ALA F 217 -10.00 -15.06 26.31
CA ALA F 217 -9.72 -14.72 27.71
C ALA F 217 -8.73 -13.56 27.79
N ARG F 218 -7.66 -13.64 27.00
CA ARG F 218 -6.66 -12.56 27.01
C ARG F 218 -7.29 -11.24 26.57
N ALA F 219 -8.18 -11.29 25.59
CA ALA F 219 -8.85 -10.06 25.15
C ALA F 219 -9.79 -9.51 26.22
N LYS F 220 -10.44 -10.38 27.00
CA LYS F 220 -11.38 -9.95 28.01
C LYS F 220 -10.71 -9.39 29.26
N VAL F 221 -9.44 -9.74 29.50
CA VAL F 221 -8.81 -9.28 30.74
C VAL F 221 -8.93 -7.76 30.94
N LYS F 222 -8.89 -6.98 29.85
CA LYS F 222 -8.77 -5.53 30.00
C LYS F 222 -10.02 -4.87 30.59
N TYR F 223 -11.14 -5.56 30.66
CA TYR F 223 -12.41 -4.95 31.08
C TYR F 223 -12.66 -5.16 32.56
N LEU F 224 -13.19 -4.13 33.21
CA LEU F 224 -13.56 -4.19 34.61
C LEU F 224 -14.76 -5.10 34.81
N THR F 225 -14.87 -5.66 36.01
CA THR F 225 -16.05 -6.41 36.40
C THR F 225 -15.99 -6.77 37.88
MN MN G . -11.90 11.18 -11.46
C10 QEQ H . -8.14 15.64 -15.67
C13 QEQ H . -7.36 14.23 -17.97
C15 QEQ H . -10.35 12.50 -15.24
C17 QEQ H . -13.27 9.17 -13.86
C22 QEQ H . -14.29 6.95 -17.81
C02 QEQ H . -12.34 10.27 -15.62
C04 QEQ H . -10.95 11.91 -14.26
C06 QEQ H . -9.99 13.36 -12.65
C08 QEQ H . -9.45 13.65 -14.94
C11 QEQ H . -6.99 16.03 -16.59
C14 QEQ H . -8.67 13.81 -17.33
C18 QEQ H . -13.20 9.25 -15.27
C23 QEQ H . -13.29 7.61 -17.13
N03 QEQ H . -11.86 10.80 -14.44
N05 QEQ H . -10.78 12.36 -12.89
N07 QEQ H . -9.30 14.04 -13.75
N09 QEQ H . -8.75 14.34 -16.00
N16 QEQ H . -12.45 10.11 -13.37
N19 QEQ H . -13.91 8.42 -16.18
N20 QEQ H . -15.27 8.24 -16.27
N21 QEQ H . -15.51 7.33 -17.28
O01 QEQ H . -12.00 10.70 -16.91
O12 QEQ H . -7.21 15.62 -17.91
H101 QEQ H . -8.83 16.33 -15.75
H102 QEQ H . -7.81 15.61 -14.77
H131 QEQ H . -7.35 13.94 -18.90
H132 QEQ H . -6.62 13.81 -17.50
H151 QEQ H . -10.48 12.21 -16.12
H171 QEQ H . -13.79 8.58 -13.36
H221 QEQ H . -14.17 6.36 -18.51
H061 QEQ H . -9.86 13.64 -11.78
H112 QEQ H . -6.89 16.99 -16.58
H111 QEQ H . -6.18 15.60 -16.27
H142 QEQ H . -9.41 14.14 -17.85
H141 QEQ H . -8.71 12.84 -17.28
H231 QEQ H . -12.38 7.53 -17.27
H011 QEQ H . -12.26 11.50 -17.03
CL CL I . -6.48 6.48 -4.72
CL CL J . -6.56 11.43 -13.04
CL CL K . -9.99 29.57 -10.27
MN MN L . 2.32 -13.60 -14.29
C10 QEQ M . 5.98 -19.40 -12.20
C13 QEQ M . 4.26 -21.35 -11.06
C15 QEQ M . 2.64 -17.83 -13.28
C17 QEQ M . -0.69 -15.09 -14.99
C22 QEQ M . -4.39 -17.89 -15.21
C02 QEQ M . -0.05 -17.18 -14.45
C04 QEQ M . 2.28 -16.62 -13.67
C06 QEQ M . 4.44 -15.73 -13.34
C08 QEQ M . 4.04 -17.99 -12.82
C11 QEQ M . 6.41 -20.59 -11.33
C14 QEQ M . 3.59 -20.32 -11.98
C18 QEQ M . -1.08 -16.44 -14.93
C23 QEQ M . -3.25 -17.60 -14.48
N03 QEQ M . 1.00 -16.30 -14.17
N05 QEQ M . 3.24 -15.61 -13.72
N07 QEQ M . 4.87 -17.06 -12.85
N09 QEQ M . 4.54 -19.27 -12.32
N16 QEQ M . 0.57 -14.97 -14.52
N19 QEQ M . -2.37 -16.94 -15.32
N20 QEQ M . -2.95 -16.80 -16.54
N21 QEQ M . -4.20 -17.40 -16.49
O01 QEQ M . -0.04 -18.56 -14.22
O12 QEQ M . 5.55 -21.67 -11.48
H101 QEQ M . 6.35 -19.52 -13.09
H102 QEQ M . 6.33 -18.59 -11.80
H131 QEQ M . 3.72 -22.15 -11.06
H132 QEQ M . 4.28 -20.99 -10.16
H151 QEQ M . 2.04 -18.53 -13.28
H171 QEQ M . -1.22 -14.38 -15.29
H221 QEQ M . -5.14 -18.33 -14.91
H061 QEQ M . 5.03 -15.01 -13.36
H112 QEQ M . 6.44 -20.31 -10.40
H111 QEQ M . 7.31 -20.86 -11.60
H142 QEQ M . 3.30 -20.76 -12.79
H141 QEQ M . 2.83 -19.93 -11.53
H231 QEQ M . -3.11 -17.82 -13.59
H011 QEQ M . 0.53 -18.93 -14.74
CL CL N . 1.95 -6.46 -7.71
CL CL O . 3.28 -15.79 -9.36
MN MN P . 18.13 -8.37 1.58
C10 QEQ Q . 21.17 -9.45 -4.86
C13 QEQ Q . 22.46 -7.07 -5.71
C15 QEQ Q . 21.02 -7.52 -1.50
C17 QEQ Q . 20.23 -6.06 2.83
C22 QEQ Q . 23.46 -2.71 3.33
C02 QEQ Q . 21.60 -6.01 1.02
C04 QEQ Q . 20.30 -7.61 -0.42
C06 QEQ Q . 18.98 -9.36 -1.30
C08 QEQ Q . 20.69 -8.43 -2.64
C11 QEQ Q . 21.53 -9.06 -6.30
C14 QEQ Q . 22.32 -7.29 -4.21
C18 QEQ Q . 21.41 -5.50 2.27
C23 QEQ Q . 22.62 -3.31 2.42
N03 QEQ Q . 20.52 -6.83 0.76
N05 QEQ Q . 19.22 -8.57 -0.30
N07 QEQ Q . 19.76 -9.25 -2.54
N09 QEQ Q . 21.41 -8.38 -3.90
N16 QEQ Q . 19.70 -6.91 1.89
N19 QEQ Q . 22.28 -4.56 2.93
N20 QEQ Q . 22.87 -4.72 4.16
N21 QEQ Q . 23.62 -3.58 4.39
O01 QEQ Q . 22.64 -5.70 0.12
O12 QEQ Q . 22.69 -8.29 -6.36
H101 QEQ Q . 21.69 -10.21 -4.61
H102 QEQ Q . 20.22 -9.68 -4.85
H131 QEQ Q . 21.65 -6.67 -6.04
H132 QEQ Q . 23.21 -6.47 -5.87
H151 QEQ Q . 21.70 -6.90 -1.56
H171 QEQ Q . 19.88 -5.89 3.68
H221 QEQ Q . 23.85 -1.87 3.25
H061 QEQ Q . 18.28 -9.97 -1.24
H112 QEQ Q . 20.79 -8.56 -6.69
H111 QEQ Q . 21.66 -9.87 -6.82
H142 QEQ Q . 22.00 -6.48 -3.79
H141 QEQ Q . 23.19 -7.51 -3.83
H231 QEQ Q . 22.35 -2.96 1.60
H011 QEQ Q . 23.09 -6.40 -0.04
CL CL R . 16.81 -6.53 -3.74
MN MN S . 7.60 18.17 -1.32
C10 QEQ T . 2.63 23.40 -1.37
C13 QEQ T . 1.94 24.10 1.28
C15 QEQ T . 5.47 21.54 0.45
C17 QEQ T . 9.13 18.96 1.67
C22 QEQ T . 10.28 20.56 5.90
C02 QEQ T . 7.84 20.75 2.15
C04 QEQ T . 6.30 20.58 0.15
C06 QEQ T . 5.24 20.18 -1.94
C08 QEQ T . 4.40 21.88 -0.53
C11 QEQ T . 1.38 24.15 -0.95
C14 QEQ T . 3.31 23.46 1.08
C18 QEQ T . 8.91 20.02 2.58
C23 QEQ T . 9.19 20.30 5.07
N03 QEQ T . 7.38 20.15 0.97
N05 QEQ T . 6.16 19.90 -1.07
N07 QEQ T . 4.29 21.25 -1.61
N09 QEQ T . 3.44 22.94 -0.26
N16 QEQ T . 8.22 19.04 0.69
N19 QEQ T . 9.69 20.28 3.77
N20 QEQ T . 11.03 20.51 3.78
N21 QEQ T . 11.40 20.69 5.11
O01 QEQ T . 7.29 21.89 2.76
O12 QEQ T . 1.61 24.90 0.20
H101 QEQ T . 3.17 23.99 -1.93
H102 QEQ T . 2.36 22.62 -1.89
H131 QEQ T . 1.27 23.40 1.38
H132 QEQ T . 1.95 24.63 2.09
H151 QEQ T . 5.55 22.01 1.24
H171 QEQ T . 9.81 18.32 1.75
H221 QEQ T . 10.24 20.64 6.82
H061 QEQ T . 5.18 19.71 -2.75
H112 QEQ T . 1.10 24.75 -1.66
H111 QEQ T . 0.67 23.52 -0.78
H142 QEQ T . 4.00 24.14 1.22
H141 QEQ T . 3.43 22.74 1.72
H231 QEQ T . 8.32 20.15 5.33
H011 QEQ T . 7.32 22.55 2.22
CL CL U . 2.40 18.45 0.29
CL CL V . 1.68 28.81 -14.96
MN MN W . -1.21 1.47 20.33
C10 QEQ X . -3.46 -4.39 23.73
C13 QEQ X . -1.23 -6.17 23.98
C15 QEQ X . -0.68 -1.88 22.76
C17 QEQ X . 1.91 1.77 21.59
C22 QEQ X . 6.07 0.64 23.48
C02 QEQ X . 1.76 -0.14 22.78
C04 QEQ X . -0.62 -0.77 22.12
C06 QEQ X . -2.82 -0.94 21.35
C08 QEQ X . -1.96 -2.66 22.74
C11 QEQ X . -3.52 -5.92 23.81
C14 QEQ X . -0.95 -4.68 23.84
C18 QEQ X . 2.58 0.89 22.48
C23 QEQ X . 4.93 0.09 22.91
N03 QEQ X . 0.57 0.06 22.09
N05 QEQ X . -1.74 -0.25 21.36
N07 QEQ X . -2.91 -2.21 22.08
N09 QEQ X . -2.11 -3.92 23.44
N16 QEQ X . 0.68 1.25 21.36
N19 QEQ X . 3.92 1.06 22.96
N20 QEQ X . 4.43 2.19 23.54
N21 QEQ X . 5.76 1.93 23.87
O01 QEQ X . 2.05 -1.22 23.63
O12 QEQ X . -2.48 -6.46 24.56
H101 QEQ X . -3.74 -4.03 24.59
H102 QEQ X . -4.07 -4.09 23.04
H131 QEQ X . -1.21 -6.58 23.09
H132 QEQ X . -0.54 -6.58 24.51
H151 QEQ X . 0.05 -2.19 23.26
H171 QEQ X . 2.25 2.55 21.22
H221 QEQ X . 6.89 0.23 23.58
H061 QEQ X . -3.56 -0.63 20.87
H112 QEQ X . -4.37 -6.17 24.20
H111 QEQ X . -3.48 -6.27 22.90
H142 QEQ X . -0.65 -4.35 24.71
H141 QEQ X . -0.25 -4.55 23.19
H231 QEQ X . 4.84 -0.76 22.55
H011 QEQ X . 1.58 -1.15 24.34
CL CL Y . -1.85 1.24 10.53
CL CL Z . -1.56 -3.80 18.53
MN MN AA . -16.33 -10.00 7.24
C10 QEQ BA . -19.70 -6.70 12.75
C13 QEQ BA . -21.42 -4.74 11.70
C15 QEQ BA . -19.61 -7.82 9.07
C17 QEQ BA . -18.79 -9.87 5.01
C22 QEQ BA . -22.52 -8.85 2.46
C02 QEQ BA . -20.29 -8.79 6.31
C04 QEQ BA . -18.79 -8.51 8.34
C06 QEQ BA . -17.14 -8.52 10.01
C08 QEQ BA . -19.17 -7.42 10.43
C11 QEQ BA . -20.32 -5.54 13.53
C14 QEQ BA . -21.11 -5.92 10.78
C18 QEQ BA . -20.10 -9.34 5.10
C23 QEQ BA . -21.68 -8.33 3.43
N03 QEQ BA . -19.09 -8.93 7.00
N05 QEQ BA . -17.51 -8.88 8.85
N07 QEQ BA . -18.05 -7.75 10.86
N09 QEQ BA . -20.00 -6.67 11.32
N16 QEQ BA . -18.18 -9.63 6.18
N19 QEQ BA . -21.06 -9.41 4.04
N20 QEQ BA . -21.49 -10.58 3.46
N21 QEQ BA . -22.43 -10.22 2.48
O01 QEQ BA . -21.46 -8.14 6.76
O12 QEQ BA . -21.56 -5.19 13.02
H101 QEQ BA . -18.74 -6.66 12.88
H102 QEQ BA . -20.04 -7.53 13.12
H131 QEQ BA . -22.24 -4.32 11.41
H132 QEQ BA . -20.70 -4.10 11.64
H151 QEQ BA . -20.45 -7.58 8.75
H171 QEQ BA . -18.42 -10.31 4.27
H221 QEQ BA . -23.07 -8.35 1.89
H061 QEQ BA . -16.31 -8.76 10.34
H112 QEQ BA . -19.72 -4.78 13.48
H111 QEQ BA . -20.42 -5.81 14.46
H142 QEQ BA . -20.87 -5.59 9.90
H141 QEQ BA . -21.89 -6.49 10.72
H231 QEQ BA . -21.55 -7.43 3.63
H011 QEQ BA . -21.76 -8.56 7.43
CL CL CA . -7.83 -5.92 4.46
CL CL DA . -15.40 -4.63 9.38
CL CL EA . -19.45 -23.69 20.90
#